data_5W94
#
_entry.id   5W94
#
_cell.length_a   172.969
_cell.length_b   172.969
_cell.length_c   145.095
_cell.angle_alpha   90.00
_cell.angle_beta   90.00
_cell.angle_gamma   120.00
#
_symmetry.space_group_name_H-M   'P 62'
#
loop_
_entity.id
_entity.type
_entity.pdbx_description
1 polymer 'MAU2 chromatid cohesion factor homolog'
2 polymer 'Sister chromatid cohesion protein 2'
3 polymer Ctf19n
#
loop_
_entity_poly.entity_id
_entity_poly.type
_entity_poly.pdbx_seq_one_letter_code
_entity_poly.pdbx_strand_id
1 'polypeptide(L)'
;MENLGDKLSISQVYHLAQEYRDHAYSIANKIGSEEGLKQYYGLMNMSIQMFQLLKTKCTLSVLEDSKVTFEMVELLIQET
YNFDLAELYISSLKERLQTHQSDTDLVEEIMRCEFLLLHDLPLMRDSKFHYKIALRNCNELVQYMVNLQDELYQNWASVF
QYVGVMLCIKLKQHRRVKTSFHGLLSQCREKSQWKWFLNLCYVNYLLNERFPIPEDALQELRSTELHTVGPELYAWKLAL
EMVIQLCKDGNITDHLNEFKNFFDTNKQSLVTNEGKGCVIKIMPRIALKVELPMIFHYKELKNILLLLQSVSYIVNCYDE
KGNFSRKFLPKVYSTTQKLIKNIAAGGVSMNELDSRIQTYKSILEFCEFYKVWEQTLLKGAVVTTESPKLGPSPGYVRLL
QAMKVQFEGGGAVEEYTRLAQSGGTSSEVKMISLLNCYTVQAARVSRCSGDKQGELVEQCNKVWLQVEKLLQETDLQFNP
IWECTVTILWLFSHFEPFSWNPLPCSDKQRAEYVSKLREFYSSNKFVAGEAVADNRFKLKKALLLQILVNYLGGRMLEHD
LGEIYAISAKCFDMCRQQGGMRKVQYVIGIWHLMNCTVAMRGKDVALTNAKLEALVKQITSVKQ
;
A,C
2 'polypeptide(L)'
;SNAMSYPGKDKNIPGRIIEALEDLPLSYLVPKDGLAALVNAPMRVSLPFDKTIFTSADDGRDVNINVLGTANSTTSSIKN
EAEKERLVFKRPSNFTSSANSVDYVPTNFLEGLSPLAQSVLSTHKGLNDSINIEKKSEIVSRPEAKHKLESVTSNAGNLS
FNDNSSNKKTKTSTGVTMTQANLA
;
B,D
3 'polypeptide(L)' MDF(TPO)(SEP)D E,H
#
# COMPACT_ATOMS: atom_id res chain seq x y z
N GLU A 2 -22.36 22.55 -32.91
CA GLU A 2 -22.65 21.39 -33.76
C GLU A 2 -21.54 20.31 -33.74
N ASN A 3 -21.94 19.04 -33.51
CA ASN A 3 -21.05 17.92 -33.28
C ASN A 3 -21.44 16.73 -34.15
N LEU A 4 -20.49 15.82 -34.35
CA LEU A 4 -20.67 14.63 -35.16
C LEU A 4 -21.25 13.48 -34.31
N GLY A 5 -21.81 12.47 -34.99
CA GLY A 5 -22.31 11.29 -34.30
C GLY A 5 -22.21 10.01 -35.12
N ASP A 6 -21.14 9.84 -35.92
CA ASP A 6 -21.12 8.97 -37.11
C ASP A 6 -19.98 9.40 -38.05
N LYS A 7 -18.76 9.38 -37.52
CA LYS A 7 -17.43 9.66 -38.07
C LYS A 7 -16.55 10.25 -36.98
N LEU A 8 -16.26 9.38 -36.01
CA LEU A 8 -15.75 9.71 -34.69
C LEU A 8 -14.31 9.27 -34.56
N SER A 9 -13.60 9.93 -33.64
CA SER A 9 -12.26 9.54 -33.38
C SER A 9 -12.25 8.12 -32.84
N ILE A 10 -11.09 7.48 -32.87
CA ILE A 10 -11.10 6.10 -32.41
C ILE A 10 -11.27 6.08 -30.89
N SER A 11 -10.66 7.04 -30.18
CA SER A 11 -10.81 7.02 -28.75
C SER A 11 -12.26 7.31 -28.33
N GLN A 12 -13.04 7.99 -29.15
CA GLN A 12 -14.46 8.16 -28.80
C GLN A 12 -15.24 6.88 -28.98
N VAL A 13 -14.99 6.14 -30.05
CA VAL A 13 -15.69 4.87 -30.22
C VAL A 13 -15.45 3.97 -29.03
N TYR A 14 -14.17 3.79 -28.69
CA TYR A 14 -13.76 2.94 -27.58
C TYR A 14 -14.27 3.47 -26.25
N HIS A 15 -14.27 4.78 -26.05
CA HIS A 15 -14.79 5.20 -24.76
C HIS A 15 -16.29 5.10 -24.70
N LEU A 16 -16.96 4.89 -25.84
CA LEU A 16 -18.40 4.70 -25.79
C LEU A 16 -18.77 3.27 -25.45
N ALA A 17 -17.97 2.31 -25.93
CA ALA A 17 -18.13 0.94 -25.47
C ALA A 17 -17.91 0.86 -23.97
N GLN A 18 -16.90 1.57 -23.48
CA GLN A 18 -16.65 1.60 -22.05
C GLN A 18 -17.78 2.27 -21.30
N GLU A 19 -18.50 3.18 -21.92
CA GLU A 19 -19.54 3.88 -21.16
C GLU A 19 -20.82 3.09 -21.12
N TYR A 20 -21.17 2.43 -22.22
CA TYR A 20 -22.43 1.70 -22.22
C TYR A 20 -22.36 0.57 -21.20
N ARG A 21 -21.20 -0.11 -21.16
CA ARG A 21 -20.93 -1.15 -20.15
C ARG A 21 -21.02 -0.57 -18.74
N ASP A 22 -20.13 0.37 -18.42
CA ASP A 22 -20.05 0.92 -17.07
C ASP A 22 -21.36 1.57 -16.63
N HIS A 23 -22.25 1.96 -17.56
CA HIS A 23 -23.57 2.44 -17.15
C HIS A 23 -24.46 1.27 -16.73
N ALA A 24 -24.37 0.15 -17.45
CA ALA A 24 -25.03 -1.07 -17.01
C ALA A 24 -24.53 -1.51 -15.62
N TYR A 25 -23.23 -1.36 -15.37
CA TYR A 25 -22.67 -1.72 -14.09
C TYR A 25 -23.24 -0.86 -12.97
N SER A 26 -23.88 0.26 -13.29
CA SER A 26 -24.46 1.13 -12.28
C SER A 26 -25.95 0.94 -12.08
N ILE A 27 -26.66 0.41 -13.07
CA ILE A 27 -28.07 0.11 -12.90
C ILE A 27 -28.30 -1.37 -12.65
N ALA A 28 -27.23 -2.13 -12.36
CA ALA A 28 -27.32 -3.59 -12.23
C ALA A 28 -28.18 -4.00 -11.05
N ASN A 29 -28.03 -3.32 -9.92
CA ASN A 29 -28.78 -3.56 -8.70
C ASN A 29 -30.09 -2.80 -8.68
N LYS A 30 -30.59 -2.40 -9.84
CA LYS A 30 -31.81 -1.60 -9.91
C LYS A 30 -32.84 -2.21 -10.86
N ILE A 31 -32.52 -3.33 -11.50
CA ILE A 31 -33.46 -4.04 -12.36
C ILE A 31 -34.55 -4.62 -11.49
N GLY A 32 -35.79 -4.24 -11.75
CA GLY A 32 -36.90 -4.80 -11.01
C GLY A 32 -38.01 -5.34 -11.89
N SER A 33 -37.82 -5.29 -13.20
CA SER A 33 -38.92 -5.58 -14.13
C SER A 33 -38.41 -6.31 -15.34
N GLU A 34 -39.33 -6.94 -16.06
CA GLU A 34 -38.98 -7.54 -17.34
C GLU A 34 -38.51 -6.48 -18.33
N GLU A 35 -39.06 -5.28 -18.25
CA GLU A 35 -38.56 -4.12 -18.99
C GLU A 35 -37.11 -3.80 -18.64
N GLY A 36 -36.87 -3.37 -17.40
CA GLY A 36 -35.55 -2.93 -16.97
C GLY A 36 -34.44 -3.89 -17.34
N LEU A 37 -34.83 -5.15 -17.57
CA LEU A 37 -33.86 -6.13 -18.01
C LEU A 37 -33.45 -5.87 -19.46
N LYS A 38 -34.41 -5.54 -20.33
CA LYS A 38 -34.05 -5.17 -21.71
C LYS A 38 -33.28 -3.85 -21.77
N GLN A 39 -33.50 -2.93 -20.83
CA GLN A 39 -32.64 -1.75 -20.73
C GLN A 39 -31.20 -2.14 -20.37
N TYR A 40 -31.03 -2.97 -19.31
CA TYR A 40 -29.68 -3.39 -18.93
C TYR A 40 -28.99 -4.08 -20.09
N TYR A 41 -29.61 -5.13 -20.63
CA TYR A 41 -28.95 -5.85 -21.72
C TYR A 41 -28.99 -5.08 -23.03
N GLY A 42 -29.70 -3.96 -23.12
CA GLY A 42 -29.53 -3.10 -24.28
C GLY A 42 -28.17 -2.44 -24.21
N LEU A 43 -27.91 -1.72 -23.11
CA LEU A 43 -26.60 -1.13 -22.88
C LEU A 43 -25.45 -2.12 -23.04
N MET A 44 -25.67 -3.42 -22.81
CA MET A 44 -24.57 -4.36 -23.02
C MET A 44 -24.48 -4.79 -24.46
N ASN A 45 -25.63 -4.93 -25.15
CA ASN A 45 -25.62 -5.26 -26.56
C ASN A 45 -24.80 -4.25 -27.34
N MET A 46 -25.01 -2.96 -27.02
CA MET A 46 -24.31 -1.87 -27.69
C MET A 46 -22.81 -2.00 -27.47
N SER A 47 -22.40 -2.18 -26.20
CA SER A 47 -20.99 -2.25 -25.86
C SER A 47 -20.28 -3.42 -26.54
N ILE A 48 -20.98 -4.54 -26.74
CA ILE A 48 -20.33 -5.68 -27.38
C ILE A 48 -20.15 -5.43 -28.88
N GLN A 49 -21.18 -4.87 -29.52
CA GLN A 49 -21.13 -4.62 -30.95
C GLN A 49 -20.18 -3.48 -31.31
N MET A 50 -20.00 -2.52 -30.39
CA MET A 50 -18.97 -1.49 -30.53
C MET A 50 -17.58 -2.10 -30.57
N PHE A 51 -17.27 -2.94 -29.59
CA PHE A 51 -15.94 -3.55 -29.53
C PHE A 51 -15.69 -4.39 -30.77
N GLN A 52 -16.76 -4.95 -31.33
CA GLN A 52 -16.65 -5.68 -32.59
C GLN A 52 -16.31 -4.76 -33.77
N LEU A 53 -16.93 -3.57 -33.81
CA LEU A 53 -16.60 -2.58 -34.82
C LEU A 53 -15.11 -2.28 -34.82
N LEU A 54 -14.58 -1.90 -33.66
CA LEU A 54 -13.17 -1.59 -33.57
C LEU A 54 -12.32 -2.75 -34.07
N LYS A 55 -12.82 -3.97 -33.98
CA LYS A 55 -11.97 -5.08 -34.38
C LYS A 55 -12.05 -5.31 -35.87
N THR A 56 -13.18 -5.01 -36.49
CA THR A 56 -13.38 -5.26 -37.92
C THR A 56 -13.23 -4.01 -38.79
N LYS A 57 -13.70 -2.86 -38.35
CA LYS A 57 -13.65 -1.67 -39.16
C LYS A 57 -12.43 -0.80 -38.85
N CYS A 58 -11.47 -1.31 -38.07
CA CYS A 58 -10.25 -0.57 -37.78
C CYS A 58 -9.02 -1.44 -37.92
N THR A 59 -7.89 -0.77 -37.97
CA THR A 59 -6.59 -1.40 -37.87
C THR A 59 -6.08 -1.15 -36.47
N LEU A 60 -5.94 -2.22 -35.68
CA LEU A 60 -5.48 -2.14 -34.30
C LEU A 60 -4.10 -2.75 -34.12
N SER A 61 -3.31 -2.12 -33.27
CA SER A 61 -2.03 -2.67 -32.87
C SER A 61 -2.22 -3.95 -32.05
N VAL A 62 -1.13 -4.71 -31.86
CA VAL A 62 -1.27 -5.90 -31.05
C VAL A 62 -1.73 -5.54 -29.64
N LEU A 63 -1.31 -4.40 -29.10
CA LEU A 63 -1.79 -4.09 -27.76
C LEU A 63 -3.24 -3.64 -27.77
N GLU A 64 -3.71 -3.05 -28.87
CA GLU A 64 -5.11 -2.64 -28.96
C GLU A 64 -6.04 -3.80 -29.29
N ASP A 65 -5.60 -4.72 -30.16
CA ASP A 65 -6.37 -5.93 -30.37
C ASP A 65 -6.60 -6.58 -29.01
N SER A 66 -5.54 -6.69 -28.21
CA SER A 66 -5.56 -7.29 -26.88
C SER A 66 -6.51 -6.62 -25.90
N LYS A 67 -6.17 -5.43 -25.39
CA LYS A 67 -7.04 -4.77 -24.42
C LYS A 67 -8.46 -4.63 -24.93
N VAL A 68 -8.68 -4.64 -26.25
CA VAL A 68 -10.05 -4.56 -26.71
C VAL A 68 -10.69 -5.92 -26.72
N THR A 69 -10.03 -6.89 -27.38
CA THR A 69 -10.59 -8.24 -27.41
C THR A 69 -10.88 -8.73 -25.99
N PHE A 70 -9.98 -8.48 -25.05
CA PHE A 70 -10.21 -8.89 -23.67
C PHE A 70 -11.48 -8.25 -23.12
N GLU A 71 -11.58 -6.92 -23.19
CA GLU A 71 -12.75 -6.24 -22.61
C GLU A 71 -14.06 -6.73 -23.22
N MET A 72 -14.02 -7.15 -24.48
CA MET A 72 -15.22 -7.64 -25.13
C MET A 72 -15.55 -9.05 -24.64
N VAL A 73 -14.53 -9.90 -24.60
CA VAL A 73 -14.74 -11.28 -24.18
C VAL A 73 -15.21 -11.34 -22.75
N GLU A 74 -14.64 -10.50 -21.89
CA GLU A 74 -15.13 -10.39 -20.52
C GLU A 74 -16.65 -10.23 -20.52
N LEU A 75 -17.19 -9.41 -21.43
CA LEU A 75 -18.63 -9.20 -21.48
C LEU A 75 -19.36 -10.37 -22.13
N LEU A 76 -18.80 -10.95 -23.19
CA LEU A 76 -19.44 -12.15 -23.73
C LEU A 76 -19.58 -13.22 -22.66
N ILE A 77 -18.54 -13.39 -21.84
CA ILE A 77 -18.50 -14.47 -20.86
C ILE A 77 -19.47 -14.19 -19.72
N GLN A 78 -19.48 -12.97 -19.20
CA GLN A 78 -20.32 -12.67 -18.05
C GLN A 78 -21.78 -12.34 -18.39
N GLU A 79 -22.13 -12.11 -19.68
CA GLU A 79 -23.45 -11.61 -20.04
C GLU A 79 -24.20 -12.48 -21.04
N THR A 80 -23.51 -13.32 -21.80
CA THR A 80 -24.20 -14.14 -22.79
C THR A 80 -23.98 -15.62 -22.54
N TYR A 81 -24.55 -16.42 -23.43
CA TYR A 81 -24.26 -17.83 -23.53
C TYR A 81 -23.46 -18.15 -24.78
N ASN A 82 -22.82 -17.14 -25.39
CA ASN A 82 -22.06 -17.37 -26.63
C ASN A 82 -20.65 -17.82 -26.30
N PHE A 83 -20.55 -18.96 -25.62
CA PHE A 83 -19.24 -19.34 -25.15
C PHE A 83 -18.41 -19.80 -26.33
N ASP A 84 -19.04 -20.49 -27.28
CA ASP A 84 -18.29 -20.86 -28.47
C ASP A 84 -17.68 -19.64 -29.14
N LEU A 85 -18.42 -18.52 -29.14
CA LEU A 85 -17.95 -17.28 -29.79
C LEU A 85 -16.76 -16.70 -29.05
N ALA A 86 -16.92 -16.48 -27.74
CA ALA A 86 -15.84 -15.93 -26.93
C ALA A 86 -14.59 -16.77 -27.08
N GLU A 87 -14.73 -18.09 -27.15
CA GLU A 87 -13.57 -18.92 -27.42
C GLU A 87 -12.97 -18.65 -28.81
N LEU A 88 -13.75 -18.19 -29.80
CA LEU A 88 -13.12 -17.79 -31.06
C LEU A 88 -12.22 -16.58 -30.89
N TYR A 89 -12.76 -15.53 -30.32
CA TYR A 89 -11.96 -14.34 -30.12
C TYR A 89 -10.70 -14.63 -29.32
N ILE A 90 -10.79 -15.47 -28.28
CA ILE A 90 -9.58 -15.64 -27.48
C ILE A 90 -8.56 -16.51 -28.23
N SER A 91 -9.00 -17.42 -29.07
CA SER A 91 -8.01 -18.24 -29.76
C SER A 91 -7.37 -17.48 -30.90
N SER A 92 -8.14 -16.61 -31.56
CA SER A 92 -7.60 -15.76 -32.62
C SER A 92 -6.59 -14.79 -32.06
N LEU A 93 -6.98 -14.03 -31.02
CA LEU A 93 -6.03 -13.12 -30.39
C LEU A 93 -4.78 -13.85 -29.98
N LYS A 94 -4.91 -15.05 -29.42
CA LYS A 94 -3.73 -15.85 -29.07
C LYS A 94 -2.91 -16.19 -30.31
N GLU A 95 -3.57 -16.66 -31.35
CA GLU A 95 -2.81 -17.09 -32.52
C GLU A 95 -2.11 -15.92 -33.19
N ARG A 96 -2.72 -14.72 -33.14
CA ARG A 96 -2.03 -13.53 -33.64
C ARG A 96 -0.84 -13.16 -32.77
N LEU A 97 -1.07 -13.00 -31.47
CA LEU A 97 0.02 -12.65 -30.56
C LEU A 97 1.19 -13.61 -30.67
N GLN A 98 0.96 -14.81 -31.20
CA GLN A 98 2.03 -15.78 -31.30
C GLN A 98 2.83 -15.57 -32.56
N THR A 99 2.30 -14.81 -33.53
CA THR A 99 3.12 -14.47 -34.69
C THR A 99 4.16 -13.42 -34.34
N HIS A 100 3.75 -12.38 -33.61
CA HIS A 100 4.65 -11.35 -33.14
C HIS A 100 5.43 -11.73 -31.89
N GLN A 101 5.28 -12.93 -31.36
CA GLN A 101 5.71 -13.17 -30.00
C GLN A 101 7.21 -13.20 -29.83
N SER A 102 7.97 -13.33 -30.91
CA SER A 102 9.42 -13.44 -30.79
C SER A 102 10.13 -12.13 -31.09
N ASP A 103 9.44 -11.17 -31.71
CA ASP A 103 9.94 -9.81 -31.86
C ASP A 103 9.25 -8.80 -30.94
N THR A 104 8.26 -9.21 -30.16
CA THR A 104 7.55 -8.35 -29.22
C THR A 104 7.30 -9.16 -27.96
N ASP A 105 7.18 -8.48 -26.80
CA ASP A 105 6.96 -9.16 -25.52
C ASP A 105 5.47 -9.41 -25.30
N LEU A 106 5.05 -10.66 -25.39
CA LEU A 106 3.62 -10.96 -25.35
C LEU A 106 3.30 -12.08 -24.35
N VAL A 107 4.14 -12.28 -23.34
CA VAL A 107 3.84 -13.33 -22.38
C VAL A 107 2.60 -13.00 -21.55
N GLU A 108 2.49 -11.80 -20.98
CA GLU A 108 1.31 -11.54 -20.15
C GLU A 108 0.02 -11.74 -20.94
N GLU A 109 -0.01 -11.24 -22.17
CA GLU A 109 -1.21 -11.39 -22.96
C GLU A 109 -1.43 -12.86 -23.29
N ILE A 110 -0.37 -13.57 -23.67
CA ILE A 110 -0.57 -14.96 -24.06
C ILE A 110 -0.98 -15.82 -22.87
N MET A 111 -0.33 -15.67 -21.71
CA MET A 111 -0.81 -16.39 -20.52
C MET A 111 -2.24 -16.00 -20.21
N ARG A 112 -2.57 -14.71 -20.27
CA ARG A 112 -3.94 -14.33 -19.98
C ARG A 112 -4.90 -14.94 -20.99
N CYS A 113 -4.46 -15.18 -22.23
CA CYS A 113 -5.35 -15.90 -23.12
C CYS A 113 -5.59 -17.33 -22.65
N GLU A 114 -4.51 -18.07 -22.34
CA GLU A 114 -4.64 -19.46 -21.88
C GLU A 114 -5.56 -19.53 -20.66
N PHE A 115 -5.36 -18.60 -19.73
CA PHE A 115 -6.19 -18.52 -18.56
C PHE A 115 -7.66 -18.41 -18.94
N LEU A 116 -7.97 -17.66 -19.98
CA LEU A 116 -9.35 -17.60 -20.42
C LEU A 116 -9.80 -18.92 -21.04
N LEU A 117 -9.00 -19.52 -21.89
CA LEU A 117 -9.38 -20.79 -22.49
C LEU A 117 -9.48 -21.91 -21.44
N LEU A 118 -8.57 -21.93 -20.47
CA LEU A 118 -8.48 -23.05 -19.55
C LEU A 118 -9.18 -22.83 -18.22
N HIS A 119 -9.37 -21.59 -17.79
CA HIS A 119 -10.03 -21.34 -16.52
C HIS A 119 -11.34 -20.58 -16.73
N ASP A 120 -11.29 -19.30 -17.09
CA ASP A 120 -12.49 -18.46 -17.06
C ASP A 120 -13.62 -19.03 -17.90
N LEU A 121 -13.32 -19.49 -19.11
CA LEU A 121 -14.39 -19.99 -19.97
C LEU A 121 -14.96 -21.31 -19.48
N PRO A 122 -14.17 -22.38 -19.32
CA PRO A 122 -14.78 -23.66 -18.97
C PRO A 122 -15.58 -23.63 -17.68
N LEU A 123 -15.22 -22.74 -16.76
CA LEU A 123 -16.01 -22.60 -15.57
C LEU A 123 -17.39 -22.02 -15.91
N MET A 124 -17.45 -20.97 -16.74
CA MET A 124 -18.78 -20.43 -17.04
C MET A 124 -19.61 -21.41 -17.86
N ARG A 125 -18.95 -22.18 -18.73
CA ARG A 125 -19.64 -23.19 -19.50
C ARG A 125 -20.31 -24.19 -18.59
N ASP A 126 -19.53 -24.77 -17.67
CA ASP A 126 -20.02 -25.73 -16.67
C ASP A 126 -20.46 -27.00 -17.36
N SER A 127 -19.64 -27.47 -18.26
CA SER A 127 -19.91 -28.64 -19.08
C SER A 127 -18.87 -29.72 -18.84
N LYS A 128 -19.30 -30.95 -18.51
CA LYS A 128 -18.31 -31.99 -18.26
C LYS A 128 -17.45 -32.23 -19.50
N PHE A 129 -18.05 -32.17 -20.69
CA PHE A 129 -17.29 -32.36 -21.92
C PHE A 129 -16.17 -31.34 -22.04
N HIS A 130 -16.50 -30.07 -21.81
CA HIS A 130 -15.48 -29.03 -21.95
C HIS A 130 -14.43 -29.11 -20.86
N TYR A 131 -14.85 -29.24 -19.61
CA TYR A 131 -13.91 -29.49 -18.53
C TYR A 131 -12.92 -30.59 -18.91
N LYS A 132 -13.43 -31.69 -19.47
CA LYS A 132 -12.53 -32.80 -19.83
C LYS A 132 -11.49 -32.37 -20.85
N ILE A 133 -11.84 -31.44 -21.75
CA ILE A 133 -10.91 -30.90 -22.74
C ILE A 133 -9.99 -29.88 -22.11
N ALA A 134 -10.55 -28.94 -21.36
CA ALA A 134 -9.71 -27.94 -20.71
C ALA A 134 -8.57 -28.60 -19.95
N LEU A 135 -8.86 -29.67 -19.21
CA LEU A 135 -7.82 -30.37 -18.45
C LEU A 135 -6.76 -30.97 -19.37
N ARG A 136 -7.19 -31.69 -20.43
CA ARG A 136 -6.25 -32.17 -21.45
C ARG A 136 -5.30 -31.05 -21.88
N ASN A 137 -5.85 -29.87 -22.17
CA ASN A 137 -5.04 -28.74 -22.61
C ASN A 137 -4.23 -28.15 -21.47
N CYS A 138 -4.85 -27.92 -20.31
CA CYS A 138 -4.12 -27.32 -19.19
C CYS A 138 -2.95 -28.17 -18.77
N ASN A 139 -3.08 -29.50 -18.84
CA ASN A 139 -1.93 -30.36 -18.57
C ASN A 139 -0.88 -30.17 -19.65
N GLU A 140 -1.28 -30.21 -20.91
CA GLU A 140 -0.33 -30.06 -22.01
C GLU A 140 0.47 -28.77 -21.83
N LEU A 141 -0.19 -27.69 -21.42
CA LEU A 141 0.49 -26.44 -21.13
C LEU A 141 1.50 -26.61 -20.01
N VAL A 142 1.04 -27.06 -18.85
CA VAL A 142 1.96 -27.14 -17.73
C VAL A 142 3.09 -28.12 -18.02
N GLN A 143 2.76 -29.25 -18.62
CA GLN A 143 3.81 -30.25 -18.79
C GLN A 143 4.91 -29.70 -19.69
N TYR A 144 4.55 -28.74 -20.52
CA TYR A 144 5.43 -28.02 -21.46
C TYR A 144 6.19 -26.83 -20.85
N MET A 145 5.59 -26.10 -19.91
CA MET A 145 6.28 -24.93 -19.37
C MET A 145 7.38 -25.27 -18.40
N VAL A 146 7.23 -26.32 -17.60
CA VAL A 146 8.24 -26.62 -16.60
C VAL A 146 9.60 -26.88 -17.23
N ASN A 147 9.66 -27.12 -18.54
CA ASN A 147 10.89 -27.33 -19.27
C ASN A 147 11.58 -26.00 -19.67
N LEU A 148 11.09 -24.85 -19.20
CA LEU A 148 11.71 -23.54 -19.41
C LEU A 148 12.23 -23.06 -18.08
N GLN A 149 13.56 -22.87 -17.98
CA GLN A 149 14.18 -22.61 -16.69
C GLN A 149 13.96 -21.21 -16.16
N ASP A 150 13.50 -20.26 -16.97
CA ASP A 150 13.36 -18.90 -16.49
C ASP A 150 12.41 -18.85 -15.31
N GLU A 151 12.64 -17.91 -14.39
CA GLU A 151 11.83 -17.80 -13.19
C GLU A 151 10.38 -17.41 -13.48
N LEU A 152 10.10 -16.86 -14.65
CA LEU A 152 8.72 -16.51 -14.96
C LEU A 152 7.90 -17.76 -15.25
N TYR A 153 8.43 -18.61 -16.12
CA TYR A 153 7.70 -19.78 -16.56
C TYR A 153 7.55 -20.81 -15.45
N GLN A 154 8.36 -20.72 -14.40
CA GLN A 154 8.10 -21.58 -13.28
C GLN A 154 6.93 -21.05 -12.47
N ASN A 155 6.79 -19.73 -12.36
CA ASN A 155 5.63 -19.18 -11.66
C ASN A 155 4.34 -19.30 -12.46
N TRP A 156 4.40 -19.23 -13.80
CA TRP A 156 3.16 -19.40 -14.54
C TRP A 156 2.70 -20.84 -14.53
N ALA A 157 3.63 -21.79 -14.52
CA ALA A 157 3.21 -23.18 -14.43
C ALA A 157 2.48 -23.45 -13.12
N SER A 158 3.00 -22.88 -12.03
CA SER A 158 2.30 -22.92 -10.75
C SER A 158 0.91 -22.30 -10.88
N VAL A 159 0.75 -21.24 -11.66
CA VAL A 159 -0.60 -20.71 -11.84
C VAL A 159 -1.46 -21.71 -12.60
N PHE A 160 -0.93 -22.32 -13.65
CA PHE A 160 -1.78 -23.24 -14.38
C PHE A 160 -1.87 -24.61 -13.72
N GLN A 161 -0.90 -24.98 -12.89
CA GLN A 161 -1.07 -26.12 -12.00
C GLN A 161 -2.27 -25.94 -11.07
N TYR A 162 -2.52 -24.71 -10.62
CA TYR A 162 -3.72 -24.44 -9.85
C TYR A 162 -4.96 -24.47 -10.72
N VAL A 163 -4.88 -23.91 -11.93
CA VAL A 163 -6.02 -24.06 -12.84
C VAL A 163 -6.26 -25.52 -13.14
N GLY A 164 -5.19 -26.30 -13.29
CA GLY A 164 -5.36 -27.75 -13.46
C GLY A 164 -6.12 -28.41 -12.31
N VAL A 165 -5.76 -28.08 -11.07
CA VAL A 165 -6.50 -28.62 -9.94
C VAL A 165 -7.94 -28.17 -9.98
N MET A 166 -8.17 -26.86 -10.07
CA MET A 166 -9.53 -26.37 -9.92
C MET A 166 -10.49 -27.08 -10.86
N LEU A 167 -10.00 -27.52 -12.02
CA LEU A 167 -10.80 -28.28 -12.98
C LEU A 167 -11.10 -29.69 -12.47
N CYS A 168 -10.10 -30.38 -11.90
CA CYS A 168 -10.35 -31.72 -11.38
C CYS A 168 -11.43 -31.70 -10.31
N ILE A 169 -11.44 -30.66 -9.48
CA ILE A 169 -12.51 -30.56 -8.50
C ILE A 169 -13.84 -30.54 -9.21
N LYS A 170 -13.94 -29.76 -10.30
CA LYS A 170 -15.16 -29.73 -11.10
C LYS A 170 -15.45 -31.08 -11.77
N LEU A 171 -14.42 -31.79 -12.18
CA LEU A 171 -14.64 -33.12 -12.74
C LEU A 171 -14.79 -34.18 -11.67
N LYS A 172 -14.72 -33.80 -10.39
CA LYS A 172 -14.93 -34.71 -9.27
C LYS A 172 -14.01 -35.92 -9.32
N GLN A 173 -12.79 -35.71 -9.82
CA GLN A 173 -11.77 -36.76 -9.85
C GLN A 173 -10.96 -36.60 -8.59
N HIS A 174 -11.58 -37.00 -7.47
CA HIS A 174 -11.09 -36.63 -6.14
C HIS A 174 -9.72 -37.18 -5.81
N ARG A 175 -9.26 -38.27 -6.44
CA ARG A 175 -7.88 -38.66 -6.16
C ARG A 175 -6.89 -37.71 -6.82
N ARG A 176 -7.08 -37.43 -8.12
CA ARG A 176 -6.20 -36.48 -8.81
C ARG A 176 -6.11 -35.20 -8.00
N VAL A 177 -7.28 -34.71 -7.53
CA VAL A 177 -7.30 -33.49 -6.73
C VAL A 177 -6.36 -33.60 -5.54
N LYS A 178 -6.48 -34.67 -4.76
CA LYS A 178 -5.67 -34.77 -3.55
C LYS A 178 -4.20 -34.93 -3.89
N THR A 179 -3.89 -35.66 -4.97
CA THR A 179 -2.51 -35.85 -5.39
C THR A 179 -1.90 -34.54 -5.87
N SER A 180 -2.55 -33.87 -6.83
CA SER A 180 -2.00 -32.63 -7.40
C SER A 180 -1.81 -31.56 -6.34
N PHE A 181 -2.84 -31.32 -5.51
CA PHE A 181 -2.72 -30.30 -4.48
C PHE A 181 -1.48 -30.45 -3.64
N HIS A 182 -1.01 -31.69 -3.47
CA HIS A 182 0.18 -31.90 -2.66
C HIS A 182 1.44 -31.68 -3.49
N GLY A 183 1.45 -32.16 -4.73
CA GLY A 183 2.55 -31.84 -5.62
C GLY A 183 2.67 -30.35 -5.91
N LEU A 184 1.55 -29.66 -5.96
CA LEU A 184 1.64 -28.21 -6.13
C LEU A 184 2.19 -27.56 -4.87
N LEU A 185 1.62 -27.87 -3.70
CA LEU A 185 2.05 -27.23 -2.46
C LEU A 185 3.49 -27.58 -2.12
N SER A 186 3.91 -28.81 -2.42
CA SER A 186 5.26 -29.24 -2.12
C SER A 186 6.31 -28.43 -2.86
N GLN A 187 5.95 -27.81 -3.98
CA GLN A 187 6.92 -27.06 -4.78
C GLN A 187 6.94 -25.58 -4.45
N CYS A 188 5.97 -25.07 -3.69
CA CYS A 188 5.86 -23.64 -3.50
C CYS A 188 6.78 -23.21 -2.39
N ARG A 189 7.40 -22.04 -2.60
CA ARG A 189 8.37 -21.51 -1.66
C ARG A 189 7.69 -21.32 -0.29
N GLU A 190 8.27 -21.91 0.75
CA GLU A 190 7.62 -22.01 2.06
C GLU A 190 7.22 -20.63 2.61
N LYS A 191 6.18 -20.62 3.47
CA LYS A 191 5.73 -19.41 4.16
C LYS A 191 5.51 -18.23 3.20
N SER A 192 5.16 -18.54 1.95
CA SER A 192 4.80 -17.57 0.92
C SER A 192 3.29 -17.41 0.84
N GLN A 193 2.85 -16.19 0.54
CA GLN A 193 1.42 -15.93 0.40
C GLN A 193 0.79 -16.83 -0.66
N TRP A 194 1.59 -17.36 -1.60
CA TRP A 194 1.05 -18.21 -2.66
C TRP A 194 0.71 -19.59 -2.11
N LYS A 195 1.72 -20.25 -1.52
CA LYS A 195 1.47 -21.51 -0.85
C LYS A 195 0.33 -21.39 0.16
N TRP A 196 0.30 -20.31 0.95
CA TRP A 196 -0.75 -20.22 1.95
C TRP A 196 -2.14 -20.03 1.33
N PHE A 197 -2.24 -19.39 0.17
CA PHE A 197 -3.54 -19.32 -0.53
C PHE A 197 -3.91 -20.67 -1.11
N LEU A 198 -3.00 -21.29 -1.86
CA LEU A 198 -3.26 -22.64 -2.36
C LEU A 198 -3.64 -23.60 -1.23
N ASN A 199 -3.01 -23.47 -0.07
CA ASN A 199 -3.34 -24.33 1.06
C ASN A 199 -4.73 -24.03 1.61
N LEU A 200 -5.06 -22.75 1.78
CA LEU A 200 -6.43 -22.42 2.17
C LEU A 200 -7.42 -23.03 1.22
N CYS A 201 -7.05 -23.18 -0.05
CA CYS A 201 -7.93 -23.82 -1.01
C CYS A 201 -8.05 -25.31 -0.76
N TYR A 202 -6.96 -25.96 -0.36
CA TYR A 202 -6.94 -27.39 -0.10
C TYR A 202 -7.83 -27.74 1.10
N VAL A 203 -7.55 -27.12 2.25
CA VAL A 203 -8.36 -27.31 3.45
C VAL A 203 -9.84 -27.12 3.13
N ASN A 204 -10.19 -25.99 2.50
CA ASN A 204 -11.59 -25.75 2.16
C ASN A 204 -12.12 -26.77 1.16
N TYR A 205 -11.26 -27.36 0.35
CA TYR A 205 -11.76 -28.39 -0.55
C TYR A 205 -12.11 -29.64 0.21
N LEU A 206 -11.28 -30.02 1.20
CA LEU A 206 -11.55 -31.22 1.98
C LEU A 206 -12.82 -31.04 2.78
N LEU A 207 -13.01 -29.89 3.43
CA LEU A 207 -14.26 -29.64 4.16
C LEU A 207 -15.51 -29.74 3.27
N ASN A 208 -15.40 -29.34 2.01
CA ASN A 208 -16.59 -29.44 1.16
C ASN A 208 -16.96 -30.90 0.90
N GLU A 209 -15.97 -31.78 0.85
CA GLU A 209 -16.23 -33.19 0.64
C GLU A 209 -16.23 -33.98 1.93
N ARG A 210 -16.04 -33.30 3.05
CA ARG A 210 -15.89 -33.92 4.36
C ARG A 210 -14.71 -34.87 4.40
N PHE A 211 -13.73 -34.72 3.53
CA PHE A 211 -12.57 -35.56 3.63
C PHE A 211 -11.76 -35.20 4.87
N PRO A 212 -11.07 -36.18 5.45
CA PRO A 212 -10.17 -35.90 6.57
C PRO A 212 -9.01 -35.05 6.09
N ILE A 213 -8.60 -34.10 6.93
CA ILE A 213 -7.60 -33.10 6.55
C ILE A 213 -6.24 -33.61 6.97
N PRO A 214 -5.34 -33.95 6.05
CA PRO A 214 -4.03 -34.45 6.44
C PRO A 214 -3.26 -33.46 7.29
N GLU A 215 -2.31 -34.03 8.05
CA GLU A 215 -1.67 -33.30 9.15
C GLU A 215 -0.86 -32.11 8.65
N ASP A 216 0.03 -32.32 7.68
CA ASP A 216 0.84 -31.21 7.17
C ASP A 216 -0.03 -30.04 6.73
N ALA A 217 -1.11 -30.30 6.00
CA ALA A 217 -2.05 -29.25 5.63
C ALA A 217 -2.63 -28.55 6.85
N LEU A 218 -2.93 -29.33 7.90
CA LEU A 218 -3.52 -28.74 9.10
C LEU A 218 -2.54 -27.82 9.81
N GLN A 219 -1.25 -28.18 9.80
CA GLN A 219 -0.24 -27.28 10.36
C GLN A 219 0.00 -26.09 9.45
N GLU A 220 -0.01 -26.32 8.13
CA GLU A 220 0.15 -25.23 7.19
C GLU A 220 -0.94 -24.19 7.42
N LEU A 221 -2.15 -24.66 7.72
CA LEU A 221 -3.24 -23.74 7.99
C LEU A 221 -3.00 -22.99 9.30
N ARG A 222 -2.59 -23.70 10.36
CA ARG A 222 -2.39 -23.03 11.64
C ARG A 222 -1.23 -22.06 11.60
N SER A 223 -0.26 -22.29 10.73
CA SER A 223 0.96 -21.49 10.62
C SER A 223 0.84 -20.30 9.67
N THR A 224 -0.34 -20.03 9.12
CA THR A 224 -0.51 -18.85 8.29
C THR A 224 -0.27 -17.59 9.10
N GLU A 225 0.57 -16.70 8.58
CA GLU A 225 0.94 -15.47 9.26
C GLU A 225 0.17 -14.30 8.66
N LEU A 226 -0.46 -13.52 9.53
CA LEU A 226 -1.35 -12.45 9.08
C LEU A 226 -0.65 -11.49 8.13
N HIS A 227 0.60 -11.12 8.44
CA HIS A 227 1.32 -10.08 7.71
C HIS A 227 1.91 -10.55 6.39
N THR A 228 1.94 -11.85 6.13
CA THR A 228 2.35 -12.34 4.82
C THR A 228 1.16 -12.66 3.93
N VAL A 229 -0.06 -12.58 4.44
CA VAL A 229 -1.20 -13.09 3.68
C VAL A 229 -2.29 -12.02 3.64
N GLY A 230 -2.34 -11.16 4.66
CA GLY A 230 -3.16 -9.97 4.62
C GLY A 230 -4.61 -10.18 4.95
N PRO A 231 -5.26 -9.17 5.53
CA PRO A 231 -6.51 -9.40 6.26
C PRO A 231 -7.58 -10.17 5.51
N GLU A 232 -7.62 -10.09 4.19
CA GLU A 232 -8.62 -10.89 3.48
C GLU A 232 -8.30 -12.38 3.60
N LEU A 233 -7.11 -12.81 3.16
CA LEU A 233 -6.84 -14.23 3.24
C LEU A 233 -6.80 -14.73 4.67
N TYR A 234 -6.48 -13.86 5.64
CA TYR A 234 -6.47 -14.33 7.02
C TYR A 234 -7.88 -14.53 7.55
N ALA A 235 -8.81 -13.61 7.29
CA ALA A 235 -10.19 -13.88 7.70
C ALA A 235 -10.71 -15.17 7.06
N TRP A 236 -10.07 -15.63 5.99
CA TRP A 236 -10.41 -16.94 5.44
C TRP A 236 -9.81 -18.07 6.28
N LYS A 237 -8.54 -17.94 6.67
CA LYS A 237 -7.95 -18.93 7.57
C LYS A 237 -8.76 -19.08 8.84
N LEU A 238 -9.25 -17.97 9.38
CA LEU A 238 -10.05 -18.06 10.59
C LEU A 238 -11.39 -18.71 10.32
N ALA A 239 -12.02 -18.36 9.20
CA ALA A 239 -13.25 -19.05 8.87
C ALA A 239 -13.04 -20.56 8.80
N LEU A 240 -11.94 -21.00 8.20
CA LEU A 240 -11.78 -22.44 8.05
C LEU A 240 -11.60 -23.15 9.40
N GLU A 241 -10.79 -22.59 10.31
CA GLU A 241 -10.60 -23.26 11.59
C GLU A 241 -11.94 -23.39 12.32
N MET A 242 -12.66 -22.28 12.49
CA MET A 242 -14.04 -22.31 12.99
C MET A 242 -14.85 -23.46 12.43
N VAL A 243 -14.88 -23.60 11.10
CA VAL A 243 -15.61 -24.69 10.46
C VAL A 243 -15.04 -26.04 10.84
N ILE A 244 -13.73 -26.13 11.04
CA ILE A 244 -13.15 -27.42 11.45
C ILE A 244 -13.67 -27.85 12.81
N GLN A 245 -13.76 -26.93 13.77
CA GLN A 245 -14.35 -27.25 15.07
C GLN A 245 -15.80 -27.67 14.92
N LEU A 246 -16.61 -26.80 14.33
CA LEU A 246 -18.01 -27.10 14.11
C LEU A 246 -18.19 -28.48 13.49
N CYS A 247 -17.21 -28.95 12.72
CA CYS A 247 -17.34 -30.27 12.11
C CYS A 247 -17.00 -31.40 13.07
N LYS A 248 -15.97 -31.26 13.91
CA LYS A 248 -15.73 -32.26 14.93
C LYS A 248 -16.52 -31.97 16.21
N ASP A 249 -17.60 -31.19 16.09
CA ASP A 249 -18.41 -30.72 17.22
C ASP A 249 -17.59 -30.20 18.40
N GLY A 250 -16.35 -29.77 18.14
CA GLY A 250 -15.52 -29.19 19.18
C GLY A 250 -16.02 -27.87 19.73
N ASN A 251 -15.18 -27.25 20.57
CA ASN A 251 -15.53 -25.99 21.21
C ASN A 251 -14.97 -24.82 20.43
N ILE A 252 -15.80 -23.80 20.22
CA ILE A 252 -15.53 -22.68 19.34
C ILE A 252 -15.33 -21.39 20.12
N THR A 253 -14.99 -21.47 21.41
CA THR A 253 -14.81 -20.23 22.16
C THR A 253 -13.47 -19.59 21.85
N ASP A 254 -12.42 -20.40 21.79
CA ASP A 254 -11.11 -19.87 21.42
C ASP A 254 -11.17 -19.26 20.04
N HIS A 255 -11.95 -19.86 19.14
CA HIS A 255 -11.99 -19.40 17.76
C HIS A 255 -12.79 -18.11 17.64
N LEU A 256 -13.99 -18.04 18.22
CA LEU A 256 -14.74 -16.79 18.22
C LEU A 256 -13.98 -15.64 18.88
N ASN A 257 -12.95 -15.95 19.69
CA ASN A 257 -12.14 -14.91 20.32
C ASN A 257 -10.97 -14.48 19.46
N GLU A 258 -10.28 -15.40 18.80
CA GLU A 258 -9.31 -14.98 17.81
C GLU A 258 -9.97 -14.15 16.72
N PHE A 259 -11.20 -14.50 16.32
CA PHE A 259 -11.90 -13.65 15.37
C PHE A 259 -12.16 -12.27 15.95
N LYS A 260 -12.34 -12.16 17.25
CA LYS A 260 -12.55 -10.84 17.83
C LYS A 260 -11.23 -10.06 17.89
N ASN A 261 -10.11 -10.74 18.21
CA ASN A 261 -8.81 -10.05 18.20
C ASN A 261 -8.46 -9.57 16.80
N PHE A 262 -8.83 -10.36 15.81
CA PHE A 262 -8.65 -9.98 14.42
C PHE A 262 -9.49 -8.77 14.09
N PHE A 263 -10.81 -8.86 14.37
CA PHE A 263 -11.76 -7.79 14.05
C PHE A 263 -11.42 -6.48 14.75
N ASP A 264 -10.82 -6.56 15.94
CA ASP A 264 -10.52 -5.32 16.64
C ASP A 264 -9.42 -4.52 15.95
N THR A 265 -8.55 -5.17 15.19
CA THR A 265 -7.44 -4.50 14.52
C THR A 265 -7.53 -4.48 12.99
N ASN A 266 -8.56 -5.09 12.37
CA ASN A 266 -8.62 -5.13 10.91
C ASN A 266 -10.03 -4.93 10.35
N LYS A 267 -10.96 -4.39 11.12
CA LYS A 267 -12.32 -4.23 10.62
C LYS A 267 -12.38 -3.23 9.45
N GLN A 268 -11.70 -2.09 9.61
CA GLN A 268 -11.64 -1.07 8.56
C GLN A 268 -10.99 -1.59 7.28
N SER A 269 -10.08 -2.57 7.39
CA SER A 269 -9.51 -3.19 6.20
C SER A 269 -10.60 -3.87 5.38
N LEU A 270 -11.62 -4.40 6.03
CA LEU A 270 -12.65 -5.04 5.25
C LEU A 270 -13.78 -4.10 4.85
N VAL A 271 -13.84 -2.90 5.44
CA VAL A 271 -14.88 -1.91 5.11
C VAL A 271 -14.37 -0.83 4.16
N THR A 272 -13.19 -0.25 4.44
CA THR A 272 -12.66 0.79 3.55
C THR A 272 -12.19 0.16 2.24
N ASN A 273 -11.46 -0.96 2.34
CA ASN A 273 -10.98 -1.75 1.21
C ASN A 273 -12.09 -2.61 0.62
N GLU A 274 -13.29 -2.56 1.20
CA GLU A 274 -14.42 -3.34 0.72
C GLU A 274 -14.66 -3.04 -0.76
N GLY A 275 -14.60 -4.11 -1.57
CA GLY A 275 -14.71 -4.03 -3.01
C GLY A 275 -13.41 -4.31 -3.72
N LYS A 276 -12.29 -3.85 -3.16
CA LYS A 276 -11.06 -3.87 -3.95
C LYS A 276 -10.42 -5.26 -4.02
N GLY A 277 -10.96 -6.26 -3.28
CA GLY A 277 -10.44 -7.63 -3.31
C GLY A 277 -9.03 -7.82 -2.75
N CYS A 278 -8.54 -9.03 -2.98
CA CYS A 278 -7.21 -9.47 -2.59
C CYS A 278 -6.41 -9.78 -3.85
N VAL A 279 -5.21 -9.24 -3.96
CA VAL A 279 -4.38 -9.48 -5.13
C VAL A 279 -3.10 -10.18 -4.68
N ILE A 280 -2.84 -11.34 -5.25
CA ILE A 280 -1.72 -12.18 -4.83
C ILE A 280 -0.63 -11.97 -5.87
N LYS A 281 0.30 -11.07 -5.58
CA LYS A 281 1.42 -10.79 -6.47
C LYS A 281 2.40 -11.94 -6.33
N ILE A 282 2.35 -12.85 -7.29
CA ILE A 282 3.31 -13.94 -7.33
C ILE A 282 4.66 -13.47 -7.84
N MET A 283 4.66 -12.51 -8.76
CA MET A 283 5.87 -12.10 -9.45
C MET A 283 5.67 -10.67 -9.96
N PRO A 284 6.72 -10.04 -10.48
CA PRO A 284 6.51 -8.89 -11.37
C PRO A 284 5.79 -9.37 -12.62
N ARG A 285 4.58 -8.87 -12.82
CA ARG A 285 3.72 -9.21 -13.97
C ARG A 285 3.08 -10.60 -13.88
N ILE A 286 2.98 -11.20 -12.68
CA ILE A 286 2.10 -12.35 -12.45
C ILE A 286 1.35 -12.09 -11.16
N ALA A 287 0.21 -11.38 -11.23
CA ALA A 287 -0.59 -11.08 -10.05
C ALA A 287 -2.02 -11.55 -10.27
N LEU A 288 -2.51 -12.37 -9.34
CA LEU A 288 -3.83 -12.97 -9.38
C LEU A 288 -4.73 -12.25 -8.39
N LYS A 289 -5.94 -11.90 -8.81
CA LYS A 289 -6.92 -11.29 -7.92
C LYS A 289 -7.89 -12.34 -7.36
N VAL A 290 -8.20 -12.24 -6.05
CA VAL A 290 -9.08 -13.19 -5.37
C VAL A 290 -10.25 -12.44 -4.75
N GLU A 291 -11.48 -12.84 -5.09
CA GLU A 291 -12.67 -12.28 -4.46
C GLU A 291 -13.42 -13.38 -3.73
N LEU A 292 -13.60 -13.22 -2.43
CA LEU A 292 -14.38 -14.13 -1.60
C LEU A 292 -15.37 -13.22 -0.87
N PRO A 293 -16.58 -13.08 -1.40
CA PRO A 293 -17.48 -12.02 -0.91
C PRO A 293 -17.99 -12.24 0.50
N MET A 294 -18.36 -13.49 0.83
CA MET A 294 -18.84 -13.82 2.17
C MET A 294 -17.76 -13.62 3.23
N ILE A 295 -16.49 -13.82 2.87
CA ILE A 295 -15.43 -13.95 3.85
C ILE A 295 -14.67 -12.65 4.00
N PHE A 296 -14.62 -11.83 2.94
CA PHE A 296 -13.73 -10.67 2.90
C PHE A 296 -14.40 -9.37 3.33
N HIS A 297 -15.70 -9.20 3.07
CA HIS A 297 -16.41 -7.96 3.40
C HIS A 297 -16.97 -8.03 4.81
N TYR A 298 -16.69 -7.01 5.62
CA TYR A 298 -16.87 -7.13 7.07
C TYR A 298 -18.28 -7.54 7.45
N LYS A 299 -19.28 -6.79 6.97
CA LYS A 299 -20.68 -7.15 7.26
C LYS A 299 -20.97 -8.58 6.84
N GLU A 300 -20.66 -8.91 5.59
CA GLU A 300 -20.99 -10.23 5.05
C GLU A 300 -20.35 -11.36 5.86
N LEU A 301 -19.21 -11.09 6.50
CA LEU A 301 -18.51 -12.11 7.29
C LEU A 301 -19.21 -12.37 8.61
N LYS A 302 -19.56 -11.30 9.34
CA LYS A 302 -20.24 -11.49 10.61
C LYS A 302 -21.55 -12.23 10.43
N ASN A 303 -22.22 -12.07 9.30
CA ASN A 303 -23.46 -12.82 9.11
C ASN A 303 -23.19 -14.31 8.97
N ILE A 304 -22.21 -14.69 8.13
CA ILE A 304 -21.79 -16.08 8.08
C ILE A 304 -21.35 -16.55 9.45
N LEU A 305 -20.46 -15.77 10.07
CA LEU A 305 -19.81 -16.19 11.30
C LEU A 305 -20.83 -16.48 12.41
N LEU A 306 -21.98 -15.79 12.43
CA LEU A 306 -23.03 -16.05 13.41
C LEU A 306 -23.81 -17.32 13.13
N LEU A 307 -24.11 -17.60 11.87
CA LEU A 307 -24.78 -18.85 11.52
C LEU A 307 -23.95 -20.06 11.96
N LEU A 308 -22.62 -19.96 11.91
CA LEU A 308 -21.80 -21.05 12.42
C LEU A 308 -21.93 -21.17 13.94
N GLN A 309 -21.70 -20.06 14.65
CA GLN A 309 -21.94 -20.05 16.08
C GLN A 309 -23.32 -20.56 16.42
N SER A 310 -24.30 -20.33 15.56
CA SER A 310 -25.65 -20.79 15.83
C SER A 310 -25.84 -22.26 15.48
N VAL A 311 -25.12 -22.79 14.50
CA VAL A 311 -25.25 -24.22 14.20
C VAL A 311 -24.52 -25.08 15.24
N SER A 312 -23.51 -24.53 15.93
CA SER A 312 -22.89 -25.35 16.96
C SER A 312 -23.83 -25.55 18.15
N TYR A 313 -24.58 -24.52 18.53
CA TYR A 313 -25.40 -24.59 19.72
C TYR A 313 -26.76 -25.21 19.48
N ILE A 314 -26.99 -25.81 18.31
CA ILE A 314 -28.30 -26.41 18.04
C ILE A 314 -28.58 -27.53 19.03
N VAL A 315 -27.54 -28.30 19.37
CA VAL A 315 -27.74 -29.48 20.18
C VAL A 315 -27.97 -29.13 21.65
N ASN A 316 -27.58 -27.93 22.09
CA ASN A 316 -27.82 -27.45 23.46
C ASN A 316 -29.25 -27.00 23.70
N CYS A 317 -29.94 -26.52 22.67
CA CYS A 317 -31.41 -26.50 22.56
C CYS A 317 -32.24 -26.23 23.83
N TYR A 318 -32.17 -27.11 24.84
CA TYR A 318 -33.03 -27.06 26.05
C TYR A 318 -32.38 -26.21 27.16
N ASP A 319 -32.61 -24.90 27.11
CA ASP A 319 -32.64 -24.01 28.27
C ASP A 319 -31.35 -23.24 28.61
N GLU A 320 -30.47 -22.96 27.64
CA GLU A 320 -29.29 -22.11 27.91
C GLU A 320 -28.56 -21.62 26.65
N LYS A 321 -27.60 -22.40 26.16
CA LYS A 321 -26.88 -22.05 24.94
C LYS A 321 -27.80 -22.11 23.74
N GLY A 322 -28.82 -22.97 23.80
CA GLY A 322 -29.84 -23.06 22.75
C GLY A 322 -30.80 -21.89 22.74
N ASN A 323 -30.85 -21.17 23.86
CA ASN A 323 -31.48 -19.85 23.93
C ASN A 323 -30.70 -18.86 23.09
N PHE A 324 -29.36 -19.05 22.98
CA PHE A 324 -28.56 -18.34 21.99
C PHE A 324 -29.00 -18.68 20.56
N SER A 325 -29.32 -19.95 20.27
CA SER A 325 -29.70 -20.31 18.90
C SER A 325 -31.12 -19.86 18.56
N ARG A 326 -32.08 -20.05 19.47
CA ARG A 326 -33.40 -19.51 19.16
C ARG A 326 -33.41 -17.98 19.14
N LYS A 327 -32.38 -17.32 19.67
CA LYS A 327 -32.28 -15.87 19.57
C LYS A 327 -31.56 -15.42 18.30
N PHE A 328 -30.55 -16.16 17.86
CA PHE A 328 -29.66 -15.66 16.82
C PHE A 328 -29.80 -16.31 15.46
N LEU A 329 -30.48 -17.45 15.32
CA LEU A 329 -30.78 -17.89 13.95
C LEU A 329 -31.67 -16.91 13.21
N PRO A 330 -32.75 -16.37 13.79
CA PRO A 330 -33.53 -15.36 13.05
C PRO A 330 -32.75 -14.08 12.73
N LYS A 331 -31.79 -13.65 13.55
CA LYS A 331 -31.03 -12.47 13.16
C LYS A 331 -30.17 -12.76 11.93
N VAL A 332 -29.66 -13.98 11.80
CA VAL A 332 -29.03 -14.33 10.53
C VAL A 332 -30.01 -14.04 9.41
N TYR A 333 -31.25 -14.50 9.57
CA TYR A 333 -32.26 -14.34 8.53
C TYR A 333 -32.53 -12.87 8.20
N SER A 334 -32.57 -12.00 9.22
CA SER A 334 -32.82 -10.60 8.89
C SER A 334 -31.57 -9.94 8.34
N THR A 335 -30.42 -10.11 9.00
CA THR A 335 -29.17 -9.55 8.50
C THR A 335 -28.82 -10.13 7.13
N THR A 336 -29.19 -11.38 6.87
CA THR A 336 -29.13 -11.87 5.50
C THR A 336 -30.17 -11.19 4.62
N GLN A 337 -31.39 -10.98 5.12
CA GLN A 337 -32.36 -10.29 4.29
C GLN A 337 -32.00 -8.83 4.05
N LYS A 338 -31.32 -8.16 4.99
CA LYS A 338 -30.88 -6.80 4.77
C LYS A 338 -29.75 -6.75 3.74
N LEU A 339 -28.94 -7.81 3.64
CA LEU A 339 -27.93 -7.82 2.59
C LEU A 339 -28.55 -8.00 1.21
N ILE A 340 -29.75 -8.56 1.10
CA ILE A 340 -30.37 -8.69 -0.22
C ILE A 340 -31.08 -7.40 -0.61
N LYS A 341 -31.98 -6.90 0.24
CA LYS A 341 -32.64 -5.64 -0.08
C LYS A 341 -31.64 -4.54 -0.39
N ASN A 342 -30.55 -4.46 0.35
CA ASN A 342 -29.65 -3.33 0.15
C ASN A 342 -28.44 -3.69 -0.70
N ILE A 343 -28.58 -4.64 -1.63
CA ILE A 343 -27.46 -4.97 -2.50
C ILE A 343 -27.15 -3.78 -3.39
N ALA A 344 -25.87 -3.45 -3.49
CA ALA A 344 -25.43 -2.29 -4.26
C ALA A 344 -24.53 -2.73 -5.40
N ALA A 345 -24.71 -2.11 -6.58
CA ALA A 345 -23.72 -2.21 -7.65
C ALA A 345 -22.68 -1.20 -7.27
N GLY A 346 -21.43 -1.32 -7.71
CA GLY A 346 -20.90 -2.32 -8.61
C GLY A 346 -19.38 -2.11 -8.52
N GLY A 347 -18.65 -2.04 -9.63
CA GLY A 347 -19.23 -2.07 -10.97
C GLY A 347 -19.01 -3.42 -11.57
N VAL A 348 -19.90 -4.33 -11.20
CA VAL A 348 -19.84 -5.70 -11.66
C VAL A 348 -21.11 -6.00 -12.41
N SER A 349 -21.05 -7.07 -13.21
CA SER A 349 -22.21 -7.57 -13.94
C SER A 349 -23.46 -7.59 -13.09
N MET A 350 -24.63 -7.52 -13.72
CA MET A 350 -25.85 -7.83 -12.99
C MET A 350 -25.82 -9.28 -12.52
N ASN A 351 -25.24 -10.18 -13.33
CA ASN A 351 -25.22 -11.56 -12.93
C ASN A 351 -24.23 -11.83 -11.79
N GLU A 352 -23.16 -11.03 -11.65
CA GLU A 352 -22.36 -11.13 -10.43
C GLU A 352 -23.26 -10.86 -9.24
N LEU A 353 -23.96 -9.74 -9.25
CA LEU A 353 -24.88 -9.49 -8.16
C LEU A 353 -26.02 -10.47 -8.13
N ASP A 354 -26.31 -11.15 -9.24
CA ASP A 354 -27.36 -12.16 -9.22
C ASP A 354 -26.94 -13.35 -8.37
N SER A 355 -25.72 -13.84 -8.59
CA SER A 355 -25.29 -15.03 -7.85
C SER A 355 -25.02 -14.71 -6.38
N ARG A 356 -24.45 -13.52 -6.09
CA ARG A 356 -24.31 -13.13 -4.68
C ARG A 356 -25.66 -13.05 -3.99
N ILE A 357 -26.75 -12.78 -4.73
CA ILE A 357 -28.08 -12.89 -4.14
C ILE A 357 -28.45 -14.35 -3.93
N GLN A 358 -28.09 -15.20 -4.89
CA GLN A 358 -28.45 -16.61 -4.83
C GLN A 358 -27.78 -17.29 -3.64
N THR A 359 -26.52 -16.92 -3.32
CA THR A 359 -25.92 -17.41 -2.08
C THR A 359 -26.65 -16.87 -0.85
N TYR A 360 -27.02 -15.59 -0.84
CA TYR A 360 -27.83 -15.11 0.27
C TYR A 360 -29.14 -15.88 0.41
N LYS A 361 -29.75 -16.28 -0.72
CA LYS A 361 -30.99 -17.05 -0.64
C LYS A 361 -30.76 -18.44 -0.09
N SER A 362 -29.55 -19.00 -0.25
CA SER A 362 -29.29 -20.30 0.35
C SER A 362 -29.10 -20.16 1.86
N ILE A 363 -28.40 -19.10 2.30
CA ILE A 363 -28.29 -18.80 3.72
C ILE A 363 -29.68 -18.63 4.34
N LEU A 364 -30.63 -18.05 3.61
CA LEU A 364 -32.00 -18.04 4.14
C LEU A 364 -32.53 -19.45 4.34
N GLU A 365 -32.24 -20.36 3.40
CA GLU A 365 -32.79 -21.70 3.49
C GLU A 365 -32.11 -22.53 4.58
N PHE A 366 -30.83 -22.27 4.88
CA PHE A 366 -30.21 -22.94 6.02
C PHE A 366 -30.97 -22.57 7.29
N CYS A 367 -31.33 -21.30 7.46
CA CYS A 367 -32.03 -20.91 8.67
C CYS A 367 -33.41 -21.56 8.77
N GLU A 368 -34.18 -21.59 7.67
CA GLU A 368 -35.49 -22.23 7.75
C GLU A 368 -35.39 -23.73 7.98
N PHE A 369 -34.19 -24.30 7.82
CA PHE A 369 -33.90 -25.70 8.10
C PHE A 369 -33.53 -25.91 9.56
N TYR A 370 -32.48 -25.23 10.02
CA TYR A 370 -32.01 -25.40 11.38
C TYR A 370 -33.02 -24.88 12.41
N LYS A 371 -34.07 -24.16 12.00
CA LYS A 371 -35.19 -23.97 12.90
C LYS A 371 -36.06 -25.22 12.96
N VAL A 372 -36.26 -25.89 11.82
CA VAL A 372 -37.00 -27.14 11.85
C VAL A 372 -36.23 -28.24 12.60
N TRP A 373 -34.90 -28.15 12.62
CA TRP A 373 -34.12 -29.15 13.36
C TRP A 373 -34.20 -28.85 14.86
N GLU A 374 -33.93 -27.61 15.25
CA GLU A 374 -34.15 -27.22 16.64
C GLU A 374 -35.57 -27.49 17.10
N GLN A 375 -36.55 -27.47 16.19
CA GLN A 375 -37.90 -27.89 16.60
C GLN A 375 -38.07 -29.40 16.64
N THR A 376 -37.22 -30.16 15.97
CA THR A 376 -37.33 -31.61 16.06
C THR A 376 -36.49 -32.17 17.20
N LEU A 377 -35.40 -31.50 17.61
CA LEU A 377 -34.79 -31.89 18.87
C LEU A 377 -35.74 -31.64 20.02
N LEU A 378 -36.14 -30.39 20.19
CA LEU A 378 -36.87 -29.99 21.38
C LEU A 378 -38.26 -30.63 21.45
N LYS A 379 -38.85 -31.06 20.34
CA LYS A 379 -40.22 -31.53 20.41
C LYS A 379 -40.41 -32.95 19.95
N GLY A 380 -39.38 -33.62 19.44
CA GLY A 380 -39.55 -35.00 19.05
C GLY A 380 -40.56 -35.26 17.95
N ALA A 381 -40.61 -34.39 16.95
CA ALA A 381 -41.43 -34.60 15.76
C ALA A 381 -40.96 -33.61 14.70
N VAL A 382 -41.27 -33.93 13.44
CA VAL A 382 -40.84 -33.13 12.31
C VAL A 382 -41.98 -32.18 11.96
N VAL A 383 -41.70 -30.87 12.00
CA VAL A 383 -42.74 -29.88 11.80
C VAL A 383 -43.14 -29.87 10.33
N THR A 384 -42.41 -30.67 9.52
CA THR A 384 -42.46 -30.75 8.05
C THR A 384 -42.68 -29.37 7.45
N THR A 385 -43.94 -28.88 7.45
CA THR A 385 -44.44 -27.56 7.04
C THR A 385 -44.12 -27.29 5.57
N GLU A 386 -44.72 -26.21 5.03
CA GLU A 386 -44.71 -25.86 3.60
C GLU A 386 -44.40 -27.02 2.66
N SER A 387 -43.57 -26.72 1.64
CA SER A 387 -42.97 -27.65 0.69
C SER A 387 -41.93 -26.91 -0.17
N PRO A 388 -42.31 -25.81 -0.97
CA PRO A 388 -41.40 -25.32 -2.03
C PRO A 388 -40.02 -24.89 -1.55
N LYS A 389 -39.20 -25.89 -1.18
CA LYS A 389 -37.78 -25.79 -0.85
C LYS A 389 -37.11 -27.12 -1.19
N LEU A 390 -35.88 -27.03 -1.70
CA LEU A 390 -35.11 -28.22 -2.05
C LEU A 390 -34.22 -28.69 -0.90
N GLY A 391 -34.26 -27.99 0.24
CA GLY A 391 -33.29 -28.20 1.30
C GLY A 391 -31.95 -27.67 0.83
N PRO A 392 -31.31 -26.85 1.67
CA PRO A 392 -30.05 -26.18 1.26
C PRO A 392 -28.94 -27.14 0.85
N SER A 393 -29.26 -28.43 0.82
CA SER A 393 -28.32 -29.50 0.54
C SER A 393 -29.09 -30.63 -0.17
N PRO A 394 -28.36 -31.68 -0.65
CA PRO A 394 -29.05 -32.82 -1.28
C PRO A 394 -30.02 -33.58 -0.37
N GLY A 395 -31.32 -33.35 -0.51
CA GLY A 395 -32.22 -34.26 0.16
C GLY A 395 -32.29 -34.12 1.67
N TYR A 396 -31.76 -33.02 2.24
CA TYR A 396 -32.13 -32.67 3.62
C TYR A 396 -33.64 -32.66 3.76
N VAL A 397 -34.38 -32.58 2.65
CA VAL A 397 -35.82 -32.71 2.70
C VAL A 397 -36.23 -34.16 2.89
N ARG A 398 -35.71 -35.08 2.07
CA ARG A 398 -36.12 -36.47 2.27
C ARG A 398 -35.40 -37.12 3.45
N LEU A 399 -34.41 -36.45 4.05
CA LEU A 399 -33.96 -36.87 5.38
C LEU A 399 -34.97 -36.43 6.43
N LEU A 400 -35.29 -35.14 6.48
CA LEU A 400 -36.39 -34.68 7.32
C LEU A 400 -37.67 -35.48 7.11
N GLN A 401 -37.94 -35.87 5.87
CA GLN A 401 -39.17 -36.60 5.62
C GLN A 401 -39.06 -38.06 6.02
N ALA A 402 -37.88 -38.67 5.89
CA ALA A 402 -37.71 -40.03 6.40
C ALA A 402 -37.79 -40.05 7.93
N MET A 403 -37.24 -39.02 8.57
CA MET A 403 -37.30 -38.95 10.02
C MET A 403 -38.74 -38.84 10.50
N LYS A 404 -39.55 -38.02 9.84
CA LYS A 404 -40.96 -37.97 10.19
C LYS A 404 -41.63 -39.35 10.04
N VAL A 405 -41.09 -40.22 9.18
CA VAL A 405 -41.65 -41.58 9.09
C VAL A 405 -41.21 -42.44 10.26
N GLN A 406 -39.93 -42.35 10.66
CA GLN A 406 -39.44 -43.15 11.79
C GLN A 406 -40.10 -42.73 13.09
N PHE A 407 -40.22 -41.41 13.30
CA PHE A 407 -40.94 -40.89 14.45
C PHE A 407 -42.32 -41.51 14.59
N GLU A 408 -43.00 -41.75 13.46
CA GLU A 408 -44.34 -42.34 13.44
C GLU A 408 -44.31 -43.86 13.45
N GLY A 409 -43.24 -44.46 13.99
CA GLY A 409 -43.11 -45.89 14.16
C GLY A 409 -43.03 -46.68 12.87
N GLY A 410 -43.14 -46.01 11.72
CA GLY A 410 -43.21 -46.60 10.41
C GLY A 410 -41.95 -47.30 9.96
N GLY A 411 -40.95 -47.39 10.83
CA GLY A 411 -39.70 -48.03 10.46
C GLY A 411 -38.79 -47.16 9.64
N ALA A 412 -39.24 -46.73 8.46
CA ALA A 412 -38.45 -45.93 7.54
C ALA A 412 -37.18 -46.64 7.10
N VAL A 413 -37.21 -47.98 7.03
CA VAL A 413 -36.07 -48.69 6.47
C VAL A 413 -35.99 -48.46 4.96
N GLU A 414 -37.15 -48.30 4.33
CA GLU A 414 -37.18 -47.97 2.91
C GLU A 414 -36.49 -46.64 2.66
N GLU A 415 -36.91 -45.60 3.38
CA GLU A 415 -36.45 -44.25 3.09
C GLU A 415 -34.95 -44.09 3.36
N TYR A 416 -34.47 -44.63 4.49
CA TYR A 416 -33.07 -44.45 4.87
C TYR A 416 -32.12 -45.19 3.93
N THR A 417 -32.53 -46.34 3.41
CA THR A 417 -31.65 -47.00 2.45
C THR A 417 -31.62 -46.22 1.13
N ARG A 418 -32.81 -45.80 0.67
CA ARG A 418 -32.87 -45.02 -0.57
C ARG A 418 -32.07 -43.73 -0.46
N LEU A 419 -32.09 -43.08 0.72
CA LEU A 419 -31.38 -41.83 0.88
C LEU A 419 -29.88 -42.04 0.95
N ALA A 420 -29.45 -43.14 1.51
CA ALA A 420 -28.04 -43.45 1.61
C ALA A 420 -27.54 -44.23 0.42
N GLN A 421 -28.42 -44.61 -0.49
CA GLN A 421 -27.99 -45.30 -1.70
C GLN A 421 -27.64 -44.30 -2.80
N SER A 422 -28.46 -43.24 -2.98
CA SER A 422 -28.27 -42.34 -4.10
C SER A 422 -27.01 -41.52 -3.91
N GLY A 423 -26.25 -41.37 -5.00
CA GLY A 423 -24.92 -40.77 -4.96
C GLY A 423 -24.89 -39.29 -4.64
N GLY A 424 -26.03 -38.60 -4.74
CA GLY A 424 -26.05 -37.15 -4.60
C GLY A 424 -25.89 -36.65 -3.19
N THR A 425 -26.21 -37.48 -2.20
CA THR A 425 -26.26 -37.05 -0.82
C THR A 425 -24.85 -37.00 -0.22
N SER A 426 -24.65 -36.02 0.67
CA SER A 426 -23.35 -35.89 1.33
C SER A 426 -23.01 -37.18 2.04
N SER A 427 -21.73 -37.34 2.38
CA SER A 427 -21.35 -38.54 3.12
C SER A 427 -21.91 -38.52 4.54
N GLU A 428 -22.00 -37.34 5.17
CA GLU A 428 -22.57 -37.28 6.52
C GLU A 428 -24.04 -37.70 6.54
N VAL A 429 -24.88 -37.07 5.74
CA VAL A 429 -26.29 -37.48 5.69
C VAL A 429 -26.43 -38.93 5.24
N LYS A 430 -25.47 -39.47 4.49
CA LYS A 430 -25.53 -40.91 4.26
C LYS A 430 -25.41 -41.67 5.57
N MET A 431 -24.55 -41.18 6.46
CA MET A 431 -24.33 -41.90 7.71
C MET A 431 -25.50 -41.75 8.66
N ILE A 432 -26.02 -40.53 8.83
CA ILE A 432 -27.19 -40.33 9.68
C ILE A 432 -28.32 -41.23 9.24
N SER A 433 -28.44 -41.45 7.93
CA SER A 433 -29.46 -42.37 7.41
C SER A 433 -29.13 -43.81 7.70
N LEU A 434 -27.84 -44.15 7.74
CA LEU A 434 -27.46 -45.54 7.97
C LEU A 434 -27.58 -45.90 9.45
N LEU A 435 -27.12 -45.04 10.35
CA LEU A 435 -27.27 -45.32 11.78
C LEU A 435 -28.75 -45.47 12.13
N ASN A 436 -29.56 -44.47 11.79
CA ASN A 436 -30.98 -44.61 12.09
C ASN A 436 -31.53 -45.90 11.53
N CYS A 437 -30.95 -46.38 10.43
CA CYS A 437 -31.36 -47.68 9.92
C CYS A 437 -30.92 -48.79 10.86
N TYR A 438 -29.64 -48.83 11.18
CA TYR A 438 -29.13 -49.87 12.07
C TYR A 438 -29.84 -49.85 13.40
N THR A 439 -30.18 -48.66 13.89
CA THR A 439 -31.01 -48.54 15.09
C THR A 439 -32.37 -49.18 14.91
N VAL A 440 -33.02 -48.99 13.77
CA VAL A 440 -34.35 -49.57 13.61
C VAL A 440 -34.25 -51.05 13.30
N GLN A 441 -33.24 -51.46 12.53
CA GLN A 441 -33.09 -52.88 12.24
C GLN A 441 -32.70 -53.67 13.50
N ALA A 442 -31.76 -53.14 14.30
CA ALA A 442 -31.37 -53.81 15.55
C ALA A 442 -32.54 -53.87 16.52
N ALA A 443 -33.35 -52.80 16.56
CA ALA A 443 -34.53 -52.81 17.42
C ALA A 443 -35.44 -53.97 17.08
N ARG A 444 -35.57 -54.29 15.79
CA ARG A 444 -36.46 -55.37 15.39
C ARG A 444 -35.88 -56.73 15.72
N VAL A 445 -34.56 -56.91 15.51
CA VAL A 445 -33.95 -58.19 15.87
C VAL A 445 -34.33 -58.54 17.30
N SER A 446 -34.32 -57.55 18.19
CA SER A 446 -34.74 -57.79 19.56
C SER A 446 -36.23 -58.08 19.63
N ARG A 447 -37.07 -57.17 19.15
CA ARG A 447 -38.51 -57.29 19.37
C ARG A 447 -39.24 -58.03 18.27
N CYS A 448 -38.55 -58.76 17.41
CA CYS A 448 -39.25 -59.58 16.44
C CYS A 448 -39.09 -61.05 16.78
N SER A 449 -40.08 -61.83 16.30
CA SER A 449 -40.07 -63.28 16.38
C SER A 449 -38.89 -63.82 15.58
N GLY A 450 -38.73 -65.15 15.56
CA GLY A 450 -37.74 -65.75 14.70
C GLY A 450 -38.14 -65.88 13.25
N ASP A 451 -39.44 -65.78 12.96
CA ASP A 451 -39.92 -65.92 11.58
C ASP A 451 -39.38 -64.80 10.70
N LYS A 452 -39.43 -63.57 11.21
CA LYS A 452 -38.95 -62.38 10.52
C LYS A 452 -37.47 -62.11 10.76
N GLN A 453 -36.83 -62.84 11.67
CA GLN A 453 -35.49 -62.52 12.14
C GLN A 453 -34.39 -63.05 11.22
N GLY A 454 -34.62 -64.15 10.51
CA GLY A 454 -33.58 -64.63 9.61
C GLY A 454 -33.23 -63.61 8.56
N GLU A 455 -34.25 -62.92 8.04
CA GLU A 455 -34.08 -61.83 7.08
C GLU A 455 -33.56 -60.55 7.74
N LEU A 456 -33.88 -60.33 9.02
CA LEU A 456 -33.51 -59.10 9.72
C LEU A 456 -32.15 -59.18 10.40
N VAL A 457 -31.71 -60.36 10.85
CA VAL A 457 -30.30 -60.49 11.20
C VAL A 457 -29.47 -60.22 9.97
N GLU A 458 -30.01 -60.57 8.79
CA GLU A 458 -29.35 -60.39 7.50
C GLU A 458 -29.08 -58.90 7.22
N GLN A 459 -30.12 -58.06 7.41
CA GLN A 459 -30.02 -56.62 7.09
C GLN A 459 -29.07 -55.89 8.04
N CYS A 460 -29.13 -56.20 9.34
CA CYS A 460 -28.32 -55.50 10.34
C CYS A 460 -26.83 -55.61 10.06
N ASN A 461 -26.42 -56.64 9.33
CA ASN A 461 -25.00 -56.84 9.06
C ASN A 461 -24.54 -55.89 7.97
N LYS A 462 -25.28 -55.85 6.87
CA LYS A 462 -25.06 -54.95 5.75
C LYS A 462 -24.93 -53.53 6.29
N VAL A 463 -26.04 -53.03 6.83
CA VAL A 463 -26.13 -51.63 7.24
C VAL A 463 -25.03 -51.29 8.24
N TRP A 464 -24.52 -52.27 8.98
CA TRP A 464 -23.45 -51.89 9.88
C TRP A 464 -22.17 -51.61 9.11
N LEU A 465 -21.93 -52.32 8.02
CA LEU A 465 -20.66 -52.12 7.33
C LEU A 465 -20.65 -50.89 6.43
N GLN A 466 -21.76 -50.57 5.77
CA GLN A 466 -21.84 -49.25 5.13
C GLN A 466 -21.43 -48.16 6.12
N VAL A 467 -21.75 -48.34 7.41
CA VAL A 467 -21.38 -47.39 8.45
C VAL A 467 -19.90 -47.49 8.76
N GLU A 468 -19.37 -48.71 8.83
CA GLU A 468 -17.94 -48.87 9.05
C GLU A 468 -17.14 -48.16 7.97
N LYS A 469 -17.65 -48.20 6.73
CA LYS A 469 -17.11 -47.56 5.53
C LYS A 469 -17.16 -46.04 5.61
N LEU A 470 -18.35 -45.46 5.39
CA LEU A 470 -18.49 -44.01 5.25
C LEU A 470 -17.92 -43.28 6.46
N LEU A 471 -17.71 -43.99 7.55
CA LEU A 471 -17.07 -43.42 8.72
C LEU A 471 -15.55 -43.40 8.58
N GLN A 472 -14.98 -44.41 7.93
CA GLN A 472 -13.53 -44.54 7.92
C GLN A 472 -12.86 -43.65 6.88
N GLU A 473 -13.61 -43.23 5.87
CA GLU A 473 -13.10 -42.41 4.78
C GLU A 473 -13.53 -40.95 4.88
N THR A 474 -14.30 -40.59 5.89
CA THR A 474 -14.61 -39.18 6.11
C THR A 474 -13.94 -38.71 7.37
N ASP A 475 -14.09 -37.43 7.63
CA ASP A 475 -13.62 -36.79 8.85
C ASP A 475 -14.56 -36.96 10.02
N LEU A 476 -15.68 -37.66 9.86
CA LEU A 476 -16.53 -37.93 11.03
C LEU A 476 -15.84 -38.84 12.03
N GLN A 477 -14.96 -39.71 11.55
CA GLN A 477 -14.27 -40.64 12.43
C GLN A 477 -13.54 -39.92 13.54
N PHE A 478 -13.35 -38.59 13.46
CA PHE A 478 -12.71 -37.84 14.53
C PHE A 478 -13.69 -36.92 15.26
N ASN A 479 -15.00 -37.12 15.07
CA ASN A 479 -16.02 -36.36 15.83
C ASN A 479 -16.45 -37.20 17.02
N PRO A 480 -16.19 -36.78 18.25
CA PRO A 480 -16.50 -37.67 19.39
C PRO A 480 -17.97 -38.06 19.46
N ILE A 481 -18.90 -37.14 19.18
CA ILE A 481 -20.32 -37.47 19.25
C ILE A 481 -20.63 -38.58 18.26
N TRP A 482 -19.86 -38.65 17.19
CA TRP A 482 -20.09 -39.72 16.22
C TRP A 482 -19.47 -41.03 16.66
N GLU A 483 -18.20 -41.02 17.09
CA GLU A 483 -17.58 -42.27 17.52
C GLU A 483 -18.35 -42.88 18.70
N CYS A 484 -18.82 -42.04 19.62
CA CYS A 484 -19.55 -42.51 20.78
C CYS A 484 -20.88 -43.13 20.38
N THR A 485 -21.68 -42.43 19.57
CA THR A 485 -22.91 -43.02 19.06
C THR A 485 -22.67 -44.37 18.39
N VAL A 486 -21.48 -44.58 17.85
CA VAL A 486 -21.17 -45.89 17.28
C VAL A 486 -20.98 -46.90 18.38
N THR A 487 -20.28 -46.51 19.45
CA THR A 487 -20.15 -47.39 20.60
C THR A 487 -21.52 -47.75 21.18
N ILE A 488 -22.30 -46.74 21.61
CA ILE A 488 -23.61 -46.92 22.23
C ILE A 488 -24.40 -47.97 21.47
N LEU A 489 -24.41 -47.88 20.14
CA LEU A 489 -25.28 -48.76 19.36
C LEU A 489 -24.73 -50.17 19.27
N TRP A 490 -23.40 -50.34 19.19
CA TRP A 490 -22.86 -51.69 19.18
C TRP A 490 -23.17 -52.40 20.50
N LEU A 491 -22.84 -51.75 21.63
CA LEU A 491 -23.12 -52.35 22.93
C LEU A 491 -24.60 -52.64 23.08
N PHE A 492 -25.46 -51.70 22.72
CA PHE A 492 -26.88 -51.93 22.87
C PHE A 492 -27.34 -53.13 22.04
N SER A 493 -26.65 -53.47 20.98
CA SER A 493 -27.15 -54.52 20.10
C SER A 493 -26.45 -55.86 20.28
N HIS A 494 -25.37 -55.92 21.07
CA HIS A 494 -24.55 -57.11 21.23
C HIS A 494 -24.40 -57.52 22.68
N PHE A 495 -25.28 -57.01 23.55
CA PHE A 495 -25.27 -57.23 24.99
C PHE A 495 -26.72 -57.29 25.47
N GLU A 496 -27.01 -58.21 26.39
CA GLU A 496 -28.23 -58.14 27.18
C GLU A 496 -27.97 -57.34 28.43
N PRO A 497 -29.01 -56.70 28.98
CA PRO A 497 -30.42 -56.64 28.59
C PRO A 497 -30.74 -55.48 27.68
N PHE A 498 -29.89 -55.21 26.70
CA PHE A 498 -30.18 -54.12 25.81
C PHE A 498 -30.86 -54.55 24.53
N SER A 499 -30.64 -55.80 24.08
CA SER A 499 -31.38 -56.40 22.98
C SER A 499 -31.92 -57.76 23.44
N TRP A 500 -33.18 -58.09 23.06
CA TRP A 500 -33.69 -59.41 23.44
C TRP A 500 -32.95 -60.51 22.69
N ASN A 501 -32.45 -60.20 21.48
CA ASN A 501 -31.71 -61.14 20.65
C ASN A 501 -30.41 -60.48 20.21
N PRO A 502 -29.46 -60.34 21.13
CA PRO A 502 -28.18 -59.69 20.78
C PRO A 502 -27.46 -60.43 19.67
N LEU A 503 -26.76 -59.68 18.87
CA LEU A 503 -26.10 -60.25 17.72
C LEU A 503 -24.79 -60.93 18.14
N PRO A 504 -24.42 -62.01 17.45
CA PRO A 504 -23.20 -62.73 17.82
C PRO A 504 -21.98 -61.84 17.73
N CYS A 505 -20.97 -62.13 18.55
CA CYS A 505 -19.71 -61.40 18.52
C CYS A 505 -18.68 -62.15 19.35
N SER A 506 -17.42 -61.81 19.11
CA SER A 506 -16.32 -62.46 19.80
C SER A 506 -16.12 -61.85 21.18
N ASP A 507 -15.28 -62.50 21.99
CA ASP A 507 -14.85 -61.92 23.25
C ASP A 507 -13.97 -60.71 23.02
N LYS A 508 -13.17 -60.74 21.95
CA LYS A 508 -12.27 -59.64 21.62
C LYS A 508 -13.05 -58.38 21.23
N GLN A 509 -14.16 -58.55 20.51
CA GLN A 509 -14.95 -57.41 20.07
C GLN A 509 -15.70 -56.77 21.24
N ARG A 510 -16.12 -57.56 22.20
CA ARG A 510 -16.63 -57.00 23.45
C ARG A 510 -15.52 -56.27 24.21
N ALA A 511 -14.33 -56.87 24.28
CA ALA A 511 -13.22 -56.24 24.97
C ALA A 511 -12.90 -54.89 24.36
N GLU A 512 -12.91 -54.81 23.03
CA GLU A 512 -12.77 -53.57 22.29
C GLU A 512 -13.79 -52.53 22.74
N TYR A 513 -15.07 -52.80 22.48
CA TYR A 513 -16.10 -51.78 22.64
C TYR A 513 -16.30 -51.39 24.10
N VAL A 514 -16.22 -52.35 25.01
CA VAL A 514 -16.39 -52.02 26.41
C VAL A 514 -15.25 -51.13 26.89
N SER A 515 -14.04 -51.39 26.41
CA SER A 515 -12.94 -50.53 26.79
C SER A 515 -13.11 -49.14 26.20
N LYS A 516 -13.71 -49.06 25.01
CA LYS A 516 -14.05 -47.75 24.45
C LYS A 516 -14.99 -46.99 25.36
N LEU A 517 -16.18 -47.56 25.61
CA LEU A 517 -17.19 -46.89 26.41
C LEU A 517 -16.62 -46.35 27.71
N ARG A 518 -15.64 -47.04 28.27
CA ARG A 518 -15.08 -46.58 29.52
C ARG A 518 -14.45 -45.19 29.34
N GLU A 519 -13.75 -44.97 28.21
CA GLU A 519 -13.15 -43.66 27.97
C GLU A 519 -14.23 -42.58 27.84
N PHE A 520 -15.27 -42.86 27.06
CA PHE A 520 -16.39 -41.94 26.95
C PHE A 520 -17.09 -41.77 28.29
N TYR A 521 -17.37 -42.88 28.97
CA TYR A 521 -18.13 -42.80 30.21
C TYR A 521 -17.35 -42.08 31.30
N SER A 522 -16.06 -42.39 31.43
CA SER A 522 -15.28 -41.82 32.51
C SER A 522 -15.16 -40.32 32.38
N SER A 523 -15.41 -39.80 31.19
CA SER A 523 -15.13 -38.43 30.86
C SER A 523 -16.40 -37.59 30.62
N ASN A 524 -17.58 -38.21 30.63
CA ASN A 524 -18.84 -37.51 30.45
C ASN A 524 -19.89 -37.80 31.51
N LYS A 525 -19.62 -38.73 32.43
CA LYS A 525 -20.55 -39.08 33.49
C LYS A 525 -20.80 -37.86 34.37
N PHE A 526 -22.01 -37.75 34.92
CA PHE A 526 -22.41 -36.63 35.76
C PHE A 526 -21.40 -36.10 36.81
N VAL A 527 -20.10 -36.26 36.53
CA VAL A 527 -18.97 -35.80 37.33
C VAL A 527 -17.89 -35.25 36.37
N ALA A 528 -18.07 -34.00 35.93
CA ALA A 528 -17.30 -33.39 34.83
C ALA A 528 -15.97 -32.80 35.30
N ALA A 533 -12.02 -32.75 34.18
CA ALA A 533 -12.21 -32.92 32.75
C ALA A 533 -11.11 -32.39 31.82
N ASP A 534 -11.55 -31.84 30.68
CA ASP A 534 -10.72 -31.25 29.62
C ASP A 534 -9.93 -32.28 28.82
N ASN A 535 -10.46 -32.68 27.65
CA ASN A 535 -9.79 -33.64 26.76
C ASN A 535 -10.61 -33.94 25.51
N ARG A 536 -10.12 -34.87 24.68
CA ARG A 536 -10.70 -35.23 23.38
C ARG A 536 -11.86 -36.20 23.48
N PHE A 537 -12.34 -36.54 24.68
CA PHE A 537 -13.44 -37.48 24.83
C PHE A 537 -14.71 -36.81 25.31
N LYS A 538 -14.67 -35.52 25.63
CA LYS A 538 -15.80 -34.78 26.18
C LYS A 538 -16.82 -34.52 25.07
N LEU A 539 -18.09 -34.45 25.43
CA LEU A 539 -19.20 -34.38 24.48
C LEU A 539 -20.04 -33.12 24.73
N LYS A 540 -20.59 -32.57 23.66
CA LYS A 540 -21.50 -31.44 23.82
C LYS A 540 -22.74 -31.94 24.55
N LYS A 541 -23.37 -31.08 25.36
CA LYS A 541 -24.48 -31.60 26.17
C LYS A 541 -25.70 -32.03 25.35
N ALA A 542 -25.53 -32.94 24.40
CA ALA A 542 -26.69 -33.51 23.73
C ALA A 542 -27.48 -34.36 24.70
N LEU A 543 -28.78 -34.07 24.83
CA LEU A 543 -29.60 -34.75 25.83
C LEU A 543 -29.68 -36.24 25.57
N LEU A 544 -30.35 -36.64 24.48
CA LEU A 544 -30.47 -38.06 24.18
C LEU A 544 -29.11 -38.76 24.25
N LEU A 545 -28.05 -38.08 23.80
CA LEU A 545 -26.72 -38.69 23.82
C LEU A 545 -26.20 -38.85 25.24
N GLN A 546 -26.33 -37.81 26.05
CA GLN A 546 -25.81 -37.91 27.41
C GLN A 546 -26.57 -38.98 28.22
N ILE A 547 -27.89 -39.04 28.05
CA ILE A 547 -28.73 -40.01 28.78
C ILE A 547 -28.32 -41.43 28.45
N LEU A 548 -28.24 -41.76 27.16
CA LEU A 548 -27.80 -43.11 26.84
C LEU A 548 -26.37 -43.38 27.30
N VAL A 549 -25.51 -42.37 27.36
CA VAL A 549 -24.15 -42.68 27.77
C VAL A 549 -24.13 -43.06 29.23
N ASN A 550 -25.03 -42.52 30.01
CA ASN A 550 -24.99 -42.80 31.42
C ASN A 550 -25.85 -44.01 31.82
N TYR A 551 -26.99 -44.26 31.16
CA TYR A 551 -27.67 -45.56 31.29
C TYR A 551 -26.67 -46.65 30.93
N LEU A 552 -26.33 -46.79 29.65
CA LEU A 552 -25.28 -47.72 29.23
C LEU A 552 -24.11 -47.78 30.20
N GLY A 553 -23.48 -46.65 30.46
CA GLY A 553 -22.26 -46.67 31.27
C GLY A 553 -22.51 -46.94 32.75
N GLY A 554 -23.54 -46.32 33.31
CA GLY A 554 -23.86 -46.59 34.70
C GLY A 554 -24.19 -48.05 34.90
N ARG A 555 -24.86 -48.66 33.93
CA ARG A 555 -25.30 -50.03 34.07
C ARG A 555 -24.18 -51.04 33.89
N MET A 556 -23.11 -50.73 33.14
CA MET A 556 -22.04 -51.69 32.91
C MET A 556 -20.80 -51.43 33.74
N LEU A 557 -20.53 -50.19 34.15
CA LEU A 557 -19.26 -49.92 34.79
C LEU A 557 -19.38 -49.48 36.24
N GLU A 558 -20.58 -49.22 36.73
CA GLU A 558 -20.78 -48.82 38.12
C GLU A 558 -21.08 -50.02 39.01
N HIS A 559 -20.44 -50.05 40.18
CA HIS A 559 -20.67 -51.13 41.13
C HIS A 559 -21.24 -50.69 42.47
N ASP A 560 -20.86 -49.52 43.00
CA ASP A 560 -21.46 -49.12 44.26
C ASP A 560 -22.93 -48.80 44.04
N LEU A 561 -23.71 -48.95 45.09
CA LEU A 561 -25.15 -48.85 44.96
C LEU A 561 -25.69 -47.47 45.29
N GLY A 562 -24.88 -46.61 45.88
CA GLY A 562 -25.35 -45.26 46.14
C GLY A 562 -25.10 -44.48 44.88
N GLU A 563 -23.88 -44.68 44.34
CA GLU A 563 -23.53 -44.26 42.99
C GLU A 563 -24.64 -44.62 42.02
N ILE A 564 -24.90 -45.92 41.83
CA ILE A 564 -25.91 -46.35 40.86
C ILE A 564 -27.29 -45.78 41.13
N TYR A 565 -27.58 -45.38 42.36
CA TYR A 565 -28.87 -44.72 42.59
C TYR A 565 -28.85 -43.27 42.19
N ALA A 566 -27.75 -42.56 42.47
CA ALA A 566 -27.65 -41.17 42.06
C ALA A 566 -27.78 -41.02 40.55
N ILE A 567 -27.14 -41.93 39.80
CA ILE A 567 -27.14 -41.84 38.33
C ILE A 567 -28.52 -42.09 37.75
N SER A 568 -29.13 -43.23 38.07
CA SER A 568 -30.43 -43.55 37.47
C SER A 568 -31.49 -42.55 37.89
N ALA A 569 -31.36 -42.01 39.10
CA ALA A 569 -32.25 -40.93 39.51
C ALA A 569 -32.17 -39.80 38.50
N LYS A 570 -30.93 -39.45 38.09
CA LYS A 570 -30.70 -38.32 37.19
C LYS A 570 -31.20 -38.63 35.80
N CYS A 571 -30.62 -39.66 35.14
CA CYS A 571 -31.05 -40.05 33.79
C CYS A 571 -32.54 -39.96 33.63
N PHE A 572 -33.25 -40.51 34.61
CA PHE A 572 -34.70 -40.57 34.62
C PHE A 572 -35.32 -39.19 34.62
N ASP A 573 -34.78 -38.26 35.41
CA ASP A 573 -35.36 -36.92 35.41
C ASP A 573 -35.01 -36.15 34.14
N MET A 574 -33.87 -36.44 33.52
CA MET A 574 -33.48 -35.70 32.32
C MET A 574 -34.50 -35.89 31.22
N CYS A 575 -34.99 -37.10 31.03
CA CYS A 575 -35.75 -37.43 29.83
C CYS A 575 -36.90 -36.49 29.50
N ARG A 576 -37.30 -35.64 30.45
CA ARG A 576 -38.38 -34.68 30.24
C ARG A 576 -37.95 -33.44 29.48
N GLN A 577 -36.65 -33.29 29.21
CA GLN A 577 -36.11 -32.01 28.73
C GLN A 577 -36.46 -31.76 27.25
N GLN A 578 -36.61 -32.84 26.47
CA GLN A 578 -37.00 -32.80 25.06
C GLN A 578 -38.20 -33.73 24.85
N GLY A 579 -39.01 -33.43 23.87
CA GLY A 579 -40.15 -34.29 23.60
C GLY A 579 -39.75 -35.59 22.94
N GLY A 580 -40.75 -36.45 22.73
CA GLY A 580 -40.55 -37.69 21.99
C GLY A 580 -39.61 -38.65 22.66
N MET A 581 -39.49 -38.56 24.00
CA MET A 581 -38.56 -39.33 24.81
C MET A 581 -39.21 -40.36 25.73
N ARG A 582 -40.54 -40.50 25.69
CA ARG A 582 -41.22 -41.24 26.75
C ARG A 582 -40.81 -42.69 26.79
N LYS A 583 -40.70 -43.33 25.63
CA LYS A 583 -40.35 -44.75 25.65
C LYS A 583 -38.94 -44.98 26.17
N VAL A 584 -38.04 -43.98 26.04
CA VAL A 584 -36.73 -44.08 26.72
C VAL A 584 -36.88 -43.77 28.19
N GLN A 585 -37.69 -42.77 28.53
CA GLN A 585 -37.91 -42.46 29.94
C GLN A 585 -38.43 -43.68 30.69
N TYR A 586 -39.26 -44.48 30.04
CA TYR A 586 -39.83 -45.69 30.65
C TYR A 586 -38.73 -46.73 30.93
N VAL A 587 -37.97 -47.12 29.91
CA VAL A 587 -36.90 -48.09 30.11
C VAL A 587 -35.88 -47.61 31.15
N ILE A 588 -35.71 -46.30 31.31
CA ILE A 588 -34.90 -45.76 32.39
C ILE A 588 -35.60 -45.93 33.73
N GLY A 589 -36.92 -45.78 33.79
CA GLY A 589 -37.62 -45.86 35.06
C GLY A 589 -37.72 -47.25 35.65
N ILE A 590 -37.87 -48.27 34.80
CA ILE A 590 -37.68 -49.64 35.26
C ILE A 590 -36.31 -49.81 35.90
N TRP A 591 -35.28 -49.29 35.24
CA TRP A 591 -33.93 -49.38 35.80
C TRP A 591 -33.82 -48.66 37.15
N HIS A 592 -34.33 -47.44 37.24
CA HIS A 592 -34.32 -46.76 38.52
C HIS A 592 -35.13 -47.52 39.55
N LEU A 593 -36.22 -48.15 39.11
CA LEU A 593 -37.10 -48.85 40.02
C LEU A 593 -36.39 -50.05 40.66
N MET A 594 -35.55 -50.78 39.91
CA MET A 594 -34.74 -51.83 40.52
C MET A 594 -33.85 -51.19 41.57
N ASN A 595 -33.00 -50.25 41.14
CA ASN A 595 -32.02 -49.66 42.03
C ASN A 595 -32.65 -49.11 43.29
N CYS A 596 -33.90 -48.67 43.22
CA CYS A 596 -34.56 -48.24 44.44
C CYS A 596 -34.92 -49.42 45.34
N THR A 597 -35.62 -50.41 44.80
CA THR A 597 -35.97 -51.62 45.55
C THR A 597 -34.74 -52.30 46.16
N VAL A 598 -33.67 -52.52 45.37
CA VAL A 598 -32.45 -53.12 45.92
C VAL A 598 -31.89 -52.28 47.08
N ALA A 599 -31.77 -50.98 46.86
CA ALA A 599 -31.23 -50.13 47.91
C ALA A 599 -32.24 -49.86 49.01
N MET A 600 -33.45 -50.43 48.89
CA MET A 600 -34.48 -50.29 49.91
C MET A 600 -34.86 -48.85 50.15
N ARG A 601 -34.75 -48.02 49.13
CA ARG A 601 -35.19 -46.63 49.29
C ARG A 601 -36.70 -46.67 49.15
N GLY A 602 -37.39 -46.72 50.28
CA GLY A 602 -38.77 -47.15 50.18
C GLY A 602 -39.66 -46.21 49.40
N LYS A 603 -39.78 -44.98 49.87
CA LYS A 603 -40.55 -43.94 49.21
C LYS A 603 -40.22 -43.86 47.72
N ASP A 604 -38.91 -43.84 47.37
CA ASP A 604 -38.51 -43.80 45.97
C ASP A 604 -39.15 -44.92 45.18
N VAL A 605 -39.26 -46.12 45.76
CA VAL A 605 -39.89 -47.20 45.01
C VAL A 605 -41.36 -46.88 44.83
N ALA A 606 -41.93 -46.06 45.70
CA ALA A 606 -43.33 -45.69 45.57
C ALA A 606 -43.55 -44.57 44.54
N LEU A 607 -42.82 -43.47 44.64
CA LEU A 607 -42.94 -42.40 43.65
C LEU A 607 -42.64 -42.94 42.25
N THR A 608 -41.45 -43.52 42.04
CA THR A 608 -41.11 -44.07 40.74
C THR A 608 -42.20 -45.00 40.20
N ASN A 609 -42.98 -45.63 41.07
CA ASN A 609 -44.10 -46.38 40.53
C ASN A 609 -45.17 -45.46 39.96
N ALA A 610 -45.42 -44.31 40.59
CA ALA A 610 -46.45 -43.39 40.11
C ALA A 610 -46.03 -42.72 38.83
N LYS A 611 -44.76 -42.29 38.80
CA LYS A 611 -44.14 -41.74 37.60
C LYS A 611 -44.16 -42.73 36.43
N LEU A 612 -43.86 -44.00 36.68
CA LEU A 612 -44.01 -45.02 35.63
C LEU A 612 -45.46 -45.31 35.30
N GLU A 613 -46.39 -45.18 36.24
CA GLU A 613 -47.81 -45.40 35.92
C GLU A 613 -48.33 -44.33 34.96
N ALA A 614 -47.91 -43.07 35.18
CA ALA A 614 -48.33 -41.99 34.31
C ALA A 614 -47.65 -42.04 32.94
N LEU A 615 -46.44 -42.60 32.86
CA LEU A 615 -45.82 -42.79 31.54
C LEU A 615 -46.52 -43.87 30.75
N VAL A 616 -46.89 -44.97 31.40
CA VAL A 616 -47.63 -46.02 30.69
C VAL A 616 -48.98 -45.50 30.24
N LYS A 617 -49.58 -44.63 31.04
CA LYS A 617 -50.83 -44.00 30.66
C LYS A 617 -50.63 -43.20 29.38
N GLN A 618 -49.55 -42.43 29.27
CA GLN A 618 -49.32 -41.58 28.10
C GLN A 618 -48.79 -42.37 26.91
N ILE A 619 -47.81 -43.26 27.11
CA ILE A 619 -47.26 -44.05 26.02
C ILE A 619 -48.35 -44.84 25.30
N THR A 620 -49.40 -45.28 26.03
CA THR A 620 -50.56 -45.94 25.42
C THR A 620 -51.78 -45.01 25.47
N SER A 621 -51.70 -43.90 24.75
CA SER A 621 -52.79 -42.95 24.72
C SER A 621 -53.49 -43.05 23.38
N VAL A 622 -54.60 -42.33 23.27
CA VAL A 622 -55.38 -42.33 22.05
C VAL A 622 -55.34 -40.95 21.40
N SER B 5 -41.72 -56.90 38.69
CA SER B 5 -43.14 -56.59 38.70
C SER B 5 -43.32 -55.08 38.75
N TYR B 6 -43.43 -54.46 37.59
CA TYR B 6 -43.59 -53.03 37.52
C TYR B 6 -44.77 -52.69 36.67
N PRO B 7 -45.18 -51.42 36.70
CA PRO B 7 -46.35 -50.98 35.93
C PRO B 7 -46.19 -51.05 34.42
N GLY B 8 -47.27 -51.48 33.80
CA GLY B 8 -47.43 -51.61 32.37
C GLY B 8 -46.67 -52.82 31.88
N LYS B 9 -46.13 -53.57 32.83
CA LYS B 9 -45.38 -54.76 32.48
C LYS B 9 -46.12 -55.58 31.42
N ASP B 10 -47.40 -55.82 31.67
CA ASP B 10 -48.25 -56.61 30.79
C ASP B 10 -48.53 -55.93 29.46
N LYS B 11 -48.60 -54.62 29.47
CA LYS B 11 -48.89 -53.87 28.25
C LYS B 11 -47.81 -54.14 27.19
N ASN B 12 -48.01 -53.57 26.01
CA ASN B 12 -47.07 -53.72 24.92
C ASN B 12 -46.27 -52.44 24.79
N ILE B 13 -45.29 -52.29 25.66
CA ILE B 13 -44.42 -51.13 25.76
C ILE B 13 -43.00 -51.62 25.67
N PRO B 14 -42.07 -50.90 25.08
CA PRO B 14 -40.70 -51.43 24.98
C PRO B 14 -40.12 -51.68 26.36
N GLY B 15 -39.47 -52.82 26.48
CA GLY B 15 -38.80 -53.15 27.71
C GLY B 15 -37.29 -52.97 27.69
N ARG B 16 -36.69 -52.74 26.53
CA ARG B 16 -35.24 -52.69 26.45
C ARG B 16 -34.83 -51.45 25.67
N ILE B 17 -33.64 -50.93 25.95
CA ILE B 17 -33.33 -49.59 25.45
C ILE B 17 -33.32 -49.57 23.93
N ILE B 18 -32.81 -50.62 23.29
CA ILE B 18 -32.76 -50.61 21.84
C ILE B 18 -34.15 -50.48 21.27
N GLU B 19 -35.16 -51.00 21.96
CA GLU B 19 -36.52 -50.91 21.43
C GLU B 19 -37.13 -49.54 21.64
N ALA B 20 -36.71 -48.83 22.67
CA ALA B 20 -37.24 -47.51 22.90
C ALA B 20 -36.87 -46.58 21.75
N LEU B 21 -35.83 -46.93 20.98
CA LEU B 21 -35.30 -46.05 19.94
C LEU B 21 -35.88 -46.34 18.56
N GLU B 22 -36.74 -47.34 18.38
CA GLU B 22 -37.23 -47.61 17.03
C GLU B 22 -37.97 -46.40 16.48
N ASP B 23 -38.75 -45.73 17.31
CA ASP B 23 -39.39 -44.48 16.87
C ASP B 23 -38.68 -43.24 17.43
N LEU B 24 -37.36 -43.31 17.57
CA LEU B 24 -36.54 -42.17 17.96
C LEU B 24 -35.35 -42.03 17.02
N PRO B 25 -35.37 -41.05 16.11
CA PRO B 25 -34.22 -40.86 15.22
C PRO B 25 -33.10 -40.16 15.97
N LEU B 26 -31.86 -40.59 15.72
CA LEU B 26 -30.76 -39.96 16.42
C LEU B 26 -30.57 -38.48 16.05
N SER B 27 -31.58 -37.68 16.40
CA SER B 27 -31.64 -36.28 16.03
C SER B 27 -30.65 -35.42 16.75
N TYR B 28 -29.81 -35.97 17.58
CA TYR B 28 -28.73 -35.14 18.11
C TYR B 28 -27.54 -35.14 17.17
N LEU B 29 -27.65 -35.84 16.03
CA LEU B 29 -26.65 -35.76 14.97
C LEU B 29 -27.11 -34.70 13.95
N VAL B 30 -26.72 -33.44 14.20
CA VAL B 30 -27.04 -32.29 13.36
C VAL B 30 -26.10 -32.28 12.16
N PRO B 31 -26.62 -32.35 10.93
CA PRO B 31 -25.75 -32.33 9.75
C PRO B 31 -25.18 -30.95 9.45
N LYS B 32 -23.91 -30.94 9.04
CA LYS B 32 -23.23 -29.71 8.65
C LYS B 32 -23.04 -29.64 7.14
N ASP B 33 -23.60 -30.60 6.40
CA ASP B 33 -23.49 -30.65 4.96
C ASP B 33 -23.76 -29.28 4.34
N GLY B 34 -22.78 -28.82 3.53
CA GLY B 34 -22.87 -27.58 2.80
C GLY B 34 -22.33 -26.32 3.47
N LEU B 35 -22.06 -26.33 4.78
CA LEU B 35 -21.65 -25.09 5.43
C LEU B 35 -20.26 -24.66 5.03
N ALA B 36 -19.32 -25.57 4.81
CA ALA B 36 -18.02 -25.14 4.32
C ALA B 36 -18.16 -24.54 2.92
N ALA B 37 -18.96 -25.18 2.06
CA ALA B 37 -19.15 -24.64 0.72
C ALA B 37 -19.73 -23.22 0.73
N LEU B 38 -20.32 -22.81 1.85
CA LEU B 38 -20.87 -21.48 2.01
C LEU B 38 -19.77 -20.46 2.24
N VAL B 39 -18.65 -20.88 2.81
CA VAL B 39 -17.47 -20.01 2.90
C VAL B 39 -16.84 -19.86 1.53
N ASN B 40 -16.59 -20.99 0.89
CA ASN B 40 -15.80 -21.17 -0.31
C ASN B 40 -16.49 -20.70 -1.58
N ALA B 41 -17.77 -20.37 -1.52
CA ALA B 41 -18.53 -20.01 -2.70
C ALA B 41 -19.55 -18.90 -2.39
N PRO B 42 -19.84 -18.04 -3.38
CA PRO B 42 -19.20 -17.98 -4.69
C PRO B 42 -17.77 -17.39 -4.57
N MET B 43 -16.82 -17.85 -5.39
CA MET B 43 -15.44 -17.39 -5.35
C MET B 43 -14.94 -17.10 -6.76
N ARG B 44 -14.32 -15.93 -6.97
CA ARG B 44 -13.76 -15.60 -8.27
C ARG B 44 -12.24 -15.44 -8.16
N VAL B 45 -11.52 -16.10 -9.05
CA VAL B 45 -10.10 -15.88 -9.22
C VAL B 45 -9.93 -15.33 -10.62
N SER B 46 -9.44 -14.09 -10.70
CA SER B 46 -9.34 -13.31 -11.91
C SER B 46 -7.93 -12.75 -12.05
N LEU B 47 -7.63 -12.37 -13.29
CA LEU B 47 -6.32 -11.89 -13.72
C LEU B 47 -6.44 -10.46 -14.23
N PRO B 48 -6.07 -9.44 -13.46
CA PRO B 48 -6.17 -8.07 -13.98
C PRO B 48 -5.37 -7.90 -15.26
N PHE B 49 -5.89 -7.04 -16.13
CA PHE B 49 -5.11 -6.55 -17.27
C PHE B 49 -5.30 -5.04 -17.20
N ASP B 50 -4.34 -4.39 -16.56
CA ASP B 50 -4.40 -2.97 -16.25
C ASP B 50 -3.39 -2.26 -17.15
N LYS B 51 -3.88 -1.86 -18.32
CA LYS B 51 -3.08 -1.24 -19.37
C LYS B 51 -3.97 -0.29 -20.15
N THR B 52 -3.57 0.97 -20.28
CA THR B 52 -4.43 1.91 -20.98
C THR B 52 -4.16 1.83 -22.49
N ILE B 53 -5.19 2.17 -23.26
CA ILE B 53 -5.08 2.38 -24.70
C ILE B 53 -5.89 3.61 -25.07
N PHE B 54 -5.49 4.21 -26.21
CA PHE B 54 -6.16 5.37 -26.80
C PHE B 54 -6.10 6.59 -25.88
N THR B 55 -5.00 6.69 -25.14
CA THR B 55 -4.66 7.90 -24.40
C THR B 55 -3.96 8.89 -25.32
N SER B 56 -3.05 8.38 -26.15
CA SER B 56 -2.45 9.19 -27.20
C SER B 56 -3.55 9.73 -28.09
N ALA B 57 -3.90 10.99 -27.85
CA ALA B 57 -4.81 11.72 -28.72
C ALA B 57 -4.21 11.94 -30.11
N ASP B 58 -2.92 11.67 -30.30
CA ASP B 58 -2.22 11.74 -31.58
C ASP B 58 -2.86 10.92 -32.72
N ASP B 59 -4.09 10.44 -32.54
CA ASP B 59 -4.61 9.41 -33.42
C ASP B 59 -5.49 10.06 -34.48
N GLY B 60 -5.09 9.89 -35.73
CA GLY B 60 -5.83 10.33 -36.90
C GLY B 60 -6.73 9.29 -37.47
N ARG B 61 -6.81 8.12 -36.81
CA ARG B 61 -7.81 7.11 -37.13
C ARG B 61 -9.18 7.56 -36.65
N ASP B 62 -10.19 7.24 -37.45
CA ASP B 62 -11.54 7.58 -37.06
C ASP B 62 -12.49 6.60 -37.74
N VAL B 63 -13.68 6.48 -37.15
CA VAL B 63 -14.57 5.35 -37.40
C VAL B 63 -15.95 5.91 -37.62
N ASN B 64 -16.73 5.22 -38.44
CA ASN B 64 -18.10 5.60 -38.80
C ASN B 64 -19.02 4.51 -38.22
N ILE B 65 -19.53 4.76 -37.04
CA ILE B 65 -20.30 3.79 -36.33
C ILE B 65 -21.74 3.68 -36.68
N ASN B 66 -22.01 3.08 -37.81
CA ASN B 66 -23.35 2.86 -38.20
C ASN B 66 -23.32 1.34 -38.34
N VAL B 67 -23.47 0.71 -37.18
CA VAL B 67 -23.41 -0.73 -36.91
C VAL B 67 -24.53 -1.57 -37.52
N LEU B 68 -25.39 -2.10 -36.66
CA LEU B 68 -26.54 -2.90 -37.03
C LEU B 68 -26.25 -3.95 -38.08
N GLY B 69 -27.13 -4.05 -39.04
CA GLY B 69 -26.94 -4.98 -40.13
C GLY B 69 -25.94 -4.34 -41.05
N THR B 70 -25.13 -5.17 -41.68
CA THR B 70 -24.12 -4.69 -42.59
C THR B 70 -23.65 -5.84 -43.45
N GLU B 83 -18.14 -14.89 -41.03
CA GLU B 83 -18.19 -15.84 -39.92
C GLU B 83 -19.67 -15.99 -39.51
N LYS B 84 -20.02 -15.69 -38.25
CA LYS B 84 -21.38 -15.73 -37.71
C LYS B 84 -21.37 -15.30 -36.24
N GLU B 85 -22.55 -14.92 -35.72
CA GLU B 85 -22.80 -14.59 -34.31
C GLU B 85 -24.30 -14.30 -34.13
N ARG B 86 -24.91 -14.68 -33.00
CA ARG B 86 -26.25 -14.18 -32.63
C ARG B 86 -26.33 -14.20 -31.10
N LEU B 87 -25.94 -13.10 -30.47
CA LEU B 87 -25.80 -13.06 -29.01
C LEU B 87 -27.12 -13.37 -28.30
N VAL B 88 -27.04 -14.18 -27.22
CA VAL B 88 -28.20 -14.52 -26.40
C VAL B 88 -27.81 -14.20 -24.96
N PHE B 89 -28.58 -13.37 -24.29
CA PHE B 89 -28.25 -12.90 -22.94
C PHE B 89 -28.83 -13.82 -21.86
N LYS B 90 -28.22 -13.78 -20.66
CA LYS B 90 -28.56 -14.69 -19.57
C LYS B 90 -29.77 -14.21 -18.78
N ARG B 91 -30.82 -15.01 -18.73
CA ARG B 91 -31.96 -14.69 -17.91
C ARG B 91 -31.54 -14.81 -16.45
N PRO B 92 -31.40 -13.73 -15.72
CA PRO B 92 -30.91 -13.84 -14.34
C PRO B 92 -31.99 -14.44 -13.45
N SER B 93 -31.54 -15.00 -12.31
CA SER B 93 -32.43 -15.72 -11.40
C SER B 93 -33.22 -14.80 -10.50
N ASN B 94 -32.70 -13.62 -10.18
CA ASN B 94 -33.44 -12.68 -9.37
C ASN B 94 -33.46 -11.30 -10.01
N PHE B 95 -34.52 -10.54 -9.74
CA PHE B 95 -34.39 -9.12 -9.96
C PHE B 95 -33.49 -8.58 -8.87
N THR B 96 -32.79 -7.51 -9.17
CA THR B 96 -31.87 -6.98 -8.19
C THR B 96 -32.50 -5.87 -7.36
N SER B 97 -33.79 -5.67 -7.48
CA SER B 97 -34.48 -4.73 -6.61
C SER B 97 -35.92 -5.19 -6.51
N SER B 98 -36.57 -4.80 -5.40
CA SER B 98 -37.97 -5.17 -5.17
C SER B 98 -38.88 -4.04 -5.66
N ALA B 99 -39.94 -4.42 -6.37
CA ALA B 99 -40.90 -3.48 -6.96
C ALA B 99 -41.97 -3.07 -5.93
N ASN B 100 -41.49 -2.43 -4.83
CA ASN B 100 -42.38 -1.90 -3.78
C ASN B 100 -41.76 -0.59 -3.27
N SER B 101 -42.05 0.50 -3.99
CA SER B 101 -41.51 1.83 -3.71
C SER B 101 -42.09 2.84 -4.71
N ASN B 108 -36.92 4.97 -15.40
CA ASN B 108 -36.02 4.92 -16.56
C ASN B 108 -34.56 5.17 -16.14
N PHE B 109 -33.65 4.53 -16.87
CA PHE B 109 -32.28 4.35 -16.40
C PHE B 109 -31.25 4.90 -17.40
N LEU B 110 -31.66 5.79 -18.31
CA LEU B 110 -30.70 6.34 -19.25
C LEU B 110 -30.11 7.68 -18.78
N GLU B 111 -30.82 8.36 -17.89
CA GLU B 111 -30.30 9.54 -17.22
C GLU B 111 -28.90 9.28 -16.68
N GLY B 112 -27.98 10.16 -16.99
CA GLY B 112 -26.59 10.00 -16.60
C GLY B 112 -25.71 9.61 -17.76
N LEU B 113 -26.30 9.10 -18.84
CA LEU B 113 -25.54 8.89 -20.06
C LEU B 113 -25.12 10.24 -20.68
N SER B 114 -23.91 10.26 -21.22
CA SER B 114 -23.46 11.44 -21.91
C SER B 114 -24.31 11.63 -23.18
N PRO B 115 -24.29 12.84 -23.77
CA PRO B 115 -25.25 13.11 -24.86
C PRO B 115 -24.92 12.35 -26.13
N LEU B 116 -23.63 12.27 -26.50
CA LEU B 116 -23.24 11.45 -27.65
C LEU B 116 -23.80 10.04 -27.50
N ALA B 117 -23.53 9.41 -26.35
CA ALA B 117 -24.02 8.07 -26.04
C ALA B 117 -25.53 7.98 -26.21
N GLN B 118 -26.28 8.90 -25.59
CA GLN B 118 -27.73 8.79 -25.64
C GLN B 118 -28.26 8.83 -27.05
N SER B 119 -27.61 9.62 -27.92
CA SER B 119 -28.04 9.65 -29.31
C SER B 119 -27.88 8.31 -29.97
N VAL B 120 -26.65 7.74 -29.91
CA VAL B 120 -26.31 6.53 -30.64
C VAL B 120 -27.32 5.46 -30.32
N LEU B 121 -27.82 5.51 -29.09
CA LEU B 121 -28.76 4.53 -28.59
C LEU B 121 -30.15 4.79 -29.18
N SER B 122 -30.52 6.08 -29.32
CA SER B 122 -31.77 6.41 -29.99
C SER B 122 -31.68 6.04 -31.46
N THR B 123 -30.53 6.30 -32.06
CA THR B 123 -30.24 5.87 -33.43
C THR B 123 -30.43 4.36 -33.58
N HIS B 124 -29.64 3.57 -32.85
CA HIS B 124 -29.72 2.13 -33.09
C HIS B 124 -30.73 1.44 -32.16
N LYS B 125 -31.82 2.12 -31.88
CA LYS B 125 -32.97 1.53 -31.20
C LYS B 125 -33.50 0.28 -31.89
N GLY B 126 -33.14 0.05 -33.13
CA GLY B 126 -33.64 -1.15 -33.79
C GLY B 126 -32.96 -2.40 -33.28
N LEU B 127 -31.64 -2.35 -33.05
CA LEU B 127 -30.98 -3.53 -32.54
C LEU B 127 -31.31 -3.83 -31.11
N ASN B 128 -32.04 -2.95 -30.44
CA ASN B 128 -32.38 -3.24 -29.08
C ASN B 128 -33.75 -3.96 -29.14
N ASP B 129 -33.58 -5.08 -29.82
CA ASP B 129 -34.49 -6.17 -30.10
C ASP B 129 -33.70 -7.46 -29.85
N SER B 130 -33.06 -7.52 -28.68
CA SER B 130 -32.05 -8.53 -28.33
C SER B 130 -32.63 -9.94 -28.30
N ILE B 131 -32.47 -10.62 -27.16
CA ILE B 131 -33.03 -11.94 -26.84
C ILE B 131 -32.43 -12.43 -25.51
N ASN B 132 -33.29 -12.64 -24.50
CA ASN B 132 -32.93 -13.15 -23.18
C ASN B 132 -33.46 -14.56 -23.02
N ILE B 133 -32.61 -15.49 -22.57
CA ILE B 133 -33.06 -16.89 -22.44
C ILE B 133 -32.24 -17.47 -21.28
N GLU B 134 -32.29 -18.77 -21.06
CA GLU B 134 -31.61 -19.33 -19.90
C GLU B 134 -31.30 -20.80 -20.17
N LYS B 135 -30.27 -21.28 -19.48
CA LYS B 135 -29.83 -22.68 -19.36
C LYS B 135 -28.46 -22.69 -18.66
N LYS B 136 -27.41 -23.12 -19.35
CA LYS B 136 -26.04 -23.20 -18.81
C LYS B 136 -25.04 -23.36 -19.97
N LYS C 7 23.19 65.80 -36.86
CA LYS C 7 21.82 65.52 -36.44
C LYS C 7 21.30 64.19 -36.97
N LEU C 8 20.33 63.62 -36.25
CA LEU C 8 19.57 62.43 -36.66
C LEU C 8 18.16 62.49 -36.08
N SER C 9 17.21 61.84 -36.77
CA SER C 9 15.83 61.84 -36.29
C SER C 9 15.71 61.07 -34.97
N ILE C 10 14.55 61.18 -34.32
CA ILE C 10 14.36 60.55 -33.01
C ILE C 10 14.19 59.04 -33.13
N SER C 11 13.44 58.57 -34.15
CA SER C 11 13.25 57.12 -34.32
C SER C 11 14.56 56.43 -34.67
N GLN C 12 15.55 57.20 -35.15
CA GLN C 12 16.88 56.67 -35.44
C GLN C 12 17.69 56.45 -34.16
N VAL C 13 17.72 57.45 -33.27
CA VAL C 13 18.49 57.32 -32.02
C VAL C 13 17.98 56.15 -31.20
N TYR C 14 16.65 56.01 -31.08
CA TYR C 14 16.05 54.91 -30.31
C TYR C 14 16.28 53.55 -30.97
N HIS C 15 16.35 53.48 -32.30
CA HIS C 15 16.74 52.21 -32.90
C HIS C 15 18.24 51.94 -32.87
N LEU C 16 19.06 52.96 -32.59
CA LEU C 16 20.50 52.73 -32.43
C LEU C 16 20.86 52.32 -30.99
N ALA C 17 20.19 52.90 -29.99
CA ALA C 17 20.35 52.39 -28.64
C ALA C 17 19.93 50.93 -28.55
N GLN C 18 18.83 50.58 -29.24
CA GLN C 18 18.39 49.20 -29.26
C GLN C 18 19.31 48.28 -30.05
N GLU C 19 20.04 48.79 -31.03
CA GLU C 19 20.90 47.86 -31.76
C GLU C 19 22.22 47.63 -31.04
N TYR C 20 22.77 48.65 -30.39
CA TYR C 20 24.08 48.46 -29.76
C TYR C 20 23.99 47.42 -28.64
N ARG C 21 22.90 47.47 -27.88
CA ARG C 21 22.55 46.52 -26.84
C ARG C 21 22.39 45.11 -27.40
N ASP C 22 21.35 44.89 -28.20
CA ASP C 22 21.00 43.55 -28.66
C ASP C 22 22.13 42.87 -29.45
N HIS C 23 23.10 43.64 -29.95
CA HIS C 23 24.27 43.01 -30.56
C HIS C 23 25.22 42.45 -29.52
N ALA C 24 25.48 43.22 -28.45
CA ALA C 24 26.25 42.68 -27.34
C ALA C 24 25.58 41.43 -26.75
N TYR C 25 24.25 41.42 -26.68
CA TYR C 25 23.57 40.26 -26.11
C TYR C 25 23.77 39.00 -26.93
N SER C 26 24.14 39.10 -28.21
CA SER C 26 24.35 37.91 -29.03
C SER C 26 25.82 37.53 -29.18
N ILE C 27 26.73 38.44 -28.88
CA ILE C 27 28.15 38.11 -28.74
C ILE C 27 28.52 37.95 -27.27
N ALA C 28 27.50 37.79 -26.39
CA ALA C 28 27.71 37.69 -24.94
C ALA C 28 28.42 36.40 -24.56
N ASN C 29 28.09 35.28 -25.22
CA ASN C 29 28.68 33.98 -24.90
C ASN C 29 30.01 33.75 -25.59
N LYS C 30 30.69 34.82 -26.01
CA LYS C 30 31.92 34.70 -26.75
C LYS C 30 33.06 35.53 -26.18
N ILE C 31 32.84 36.26 -25.11
CA ILE C 31 33.91 37.05 -24.50
C ILE C 31 34.96 36.09 -23.94
N GLY C 32 36.14 36.12 -24.52
CA GLY C 32 37.21 35.26 -24.07
C GLY C 32 38.47 36.05 -23.79
N SER C 33 38.36 37.36 -23.87
CA SER C 33 39.55 38.19 -23.79
C SER C 33 39.23 39.49 -23.06
N GLU C 34 40.27 40.12 -22.54
CA GLU C 34 40.12 41.47 -22.04
C GLU C 34 39.73 42.42 -23.17
N GLU C 35 40.24 42.14 -24.38
CA GLU C 35 39.78 42.79 -25.59
C GLU C 35 38.27 42.62 -25.74
N GLY C 36 37.84 41.37 -25.93
CA GLY C 36 36.43 41.04 -26.11
C GLY C 36 35.54 41.63 -25.05
N LEU C 37 36.11 41.96 -23.89
CA LEU C 37 35.35 42.61 -22.84
C LEU C 37 35.12 44.09 -23.15
N LYS C 38 36.14 44.79 -23.64
CA LYS C 38 36.00 46.21 -24.00
C LYS C 38 35.14 46.41 -25.24
N GLN C 39 35.10 45.41 -26.14
CA GLN C 39 34.16 45.42 -27.26
C GLN C 39 32.72 45.18 -26.79
N TYR C 40 32.49 44.20 -25.91
CA TYR C 40 31.17 43.99 -25.30
C TYR C 40 30.71 45.23 -24.53
N TYR C 41 31.47 45.59 -23.47
CA TYR C 41 31.15 46.79 -22.69
C TYR C 41 31.43 48.09 -23.43
N GLY C 42 32.03 48.03 -24.63
CA GLY C 42 31.98 49.16 -25.53
C GLY C 42 30.59 49.34 -26.14
N LEU C 43 30.08 48.29 -26.79
CA LEU C 43 28.73 48.31 -27.36
C LEU C 43 27.67 48.72 -26.34
N MET C 44 27.94 48.49 -25.04
CA MET C 44 27.00 48.90 -23.99
C MET C 44 27.16 50.37 -23.62
N ASN C 45 28.38 50.90 -23.65
CA ASN C 45 28.57 52.32 -23.39
C ASN C 45 27.79 53.18 -24.38
N MET C 46 27.85 52.84 -25.66
CA MET C 46 27.15 53.62 -26.68
C MET C 46 25.63 53.56 -26.47
N SER C 47 25.08 52.35 -26.28
CA SER C 47 23.63 52.21 -26.14
C SER C 47 23.10 52.94 -24.91
N ILE C 48 23.91 53.08 -23.86
CA ILE C 48 23.47 53.80 -22.66
C ILE C 48 23.45 55.30 -22.90
N GLN C 49 24.48 55.83 -23.56
CA GLN C 49 24.54 57.27 -23.80
C GLN C 49 23.55 57.69 -24.88
N MET C 50 23.23 56.79 -25.81
CA MET C 50 22.12 57.05 -26.72
C MET C 50 20.83 57.23 -25.94
N PHE C 51 20.54 56.32 -25.01
CA PHE C 51 19.35 56.46 -24.18
C PHE C 51 19.40 57.72 -23.32
N GLN C 52 20.61 58.17 -22.92
CA GLN C 52 20.76 59.44 -22.20
C GLN C 52 20.43 60.64 -23.08
N LEU C 53 20.76 60.56 -24.38
CA LEU C 53 20.41 61.59 -25.34
C LEU C 53 18.90 61.84 -25.40
N LEU C 54 18.13 60.79 -25.69
CA LEU C 54 16.68 60.94 -25.79
C LEU C 54 16.08 61.55 -24.52
N LYS C 55 16.69 61.34 -23.36
CA LYS C 55 16.14 61.91 -22.15
C LYS C 55 16.58 63.35 -21.92
N THR C 56 17.69 63.78 -22.52
CA THR C 56 18.09 65.19 -22.45
C THR C 56 17.74 65.97 -23.73
N LYS C 57 17.98 65.40 -24.92
CA LYS C 57 17.86 66.14 -26.17
C LYS C 57 16.52 65.98 -26.87
N CYS C 58 15.52 65.40 -26.22
CA CYS C 58 14.19 65.35 -26.83
C CYS C 58 13.14 65.68 -25.78
N THR C 59 11.93 65.97 -26.28
CA THR C 59 10.72 66.06 -25.45
C THR C 59 9.98 64.75 -25.68
N LEU C 60 9.92 63.91 -24.65
CA LEU C 60 9.32 62.60 -24.77
C LEU C 60 7.99 62.55 -24.04
N SER C 61 7.03 61.86 -24.64
CA SER C 61 5.71 61.65 -24.05
C SER C 61 5.81 60.72 -22.84
N VAL C 62 4.75 60.65 -22.05
CA VAL C 62 4.81 59.79 -20.86
C VAL C 62 5.07 58.34 -21.25
N LEU C 63 4.49 57.87 -22.36
CA LEU C 63 4.72 56.48 -22.74
C LEU C 63 6.11 56.27 -23.36
N GLU C 64 6.64 57.28 -24.03
CA GLU C 64 7.97 57.14 -24.62
C GLU C 64 9.06 57.29 -23.57
N ASP C 65 8.85 58.21 -22.62
CA ASP C 65 9.80 58.36 -21.52
C ASP C 65 9.90 57.06 -20.74
N SER C 66 8.78 56.41 -20.50
CA SER C 66 8.80 55.15 -19.77
C SER C 66 9.67 54.13 -20.48
N LYS C 67 9.17 53.57 -21.60
CA LYS C 67 9.90 52.54 -22.32
C LYS C 67 11.36 52.91 -22.58
N VAL C 68 11.70 54.20 -22.51
CA VAL C 68 13.10 54.58 -22.64
C VAL C 68 13.82 54.44 -21.31
N THR C 69 13.30 55.08 -20.27
CA THR C 69 13.91 54.94 -18.95
C THR C 69 14.01 53.47 -18.55
N PHE C 70 12.97 52.69 -18.85
CA PHE C 70 13.00 51.28 -18.49
C PHE C 70 14.15 50.57 -19.19
N GLU C 71 14.17 50.62 -20.52
CA GLU C 71 15.20 49.88 -21.26
C GLU C 71 16.59 50.32 -20.89
N MET C 72 16.75 51.58 -20.50
CA MET C 72 18.04 52.17 -20.18
C MET C 72 18.52 51.79 -18.77
N VAL C 73 17.63 51.88 -17.78
CA VAL C 73 17.99 51.51 -16.43
C VAL C 73 18.32 50.01 -16.35
N GLU C 74 17.60 49.18 -17.14
CA GLU C 74 17.98 47.78 -17.29
C GLU C 74 19.48 47.64 -17.54
N LEU C 75 20.04 48.45 -18.43
CA LEU C 75 21.46 48.33 -18.70
C LEU C 75 22.27 48.94 -17.57
N LEU C 76 21.80 50.03 -16.98
CA LEU C 76 22.53 50.54 -15.82
C LEU C 76 22.66 49.48 -14.75
N ILE C 77 21.57 48.73 -14.50
CA ILE C 77 21.48 47.76 -13.40
C ILE C 77 22.25 46.47 -13.72
N GLN C 78 22.03 45.91 -14.90
CA GLN C 78 22.68 44.68 -15.32
C GLN C 78 24.11 44.88 -15.83
N GLU C 79 24.60 46.12 -16.00
CA GLU C 79 25.93 46.34 -16.59
C GLU C 79 26.86 47.25 -15.81
N THR C 80 26.37 48.08 -14.91
CA THR C 80 27.22 49.03 -14.18
C THR C 80 27.09 48.82 -12.67
N TYR C 81 27.80 49.65 -11.91
CA TYR C 81 27.63 49.77 -10.47
C TYR C 81 27.03 51.11 -10.08
N ASN C 82 26.46 51.84 -11.06
CA ASN C 82 25.93 53.20 -10.90
C ASN C 82 24.49 53.18 -10.38
N PHE C 83 24.34 52.70 -9.16
CA PHE C 83 22.99 52.46 -8.64
C PHE C 83 22.30 53.74 -8.20
N ASP C 84 23.01 54.65 -7.52
CA ASP C 84 22.36 55.92 -7.20
C ASP C 84 21.79 56.59 -8.45
N LEU C 85 22.46 56.42 -9.60
CA LEU C 85 22.03 57.05 -10.85
C LEU C 85 20.67 56.53 -11.31
N ALA C 86 20.55 55.22 -11.54
CA ALA C 86 19.27 54.65 -11.91
C ALA C 86 18.18 54.96 -10.89
N GLU C 87 18.51 55.02 -9.60
CA GLU C 87 17.49 55.42 -8.63
C GLU C 87 17.02 56.86 -8.87
N LEU C 88 17.86 57.73 -9.45
CA LEU C 88 17.38 59.05 -9.87
C LEU C 88 16.55 58.96 -11.14
N TYR C 89 17.04 58.28 -12.18
CA TYR C 89 16.21 58.08 -13.37
C TYR C 89 14.88 57.40 -13.03
N ILE C 90 14.87 56.43 -12.12
CA ILE C 90 13.61 55.78 -11.79
C ILE C 90 12.78 56.66 -10.85
N SER C 91 13.41 57.53 -10.06
CA SER C 91 12.59 58.42 -9.21
C SER C 91 12.03 59.59 -10.01
N SER C 92 12.74 60.04 -11.05
CA SER C 92 12.27 61.11 -11.93
C SER C 92 11.05 60.68 -12.74
N LEU C 93 11.19 59.61 -13.52
CA LEU C 93 10.06 59.08 -14.25
C LEU C 93 8.88 58.81 -13.35
N LYS C 94 9.14 58.25 -12.17
CA LYS C 94 8.06 57.93 -11.24
C LYS C 94 7.33 59.20 -10.80
N GLU C 95 8.08 60.24 -10.42
CA GLU C 95 7.35 61.38 -9.91
C GLU C 95 6.76 62.21 -11.04
N ARG C 96 7.33 62.12 -12.26
CA ARG C 96 6.69 62.73 -13.43
C ARG C 96 5.31 62.09 -13.66
N LEU C 97 5.26 60.76 -13.74
CA LEU C 97 4.01 60.05 -13.90
C LEU C 97 2.98 60.38 -12.83
N GLN C 98 3.42 60.86 -11.67
CA GLN C 98 2.54 61.25 -10.57
C GLN C 98 2.09 62.71 -10.65
N THR C 99 2.69 63.52 -11.53
CA THR C 99 2.22 64.88 -11.77
C THR C 99 0.88 64.85 -12.51
N HIS C 100 0.71 63.90 -13.42
CA HIS C 100 -0.57 63.69 -14.09
C HIS C 100 -1.61 63.12 -13.12
N GLN C 101 -1.26 62.00 -12.48
CA GLN C 101 -2.01 61.24 -11.47
C GLN C 101 -3.46 61.00 -11.90
N SER C 102 -4.38 60.96 -10.93
CA SER C 102 -5.81 60.66 -11.06
C SER C 102 -6.53 61.35 -12.25
N ASP C 103 -5.83 62.21 -12.99
CA ASP C 103 -6.37 62.68 -14.25
C ASP C 103 -6.38 61.58 -15.32
N THR C 104 -5.67 60.48 -15.09
CA THR C 104 -5.51 59.42 -16.08
C THR C 104 -5.37 58.07 -15.37
N ASP C 105 -5.10 57.04 -16.19
CA ASP C 105 -4.75 55.74 -15.66
C ASP C 105 -3.26 55.75 -15.34
N LEU C 106 -2.43 55.09 -16.16
CA LEU C 106 -0.99 54.96 -15.92
C LEU C 106 -0.60 54.13 -14.69
N VAL C 107 -1.43 53.20 -14.24
CA VAL C 107 -1.03 52.47 -13.04
C VAL C 107 0.22 51.64 -13.32
N GLU C 108 0.27 50.95 -14.46
CA GLU C 108 1.39 50.04 -14.73
C GLU C 108 2.75 50.70 -14.68
N GLU C 109 2.88 51.91 -15.24
CA GLU C 109 4.20 52.55 -15.25
C GLU C 109 4.67 52.90 -13.85
N ILE C 110 3.75 53.37 -12.99
CA ILE C 110 4.13 53.74 -11.63
C ILE C 110 4.48 52.50 -10.82
N MET C 111 3.63 51.46 -10.88
CA MET C 111 3.94 50.24 -10.15
C MET C 111 5.27 49.66 -10.61
N ARG C 112 5.52 49.65 -11.93
CA ARG C 112 6.82 49.12 -12.38
C ARG C 112 7.97 49.96 -11.82
N CYS C 113 7.75 51.25 -11.60
CA CYS C 113 8.80 52.03 -10.94
C CYS C 113 9.01 51.57 -9.51
N GLU C 114 7.93 51.39 -8.77
CA GLU C 114 8.07 50.90 -7.41
C GLU C 114 8.81 49.55 -7.39
N PHE C 115 8.54 48.68 -8.38
CA PHE C 115 9.26 47.42 -8.47
C PHE C 115 10.77 47.63 -8.63
N LEU C 116 11.17 48.54 -9.52
CA LEU C 116 12.60 48.85 -9.66
C LEU C 116 13.17 49.56 -8.43
N LEU C 117 12.44 50.47 -7.81
CA LEU C 117 12.95 51.07 -6.57
C LEU C 117 13.04 50.06 -5.42
N LEU C 118 12.02 49.20 -5.28
CA LEU C 118 11.90 48.35 -4.10
C LEU C 118 12.41 46.91 -4.28
N HIS C 119 12.48 46.38 -5.49
CA HIS C 119 12.96 45.02 -5.69
C HIS C 119 14.27 45.04 -6.48
N ASP C 120 14.24 45.30 -7.79
CA ASP C 120 15.43 45.04 -8.61
C ASP C 120 16.65 45.80 -8.12
N LEU C 121 16.50 47.10 -7.80
CA LEU C 121 17.68 47.88 -7.43
C LEU C 121 18.29 47.41 -6.11
N PRO C 122 17.54 47.30 -5.00
CA PRO C 122 18.18 46.87 -3.77
C PRO C 122 18.82 45.48 -3.86
N LEU C 123 18.31 44.60 -4.73
CA LEU C 123 18.95 43.29 -4.88
C LEU C 123 20.31 43.44 -5.55
N MET C 124 20.38 44.17 -6.66
CA MET C 124 21.66 44.34 -7.33
C MET C 124 22.63 45.12 -6.46
N ARG C 125 22.12 46.02 -5.62
CA ARG C 125 22.95 46.74 -4.64
C ARG C 125 23.61 45.78 -3.66
N ASP C 126 22.79 45.02 -2.92
CA ASP C 126 23.26 44.06 -1.92
C ASP C 126 23.86 44.78 -0.72
N SER C 127 23.18 45.81 -0.24
CA SER C 127 23.64 46.61 0.89
C SER C 127 22.61 46.59 1.99
N LYS C 128 23.03 46.23 3.21
CA LYS C 128 22.12 46.23 4.35
C LYS C 128 21.55 47.64 4.59
N PHE C 129 22.37 48.68 4.36
CA PHE C 129 21.88 50.04 4.52
C PHE C 129 20.73 50.30 3.58
N HIS C 130 20.90 49.96 2.29
CA HIS C 130 19.89 50.23 1.27
C HIS C 130 18.69 49.28 1.41
N TYR C 131 18.94 47.98 1.58
CA TYR C 131 17.87 47.04 1.85
C TYR C 131 16.94 47.53 2.97
N LYS C 132 17.52 47.99 4.08
CA LYS C 132 16.72 48.49 5.20
C LYS C 132 15.81 49.62 4.75
N ILE C 133 16.27 50.43 3.80
CA ILE C 133 15.49 51.57 3.33
C ILE C 133 14.37 51.10 2.40
N ALA C 134 14.71 50.30 1.39
CA ALA C 134 13.67 49.73 0.52
C ALA C 134 12.59 49.07 1.35
N LEU C 135 12.97 48.40 2.43
CA LEU C 135 11.97 47.79 3.30
C LEU C 135 11.04 48.82 3.90
N ARG C 136 11.63 49.85 4.53
CA ARG C 136 10.84 50.93 5.11
C ARG C 136 9.84 51.51 4.11
N ASN C 137 10.30 51.77 2.88
CA ASN C 137 9.41 52.35 1.89
C ASN C 137 8.34 51.36 1.46
N CYS C 138 8.74 50.11 1.18
CA CYS C 138 7.78 49.10 0.74
C CYS C 138 6.69 48.86 1.77
N ASN C 139 7.04 48.95 3.06
CA ASN C 139 6.01 48.90 4.10
C ASN C 139 5.08 50.09 4.01
N GLU C 140 5.64 51.29 3.88
CA GLU C 140 4.83 52.48 3.71
C GLU C 140 3.95 52.38 2.45
N LEU C 141 4.52 51.89 1.36
CA LEU C 141 3.75 51.70 0.13
C LEU C 141 2.56 50.80 0.36
N VAL C 142 2.81 49.60 0.90
CA VAL C 142 1.74 48.63 1.04
C VAL C 142 0.66 49.16 1.97
N GLN C 143 1.06 49.80 3.07
CA GLN C 143 0.07 50.29 4.02
C GLN C 143 -0.82 51.35 3.39
N TYR C 144 -0.34 52.04 2.36
CA TYR C 144 -1.13 53.09 1.74
C TYR C 144 -2.11 52.52 0.72
N MET C 145 -1.72 51.45 0.02
CA MET C 145 -2.54 50.88 -1.03
C MET C 145 -3.64 49.99 -0.49
N VAL C 146 -3.41 49.29 0.63
CA VAL C 146 -4.44 48.41 1.15
C VAL C 146 -5.70 49.16 1.53
N ASN C 147 -5.64 50.50 1.56
CA ASN C 147 -6.77 51.35 1.88
C ASN C 147 -7.63 51.68 0.66
N LEU C 148 -7.33 51.11 -0.49
CA LEU C 148 -8.04 51.40 -1.73
C LEU C 148 -8.83 50.16 -2.14
N GLN C 149 -10.14 50.31 -2.31
CA GLN C 149 -10.95 49.11 -2.55
C GLN C 149 -10.73 48.52 -3.94
N ASP C 150 -10.01 49.21 -4.83
CA ASP C 150 -9.84 48.71 -6.19
C ASP C 150 -9.20 47.33 -6.18
N GLU C 151 -9.63 46.47 -7.12
CA GLU C 151 -9.03 45.15 -7.23
C GLU C 151 -7.60 45.23 -7.78
N LEU C 152 -7.25 46.33 -8.47
CA LEU C 152 -5.88 46.50 -8.97
C LEU C 152 -4.94 46.83 -7.80
N TYR C 153 -5.37 47.74 -6.93
CA TYR C 153 -4.59 48.19 -5.78
C TYR C 153 -4.53 47.16 -4.65
N GLN C 154 -5.47 46.22 -4.61
CA GLN C 154 -5.30 45.10 -3.69
C GLN C 154 -4.36 44.04 -4.26
N ASN C 155 -4.49 43.74 -5.56
CA ASN C 155 -3.60 42.78 -6.20
C ASN C 155 -2.18 43.31 -6.28
N TRP C 156 -2.01 44.63 -6.48
CA TRP C 156 -0.65 45.19 -6.49
C TRP C 156 -0.02 45.19 -5.10
N ALA C 157 -0.82 45.34 -4.04
CA ALA C 157 -0.25 45.27 -2.69
C ALA C 157 0.28 43.87 -2.38
N SER C 158 -0.45 42.83 -2.82
CA SER C 158 0.06 41.48 -2.65
C SER C 158 1.41 41.30 -3.34
N VAL C 159 1.64 41.97 -4.48
CA VAL C 159 2.96 41.91 -5.12
C VAL C 159 4.03 42.55 -4.24
N PHE C 160 3.75 43.71 -3.66
CA PHE C 160 4.81 44.34 -2.90
C PHE C 160 4.93 43.78 -1.49
N GLN C 161 3.87 43.16 -0.96
CA GLN C 161 4.02 42.31 0.22
C GLN C 161 4.97 41.14 -0.06
N TYR C 162 4.95 40.61 -1.29
CA TYR C 162 5.98 39.62 -1.63
C TYR C 162 7.35 40.27 -1.63
N VAL C 163 7.45 41.46 -2.22
CA VAL C 163 8.73 42.18 -2.22
C VAL C 163 9.14 42.56 -0.80
N GLY C 164 8.16 42.91 0.05
CA GLY C 164 8.45 43.13 1.46
C GLY C 164 9.08 41.91 2.12
N VAL C 165 8.60 40.73 1.78
CA VAL C 165 9.22 39.51 2.29
C VAL C 165 10.65 39.36 1.75
N MET C 166 10.81 39.30 0.42
CA MET C 166 12.14 39.01 -0.15
C MET C 166 13.20 39.92 0.45
N LEU C 167 12.80 41.14 0.87
CA LEU C 167 13.73 42.05 1.54
C LEU C 167 14.08 41.58 2.95
N CYS C 168 13.08 41.18 3.75
CA CYS C 168 13.39 40.68 5.08
C CYS C 168 14.33 39.49 5.00
N ILE C 169 14.20 38.70 3.94
CA ILE C 169 15.09 37.56 3.72
C ILE C 169 16.54 38.01 3.56
N LYS C 170 16.78 39.01 2.71
CA LYS C 170 18.15 39.50 2.56
C LYS C 170 18.65 40.15 3.83
N LEU C 171 17.75 40.71 4.64
CA LEU C 171 18.14 41.27 5.93
C LEU C 171 18.21 40.22 7.04
N LYS C 172 17.85 38.97 6.76
CA LYS C 172 17.95 37.85 7.71
C LYS C 172 17.04 38.03 8.92
N GLN C 173 15.88 38.65 8.75
CA GLN C 173 14.93 38.88 9.85
C GLN C 173 13.93 37.74 9.86
N HIS C 174 14.40 36.60 10.34
CA HIS C 174 13.69 35.36 10.13
C HIS C 174 12.33 35.31 10.81
N ARG C 175 12.10 36.14 11.83
CA ARG C 175 10.77 36.16 12.42
C ARG C 175 9.75 36.88 11.54
N ARG C 176 10.16 37.95 10.89
CA ARG C 176 9.25 38.63 10.01
C ARG C 176 8.97 37.72 8.84
N VAL C 177 10.01 37.09 8.34
CA VAL C 177 9.90 36.29 7.12
C VAL C 177 8.84 35.21 7.33
N LYS C 178 8.90 34.51 8.47
CA LYS C 178 7.88 33.51 8.77
C LYS C 178 6.54 34.15 9.14
N THR C 179 6.57 35.27 9.87
CA THR C 179 5.32 35.97 10.16
C THR C 179 4.71 36.51 8.88
N SER C 180 5.52 37.26 8.12
CA SER C 180 5.04 37.87 6.90
C SER C 180 4.59 36.82 5.89
N PHE C 181 5.43 35.81 5.63
CA PHE C 181 5.03 34.76 4.70
C PHE C 181 3.72 34.10 5.10
N HIS C 182 3.37 34.06 6.40
CA HIS C 182 2.12 33.41 6.78
C HIS C 182 0.92 34.33 6.61
N GLY C 183 0.99 35.54 7.17
CA GLY C 183 -0.11 36.49 6.99
C GLY C 183 -0.36 36.81 5.53
N LEU C 184 0.69 36.82 4.72
CA LEU C 184 0.52 37.04 3.28
C LEU C 184 -0.25 35.88 2.66
N LEU C 185 0.16 34.66 2.96
CA LEU C 185 -0.48 33.51 2.34
C LEU C 185 -1.96 33.41 2.73
N SER C 186 -2.31 33.82 3.96
CA SER C 186 -3.70 33.74 4.42
C SER C 186 -4.64 34.59 3.59
N GLN C 187 -4.10 35.59 2.86
CA GLN C 187 -4.89 36.50 2.07
C GLN C 187 -5.09 36.02 0.64
N CYS C 188 -4.38 35.00 0.20
CA CYS C 188 -4.38 34.58 -1.20
C CYS C 188 -5.48 33.57 -1.51
N ARG C 189 -6.02 33.69 -2.73
CA ARG C 189 -7.08 32.83 -3.22
C ARG C 189 -6.62 31.38 -3.27
N GLU C 190 -7.37 30.50 -2.59
CA GLU C 190 -6.95 29.11 -2.49
C GLU C 190 -6.82 28.50 -3.89
N LYS C 191 -5.84 27.60 -4.04
CA LYS C 191 -5.61 26.88 -5.30
C LYS C 191 -5.41 27.82 -6.51
N SER C 192 -4.88 29.02 -6.25
CA SER C 192 -4.55 29.99 -7.30
C SER C 192 -3.08 29.88 -7.70
N GLN C 193 -2.78 30.08 -8.98
CA GLN C 193 -1.38 30.02 -9.40
C GLN C 193 -0.51 30.95 -8.56
N TRP C 194 -1.11 31.96 -7.92
CA TRP C 194 -0.35 32.92 -7.12
C TRP C 194 0.00 32.38 -5.74
N LYS C 195 -1.02 32.00 -4.94
CA LYS C 195 -0.77 31.46 -3.60
C LYS C 195 0.20 30.30 -3.65
N TRP C 196 0.10 29.46 -4.66
CA TRP C 196 1.01 28.33 -4.74
C TRP C 196 2.43 28.79 -5.08
N PHE C 197 2.58 29.85 -5.87
CA PHE C 197 3.92 30.37 -6.11
C PHE C 197 4.51 30.93 -4.82
N LEU C 198 3.74 31.77 -4.11
CA LEU C 198 4.21 32.24 -2.82
C LEU C 198 4.50 31.08 -1.86
N ASN C 199 3.75 29.98 -1.93
CA ASN C 199 4.06 28.85 -1.05
C ASN C 199 5.39 28.18 -1.43
N LEU C 200 5.63 27.96 -2.73
CA LEU C 200 6.92 27.43 -3.16
C LEU C 200 8.09 28.29 -2.74
N CYS C 201 7.89 29.61 -2.57
CA CYS C 201 8.97 30.45 -2.08
C CYS C 201 9.20 30.25 -0.59
N TYR C 202 8.14 30.03 0.17
CA TYR C 202 8.24 29.80 1.61
C TYR C 202 9.01 28.51 1.86
N VAL C 203 8.52 27.41 1.28
CA VAL C 203 9.16 26.10 1.39
C VAL C 203 10.63 26.18 1.01
N ASN C 204 10.93 26.66 -0.19
CA ASN C 204 12.33 26.74 -0.61
C ASN C 204 13.12 27.67 0.29
N TYR C 205 12.46 28.62 0.94
CA TYR C 205 13.22 29.47 1.85
C TYR C 205 13.56 28.75 3.13
N LEU C 206 12.61 27.95 3.65
CA LEU C 206 12.88 27.22 4.88
C LEU C 206 13.97 26.18 4.66
N LEU C 207 13.91 25.44 3.54
CA LEU C 207 14.95 24.47 3.23
C LEU C 207 16.34 25.12 3.14
N ASN C 208 16.43 26.35 2.62
CA ASN C 208 17.74 27.01 2.51
C ASN C 208 18.31 27.29 3.89
N GLU C 209 17.46 27.48 4.89
CA GLU C 209 17.88 27.71 6.27
C GLU C 209 17.73 26.46 7.15
N ARG C 210 17.23 25.36 6.59
CA ARG C 210 16.97 24.14 7.36
C ARG C 210 15.97 24.38 8.47
N PHE C 211 15.05 25.32 8.26
CA PHE C 211 13.96 25.53 9.18
C PHE C 211 12.92 24.41 9.07
N PRO C 212 12.23 24.11 10.16
CA PRO C 212 11.12 23.15 10.11
C PRO C 212 9.96 23.71 9.33
N ILE C 213 9.36 22.86 8.50
CA ILE C 213 8.35 23.28 7.54
C ILE C 213 6.95 23.00 8.12
N PRO C 214 6.17 24.03 8.47
CA PRO C 214 4.85 23.80 9.08
C PRO C 214 3.93 22.95 8.22
N GLU C 215 2.95 22.33 8.88
CA GLU C 215 2.11 21.33 8.22
C GLU C 215 1.21 21.95 7.15
N ASP C 216 0.46 23.01 7.51
CA ASP C 216 -0.40 23.66 6.52
C ASP C 216 0.42 24.09 5.31
N ALA C 217 1.63 24.59 5.56
CA ALA C 217 2.55 24.86 4.46
C ALA C 217 2.88 23.59 3.70
N LEU C 218 3.04 22.47 4.41
CA LEU C 218 3.37 21.21 3.75
C LEU C 218 2.20 20.65 2.94
N GLN C 219 0.98 20.73 3.48
CA GLN C 219 -0.14 20.27 2.65
C GLN C 219 -0.42 21.24 1.52
N GLU C 220 -0.22 22.54 1.73
CA GLU C 220 -0.32 23.52 0.66
C GLU C 220 0.62 23.20 -0.50
N LEU C 221 1.79 22.62 -0.21
CA LEU C 221 2.71 22.22 -1.27
C LEU C 221 2.24 20.99 -2.03
N ARG C 222 1.78 19.94 -1.32
CA ARG C 222 1.34 18.72 -2.00
C ARG C 222 0.10 18.92 -2.86
N SER C 223 -0.74 19.93 -2.57
CA SER C 223 -1.98 20.15 -3.30
C SER C 223 -1.78 20.98 -4.57
N THR C 224 -0.53 21.26 -4.93
CA THR C 224 -0.22 21.91 -6.19
C THR C 224 -0.57 21.04 -7.40
N GLU C 225 -1.32 21.63 -8.34
CA GLU C 225 -1.88 20.98 -9.52
C GLU C 225 -1.22 21.47 -10.81
N LEU C 226 -0.78 20.53 -11.67
CA LEU C 226 0.00 20.91 -12.86
C LEU C 226 -0.77 21.88 -13.76
N HIS C 227 -2.07 21.67 -13.94
CA HIS C 227 -2.82 22.45 -14.93
C HIS C 227 -3.19 23.84 -14.42
N THR C 228 -3.12 24.05 -13.10
CA THR C 228 -3.34 25.35 -12.46
C THR C 228 -2.04 26.08 -12.14
N VAL C 229 -0.90 25.44 -12.41
CA VAL C 229 0.40 26.05 -12.09
C VAL C 229 1.41 25.92 -13.22
N GLY C 230 1.27 24.97 -14.16
CA GLY C 230 2.10 24.96 -15.34
C GLY C 230 3.46 24.29 -15.20
N PRO C 231 3.99 23.74 -16.31
CA PRO C 231 5.15 22.83 -16.23
C PRO C 231 6.40 23.42 -15.58
N GLU C 232 6.62 24.73 -15.66
CA GLU C 232 7.79 25.33 -15.01
C GLU C 232 7.63 25.32 -13.49
N LEU C 233 6.56 25.93 -12.97
CA LEU C 233 6.37 25.97 -11.51
C LEU C 233 6.10 24.58 -10.92
N TYR C 234 5.53 23.65 -11.69
CA TYR C 234 5.34 22.30 -11.12
C TYR C 234 6.66 21.57 -10.97
N ALA C 235 7.54 21.69 -11.97
CA ALA C 235 8.91 21.18 -11.84
C ALA C 235 9.63 21.80 -10.64
N TRP C 236 9.10 22.89 -10.11
CA TRP C 236 9.64 23.41 -8.85
C TRP C 236 9.02 22.68 -7.66
N LYS C 237 7.70 22.41 -7.70
CA LYS C 237 7.06 21.64 -6.64
C LYS C 237 7.67 20.25 -6.50
N LEU C 238 7.98 19.60 -7.62
CA LEU C 238 8.60 18.29 -7.50
C LEU C 238 10.00 18.40 -6.95
N ALA C 239 10.79 19.36 -7.43
CA ALA C 239 12.13 19.54 -6.89
C ALA C 239 12.11 19.78 -5.40
N LEU C 240 11.15 20.56 -4.90
CA LEU C 240 11.16 20.81 -3.46
C LEU C 240 10.85 19.54 -2.67
N GLU C 241 9.91 18.71 -3.15
CA GLU C 241 9.57 17.49 -2.41
C GLU C 241 10.78 16.57 -2.27
N MET C 242 11.42 16.24 -3.40
CA MET C 242 12.70 15.54 -3.40
C MET C 242 13.65 16.05 -2.30
N VAL C 243 13.89 17.37 -2.29
CA VAL C 243 14.87 17.95 -1.36
C VAL C 243 14.44 17.77 0.08
N ILE C 244 13.13 17.79 0.36
CA ILE C 244 12.70 17.56 1.73
C ILE C 244 13.11 16.16 2.18
N GLN C 245 12.94 15.17 1.30
CA GLN C 245 13.42 13.80 1.58
C GLN C 245 14.94 13.77 1.81
N LEU C 246 15.73 14.26 0.85
CA LEU C 246 17.17 14.31 1.02
C LEU C 246 17.57 14.92 2.35
N CYS C 247 16.74 15.79 2.90
CA CYS C 247 17.07 16.42 4.17
C CYS C 247 16.74 15.54 5.38
N LYS C 248 15.62 14.81 5.32
CA LYS C 248 15.24 13.83 6.33
C LYS C 248 15.79 12.41 6.04
N ASP C 249 16.73 12.30 5.10
CA ASP C 249 17.28 11.03 4.60
C ASP C 249 16.25 9.94 4.33
N GLY C 250 14.99 10.29 4.06
CA GLY C 250 14.02 9.31 3.65
C GLY C 250 14.36 8.72 2.28
N ASN C 251 13.41 7.99 1.72
CA ASN C 251 13.57 7.35 0.42
C ASN C 251 12.98 8.18 -0.71
N ILE C 252 13.71 8.19 -1.83
CA ILE C 252 13.41 9.02 -2.98
C ILE C 252 12.93 8.19 -4.17
N THR C 253 12.50 6.94 -3.96
CA THR C 253 12.07 6.18 -5.13
C THR C 253 10.67 6.59 -5.56
N ASP C 254 9.78 6.92 -4.61
CA ASP C 254 8.50 7.49 -5.03
C ASP C 254 8.68 8.82 -5.76
N HIS C 255 9.63 9.64 -5.32
CA HIS C 255 9.79 10.94 -5.96
C HIS C 255 10.42 10.81 -7.34
N LEU C 256 11.53 10.08 -7.43
CA LEU C 256 12.17 9.88 -8.73
C LEU C 256 11.20 9.25 -9.72
N ASN C 257 10.07 8.72 -9.25
CA ASN C 257 9.03 8.15 -10.10
C ASN C 257 7.99 9.18 -10.57
N GLU C 258 7.53 10.09 -9.71
CA GLU C 258 6.70 11.17 -10.22
C GLU C 258 7.47 12.03 -11.23
N PHE C 259 8.76 12.25 -10.96
CA PHE C 259 9.63 12.94 -11.91
C PHE C 259 9.80 12.17 -13.22
N LYS C 260 9.70 10.83 -13.18
CA LYS C 260 9.73 10.04 -14.40
C LYS C 260 8.39 10.10 -15.15
N ASN C 261 7.25 10.11 -14.42
CA ASN C 261 5.94 10.31 -15.05
C ASN C 261 5.77 11.72 -15.59
N PHE C 262 6.32 12.70 -14.87
CA PHE C 262 6.20 14.09 -15.29
C PHE C 262 6.86 14.30 -16.64
N PHE C 263 8.13 13.90 -16.76
CA PHE C 263 8.90 14.16 -17.98
C PHE C 263 8.25 13.54 -19.22
N ASP C 264 7.52 12.44 -19.03
CA ASP C 264 6.90 11.73 -20.16
C ASP C 264 5.70 12.46 -20.75
N THR C 265 5.02 13.32 -19.99
CA THR C 265 3.90 14.09 -20.54
C THR C 265 4.22 15.57 -20.71
N ASN C 266 5.43 16.01 -20.30
CA ASN C 266 5.78 17.43 -20.37
C ASN C 266 7.26 17.69 -20.71
N LYS C 267 8.00 16.75 -21.32
CA LYS C 267 9.39 17.04 -21.67
C LYS C 267 9.49 18.19 -22.67
N GLN C 268 8.66 18.13 -23.72
CA GLN C 268 8.67 19.15 -24.76
C GLN C 268 8.30 20.54 -24.22
N SER C 269 7.51 20.61 -23.16
CA SER C 269 7.19 21.90 -22.56
C SER C 269 8.43 22.62 -22.04
N LEU C 270 9.43 21.88 -21.53
CA LEU C 270 10.66 22.47 -20.98
C LEU C 270 11.79 22.62 -22.00
N VAL C 271 11.66 22.06 -23.20
CA VAL C 271 12.72 22.19 -24.20
C VAL C 271 12.42 23.34 -25.17
N THR C 272 11.17 23.42 -25.67
CA THR C 272 10.79 24.48 -26.60
C THR C 272 10.68 25.83 -25.89
N ASN C 273 10.05 25.86 -24.71
CA ASN C 273 9.86 27.10 -23.97
C ASN C 273 11.15 27.60 -23.32
N GLU C 274 12.25 26.88 -23.48
CA GLU C 274 13.53 27.26 -22.87
C GLU C 274 13.93 28.68 -23.26
N GLY C 275 14.06 29.54 -22.27
CA GLY C 275 14.37 30.95 -22.49
C GLY C 275 13.16 31.83 -22.31
N LYS C 276 11.99 31.34 -22.76
CA LYS C 276 10.77 32.14 -22.85
C LYS C 276 10.14 32.42 -21.49
N GLY C 277 10.68 31.85 -20.42
CA GLY C 277 10.21 32.09 -19.07
C GLY C 277 8.80 31.66 -18.71
N CYS C 278 8.44 31.98 -17.47
CA CYS C 278 7.14 31.69 -16.88
C CYS C 278 6.45 32.99 -16.49
N VAL C 279 5.18 33.15 -16.87
CA VAL C 279 4.44 34.37 -16.56
C VAL C 279 3.28 34.04 -15.64
N ILE C 280 3.20 34.73 -14.51
CA ILE C 280 2.16 34.53 -13.50
C ILE C 280 1.18 35.70 -13.60
N LYS C 281 0.08 35.50 -14.34
CA LYS C 281 -0.94 36.54 -14.45
C LYS C 281 -1.79 36.52 -13.20
N ILE C 282 -1.49 37.43 -12.27
CA ILE C 282 -2.29 37.59 -11.07
C ILE C 282 -3.60 38.28 -11.40
N MET C 283 -3.56 39.17 -12.39
CA MET C 283 -4.71 39.94 -12.82
C MET C 283 -4.43 40.34 -14.27
N PRO C 284 -5.41 40.93 -14.95
CA PRO C 284 -5.07 41.67 -16.17
C PRO C 284 -4.15 42.85 -15.87
N ARG C 285 -3.02 42.89 -16.57
CA ARG C 285 -2.01 43.95 -16.46
C ARG C 285 -1.25 43.91 -15.11
N ILE C 286 -1.27 42.76 -14.44
CA ILE C 286 -0.38 42.43 -13.33
C ILE C 286 0.21 41.06 -13.66
N ALA C 287 1.28 41.05 -14.44
CA ALA C 287 1.89 39.81 -14.89
C ALA C 287 3.34 39.80 -14.41
N LEU C 288 3.70 38.75 -13.68
CA LEU C 288 5.04 38.60 -13.13
C LEU C 288 5.79 37.54 -13.92
N LYS C 289 7.00 37.86 -14.37
CA LYS C 289 7.87 36.91 -15.06
C LYS C 289 8.85 36.31 -14.04
N VAL C 290 9.01 34.98 -14.09
CA VAL C 290 9.90 34.23 -13.20
C VAL C 290 10.87 33.43 -14.05
N GLU C 291 12.17 33.64 -13.83
CA GLU C 291 13.20 32.88 -14.53
C GLU C 291 13.94 32.06 -13.48
N LEU C 292 13.89 30.73 -13.62
CA LEU C 292 14.61 29.80 -12.75
C LEU C 292 15.39 28.83 -13.63
N PRO C 293 16.66 29.14 -13.91
CA PRO C 293 17.36 28.44 -15.00
C PRO C 293 17.66 26.98 -14.69
N MET C 294 18.10 26.71 -13.46
CA MET C 294 18.43 25.34 -13.07
C MET C 294 17.22 24.42 -13.14
N ILE C 295 16.03 24.95 -12.89
CA ILE C 295 14.86 24.11 -12.69
C ILE C 295 14.04 24.01 -13.95
N PHE C 296 14.04 25.06 -14.80
CA PHE C 296 13.06 25.16 -15.88
C PHE C 296 13.53 24.58 -17.20
N HIS C 297 14.82 24.67 -17.52
CA HIS C 297 15.34 24.14 -18.77
C HIS C 297 15.58 22.66 -18.59
N TYR C 298 15.04 21.84 -19.50
CA TYR C 298 14.95 20.40 -19.26
C TYR C 298 16.30 19.78 -18.91
N LYS C 299 17.32 20.01 -19.74
CA LYS C 299 18.66 19.48 -19.46
C LYS C 299 19.15 19.91 -18.08
N GLU C 300 19.15 21.22 -17.81
CA GLU C 300 19.71 21.72 -16.55
C GLU C 300 19.01 21.11 -15.34
N LEU C 301 17.76 20.67 -15.49
CA LEU C 301 17.03 20.06 -14.38
C LEU C 301 17.54 18.64 -14.12
N LYS C 302 17.73 17.85 -15.19
CA LYS C 302 18.25 16.49 -15.06
C LYS C 302 19.63 16.46 -14.44
N ASN C 303 20.46 17.47 -14.70
CA ASN C 303 21.78 17.50 -14.08
C ASN C 303 21.68 17.76 -12.59
N ILE C 304 20.82 18.69 -12.18
CA ILE C 304 20.53 18.90 -10.77
C ILE C 304 19.99 17.64 -10.12
N LEU C 305 18.91 17.10 -10.70
CA LEU C 305 18.17 16.00 -10.12
C LEU C 305 19.06 14.76 -9.95
N LEU C 306 20.07 14.62 -10.82
CA LEU C 306 21.03 13.53 -10.72
C LEU C 306 22.05 13.79 -9.60
N LEU C 307 22.51 15.04 -9.44
CA LEU C 307 23.36 15.35 -8.29
C LEU C 307 22.64 15.09 -6.98
N LEU C 308 21.32 15.29 -6.96
CA LEU C 308 20.56 14.94 -5.75
C LEU C 308 20.50 13.43 -5.54
N GLN C 309 20.05 12.67 -6.55
CA GLN C 309 20.02 11.22 -6.41
C GLN C 309 21.37 10.66 -5.96
N SER C 310 22.48 11.31 -6.37
CA SER C 310 23.83 10.89 -5.99
C SER C 310 24.24 11.30 -4.58
N VAL C 311 23.69 12.39 -4.04
CA VAL C 311 24.03 12.75 -2.65
C VAL C 311 23.22 11.92 -1.65
N SER C 312 22.06 11.37 -2.03
CA SER C 312 21.31 10.51 -1.11
C SER C 312 22.01 9.17 -0.89
N TYR C 313 22.57 8.58 -1.95
CA TYR C 313 23.18 7.28 -1.87
C TYR C 313 24.64 7.33 -1.37
N ILE C 314 25.15 8.48 -0.93
CA ILE C 314 26.53 8.55 -0.47
C ILE C 314 26.75 7.65 0.73
N VAL C 315 25.77 7.58 1.64
CA VAL C 315 26.01 6.89 2.89
C VAL C 315 26.02 5.36 2.70
N ASN C 316 25.43 4.86 1.59
CA ASN C 316 25.49 3.43 1.28
C ASN C 316 26.87 3.01 0.78
N CYS C 317 27.56 3.85 0.02
CA CYS C 317 29.01 3.75 -0.19
C CYS C 317 29.47 2.40 -0.74
N TYR C 318 29.68 1.41 0.14
CA TYR C 318 30.34 0.13 -0.16
C TYR C 318 29.48 -0.89 -0.91
N ASP C 319 28.14 -0.78 -0.87
CA ASP C 319 27.29 -1.82 -1.46
C ASP C 319 27.02 -1.52 -2.94
N GLU C 320 25.74 -1.51 -3.35
CA GLU C 320 25.33 -1.37 -4.74
C GLU C 320 24.76 0.00 -5.11
N LYS C 321 23.89 0.60 -4.28
CA LYS C 321 23.52 1.99 -4.52
C LYS C 321 24.74 2.92 -4.43
N GLY C 322 25.78 2.53 -3.67
CA GLY C 322 27.03 3.28 -3.57
C GLY C 322 27.94 3.18 -4.78
N ASN C 323 27.79 2.13 -5.60
CA ASN C 323 28.38 2.10 -6.94
C ASN C 323 27.72 3.11 -7.86
N PHE C 324 26.42 3.37 -7.66
CA PHE C 324 25.74 4.46 -8.35
C PHE C 324 26.42 5.81 -8.07
N SER C 325 26.99 6.00 -6.87
CA SER C 325 27.56 7.30 -6.52
C SER C 325 28.90 7.57 -7.21
N ARG C 326 29.85 6.64 -7.16
CA ARG C 326 31.13 6.85 -7.85
C ARG C 326 31.01 6.74 -9.37
N LYS C 327 29.90 6.21 -9.90
CA LYS C 327 29.64 6.12 -11.34
C LYS C 327 28.92 7.35 -11.90
N PHE C 328 28.00 7.93 -11.13
CA PHE C 328 27.10 9.00 -11.59
C PHE C 328 27.42 10.37 -11.00
N LEU C 329 28.25 10.47 -9.95
CA LEU C 329 28.76 11.78 -9.58
C LEU C 329 29.63 12.34 -10.70
N PRO C 330 30.57 11.60 -11.28
CA PRO C 330 31.31 12.16 -12.42
C PRO C 330 30.43 12.50 -13.63
N LYS C 331 29.30 11.80 -13.84
CA LYS C 331 28.40 12.18 -14.93
C LYS C 331 27.83 13.58 -14.71
N VAL C 332 27.57 13.94 -13.45
CA VAL C 332 27.28 15.33 -13.10
C VAL C 332 28.46 16.24 -13.46
N TYR C 333 29.68 15.87 -13.03
CA TYR C 333 30.85 16.73 -13.21
C TYR C 333 31.17 17.00 -14.68
N SER C 334 30.97 16.00 -15.55
CA SER C 334 31.22 16.19 -16.98
C SER C 334 30.05 16.92 -17.66
N THR C 335 28.81 16.53 -17.35
CA THR C 335 27.65 17.25 -17.89
C THR C 335 27.61 18.70 -17.41
N THR C 336 28.12 18.97 -16.20
CA THR C 336 28.32 20.35 -15.78
C THR C 336 29.38 21.07 -16.60
N GLN C 337 30.49 20.41 -16.92
CA GLN C 337 31.50 21.09 -17.72
C GLN C 337 31.00 21.37 -19.13
N LYS C 338 30.06 20.58 -19.65
CA LYS C 338 29.55 20.85 -21.00
C LYS C 338 28.64 22.08 -21.05
N LEU C 339 27.89 22.36 -19.98
CA LEU C 339 27.04 23.55 -20.01
C LEU C 339 27.85 24.83 -19.99
N ILE C 340 29.09 24.79 -19.51
CA ILE C 340 29.92 25.98 -19.46
C ILE C 340 30.56 26.26 -20.81
N LYS C 341 31.25 25.26 -21.38
CA LYS C 341 31.83 25.42 -22.70
C LYS C 341 30.78 25.82 -23.72
N ASN C 342 29.59 25.22 -23.64
CA ASN C 342 28.56 25.42 -24.65
C ASN C 342 27.47 26.39 -24.20
N ILE C 343 27.81 27.35 -23.33
CA ILE C 343 26.82 28.32 -22.93
C ILE C 343 26.54 29.24 -24.10
N ALA C 344 25.26 29.48 -24.36
CA ALA C 344 24.84 30.24 -25.52
C ALA C 344 24.23 31.56 -25.06
N ALA C 345 24.56 32.63 -25.78
CA ALA C 345 23.79 33.85 -25.68
C ALA C 345 22.66 33.56 -26.64
N GLY C 346 21.48 34.17 -26.46
CA GLY C 346 21.16 35.14 -25.43
C GLY C 346 19.63 35.23 -25.38
N GLY C 347 19.06 36.44 -25.42
CA GLY C 347 19.83 37.64 -25.47
C GLY C 347 19.72 38.23 -24.10
N VAL C 348 20.51 37.67 -23.20
CA VAL C 348 20.55 38.15 -21.82
C VAL C 348 21.94 38.69 -21.67
N SER C 349 22.11 39.55 -20.68
CA SER C 349 23.41 40.16 -20.37
C SER C 349 24.57 39.16 -20.34
N MET C 350 25.81 39.64 -20.57
CA MET C 350 26.97 38.81 -20.29
C MET C 350 27.04 38.47 -18.82
N ASN C 351 26.64 39.39 -17.95
CA ASN C 351 26.68 39.07 -16.53
C ASN C 351 25.57 38.09 -16.14
N GLU C 352 24.44 38.05 -16.84
CA GLU C 352 23.52 36.93 -16.63
C GLU C 352 24.20 35.62 -16.99
N LEU C 353 24.90 35.57 -18.13
CA LEU C 353 25.66 34.36 -18.44
C LEU C 353 26.86 34.15 -17.50
N ASP C 354 27.35 35.20 -16.85
CA ASP C 354 28.43 35.03 -15.87
C ASP C 354 27.94 34.27 -14.64
N SER C 355 26.80 34.68 -14.08
CA SER C 355 26.31 34.05 -12.85
C SER C 355 25.80 32.64 -13.10
N ARG C 356 25.23 32.36 -14.27
CA ARG C 356 24.94 30.97 -14.61
C ARG C 356 26.20 30.12 -14.73
N ILE C 357 27.33 30.70 -15.10
CA ILE C 357 28.60 29.99 -15.01
C ILE C 357 29.03 29.85 -13.56
N GLN C 358 28.80 30.89 -12.75
CA GLN C 358 29.19 30.83 -11.35
C GLN C 358 28.40 29.77 -10.59
N THR C 359 27.12 29.58 -10.92
CA THR C 359 26.38 28.46 -10.34
C THR C 359 26.96 27.12 -10.75
N TYR C 360 27.28 26.96 -12.03
CA TYR C 360 27.89 25.72 -12.49
C TYR C 360 29.23 25.46 -11.79
N LYS C 361 30.02 26.51 -11.53
CA LYS C 361 31.29 26.34 -10.83
C LYS C 361 31.10 25.90 -9.38
N SER C 362 29.96 26.21 -8.77
CA SER C 362 29.68 25.68 -7.44
C SER C 362 29.27 24.21 -7.53
N ILE C 363 28.46 23.85 -8.54
CA ILE C 363 28.15 22.44 -8.78
C ILE C 363 29.43 21.63 -9.02
N LEU C 364 30.43 22.22 -9.67
CA LEU C 364 31.73 21.56 -9.71
C LEU C 364 32.27 21.35 -8.31
N GLU C 365 32.15 22.38 -7.46
CA GLU C 365 32.74 22.30 -6.14
C GLU C 365 31.98 21.31 -5.27
N PHE C 366 30.68 21.15 -5.50
CA PHE C 366 29.97 20.10 -4.77
C PHE C 366 30.47 18.72 -5.19
N CYS C 367 30.68 18.50 -6.48
CA CYS C 367 31.06 17.17 -6.91
C CYS C 367 32.46 16.79 -6.43
N GLU C 368 33.45 17.69 -6.55
CA GLU C 368 34.77 17.32 -6.07
C GLU C 368 34.84 17.29 -4.54
N PHE C 369 33.81 17.79 -3.86
CA PHE C 369 33.65 17.64 -2.42
C PHE C 369 33.03 16.29 -2.06
N TYR C 370 31.84 15.98 -2.60
CA TYR C 370 31.18 14.71 -2.28
C TYR C 370 31.92 13.49 -2.81
N LYS C 371 32.93 13.65 -3.66
CA LYS C 371 33.87 12.57 -3.95
C LYS C 371 34.84 12.39 -2.79
N VAL C 372 35.29 13.48 -2.18
CA VAL C 372 36.14 13.45 -1.00
C VAL C 372 35.39 12.88 0.20
N TRP C 373 34.07 13.04 0.24
CA TRP C 373 33.29 12.51 1.35
C TRP C 373 33.06 11.03 1.20
N GLU C 374 32.56 10.58 0.04
CA GLU C 374 32.43 9.15 -0.19
C GLU C 374 33.76 8.41 -0.02
N GLN C 375 34.89 9.06 -0.27
CA GLN C 375 36.18 8.45 0.04
C GLN C 375 36.52 8.47 1.52
N THR C 376 35.90 9.33 2.30
CA THR C 376 36.17 9.31 3.73
C THR C 376 35.26 8.33 4.47
N LEU C 377 34.07 8.04 3.94
CA LEU C 377 33.33 6.88 4.43
C LEU C 377 34.12 5.60 4.15
N LEU C 378 34.46 5.38 2.88
CA LEU C 378 34.99 4.12 2.40
C LEU C 378 36.39 3.79 2.94
N LYS C 379 37.18 4.80 3.29
CA LYS C 379 38.55 4.54 3.66
C LYS C 379 38.91 5.06 5.04
N GLY C 380 38.01 5.75 5.71
CA GLY C 380 38.32 6.22 7.06
C GLY C 380 39.50 7.15 7.15
N ALA C 381 39.68 8.04 6.18
CA ALA C 381 40.69 9.09 6.26
C ALA C 381 40.40 10.15 5.20
N VAL C 382 40.94 11.34 5.44
CA VAL C 382 40.71 12.49 4.58
C VAL C 382 41.91 12.66 3.65
N VAL C 383 41.66 12.55 2.34
CA VAL C 383 42.72 12.70 1.33
C VAL C 383 42.78 14.12 0.75
N THR C 384 41.81 14.45 -0.11
CA THR C 384 41.76 15.68 -0.92
C THR C 384 43.00 15.87 -1.82
N THR C 385 43.13 17.08 -2.37
CA THR C 385 44.22 17.45 -3.29
C THR C 385 44.86 18.80 -2.91
N GLU C 386 44.03 19.74 -2.44
CA GLU C 386 44.31 21.20 -2.29
C GLU C 386 44.39 21.97 -3.62
N LEU C 390 37.43 22.00 -4.13
CA LEU C 390 36.57 21.84 -2.95
C LEU C 390 36.08 23.18 -2.36
N GLY C 391 35.62 23.10 -1.11
CA GLY C 391 35.06 24.21 -0.39
C GLY C 391 33.82 24.86 -0.95
N PRO C 392 32.86 24.03 -1.45
CA PRO C 392 31.67 24.60 -2.10
C PRO C 392 30.76 25.35 -1.15
N SER C 393 31.11 25.43 0.12
CA SER C 393 30.17 25.98 1.07
C SER C 393 30.91 26.73 2.17
N PRO C 394 30.17 27.47 3.02
CA PRO C 394 30.81 28.09 4.18
C PRO C 394 31.40 27.00 5.05
N GLY C 395 32.72 26.85 4.94
CA GLY C 395 33.46 26.02 5.84
C GLY C 395 33.39 24.52 5.63
N TYR C 396 32.85 24.03 4.51
CA TYR C 396 33.13 22.63 4.20
C TYR C 396 34.63 22.38 4.14
N VAL C 397 35.44 23.42 3.91
CA VAL C 397 36.90 23.29 3.96
C VAL C 397 37.37 23.09 5.39
N ARG C 398 36.93 23.96 6.30
CA ARG C 398 37.34 23.80 7.68
C ARG C 398 36.56 22.72 8.42
N LEU C 399 35.54 22.12 7.80
CA LEU C 399 34.95 20.87 8.32
C LEU C 399 35.81 19.65 7.98
N LEU C 400 36.02 19.39 6.68
CA LEU C 400 36.90 18.31 6.26
C LEU C 400 38.27 18.38 6.93
N GLN C 401 38.77 19.59 7.23
CA GLN C 401 40.07 19.68 7.86
C GLN C 401 40.01 19.39 9.36
N ALA C 402 38.92 19.73 10.02
CA ALA C 402 38.78 19.35 11.42
C ALA C 402 38.67 17.83 11.58
N MET C 403 37.97 17.16 10.66
CA MET C 403 37.86 15.70 10.70
C MET C 403 39.20 15.01 10.48
N LYS C 404 40.03 15.52 9.56
CA LYS C 404 41.39 14.99 9.41
C LYS C 404 42.20 15.13 10.69
N VAL C 405 41.84 16.08 11.56
CA VAL C 405 42.52 16.18 12.84
C VAL C 405 42.06 15.06 13.77
N GLN C 406 40.75 14.78 13.80
CA GLN C 406 40.24 13.72 14.67
C GLN C 406 40.61 12.33 14.16
N PHE C 407 40.46 12.06 12.86
CA PHE C 407 40.96 10.80 12.28
C PHE C 407 42.41 10.57 12.67
N GLU C 408 43.21 11.64 12.75
CA GLU C 408 44.60 11.57 13.18
C GLU C 408 44.74 11.67 14.69
N GLY C 409 43.71 11.33 15.45
CA GLY C 409 43.82 11.30 16.90
C GLY C 409 44.05 12.61 17.60
N GLY C 410 44.10 13.73 16.88
CA GLY C 410 44.42 15.04 17.46
C GLY C 410 43.38 15.66 18.39
N GLY C 411 42.29 14.96 18.70
CA GLY C 411 41.24 15.53 19.53
C GLY C 411 40.28 16.42 18.76
N ALA C 412 40.81 17.48 18.14
CA ALA C 412 40.03 18.41 17.33
C ALA C 412 38.89 19.04 18.13
N VAL C 413 39.05 19.16 19.44
CA VAL C 413 38.05 19.89 20.21
C VAL C 413 38.18 21.37 19.91
N GLU C 414 39.41 21.85 19.74
CA GLU C 414 39.64 23.22 19.35
C GLU C 414 39.06 23.50 17.97
N GLU C 415 39.37 22.62 17.00
CA GLU C 415 38.96 22.88 15.62
C GLU C 415 37.44 22.87 15.50
N TYR C 416 36.78 21.86 16.12
CA TYR C 416 35.33 21.71 16.00
C TYR C 416 34.59 22.83 16.68
N THR C 417 35.15 23.39 17.76
CA THR C 417 34.48 24.46 18.49
C THR C 417 34.40 25.72 17.66
N ARG C 418 35.52 26.09 17.03
CA ARG C 418 35.53 27.27 16.18
C ARG C 418 34.55 27.12 15.02
N LEU C 419 34.38 25.90 14.50
CA LEU C 419 33.50 25.71 13.36
C LEU C 419 32.02 25.87 13.73
N ALA C 420 31.65 25.57 14.97
CA ALA C 420 30.28 25.76 15.43
C ALA C 420 30.04 27.12 16.10
N GLN C 421 31.07 27.95 16.28
CA GLN C 421 30.88 29.29 16.80
C GLN C 421 30.64 30.31 15.68
N SER C 422 31.39 30.22 14.58
CA SER C 422 31.37 31.26 13.55
C SER C 422 30.02 31.28 12.85
N GLY C 423 29.51 32.48 12.59
CA GLY C 423 28.17 32.60 12.05
C GLY C 423 28.01 32.10 10.64
N GLY C 424 29.12 32.00 9.89
CA GLY C 424 29.03 31.73 8.46
C GLY C 424 28.69 30.30 8.11
N THR C 425 28.95 29.37 9.01
CA THR C 425 28.83 27.95 8.73
C THR C 425 27.37 27.51 8.81
N SER C 426 27.01 26.54 7.95
CA SER C 426 25.64 26.08 7.94
C SER C 426 25.21 25.55 9.29
N SER C 427 23.91 25.40 9.46
CA SER C 427 23.37 24.83 10.69
C SER C 427 23.69 23.34 10.79
N GLU C 428 23.60 22.61 9.68
CA GLU C 428 23.92 21.19 9.73
C GLU C 428 25.40 20.97 10.06
N VAL C 429 26.28 21.57 9.27
CA VAL C 429 27.71 21.51 9.56
C VAL C 429 28.01 22.02 10.96
N LYS C 430 27.13 22.85 11.52
CA LYS C 430 27.28 23.15 12.95
C LYS C 430 27.05 21.91 13.80
N MET C 431 26.13 21.04 13.37
CA MET C 431 25.86 19.87 14.21
C MET C 431 26.92 18.78 14.07
N ILE C 432 27.37 18.44 12.85
CA ILE C 432 28.45 17.47 12.73
C ILE C 432 29.63 17.90 13.57
N SER C 433 29.87 19.21 13.64
CA SER C 433 30.97 19.66 14.47
C SER C 433 30.68 19.46 15.95
N LEU C 434 29.43 19.59 16.37
CA LEU C 434 29.19 19.47 17.81
C LEU C 434 29.17 18.01 18.26
N LEU C 435 28.46 17.15 17.51
CA LEU C 435 28.43 15.74 17.88
C LEU C 435 29.82 15.15 17.90
N ASN C 436 30.61 15.36 16.85
CA ASN C 436 31.97 14.87 16.87
C ASN C 436 32.73 15.38 18.08
N CYS C 437 32.42 16.59 18.57
CA CYS C 437 33.06 17.07 19.79
C CYS C 437 32.58 16.28 21.00
N TYR C 438 31.26 16.17 21.19
CA TYR C 438 30.71 15.42 22.31
C TYR C 438 31.21 14.00 22.30
N THR C 439 31.32 13.39 21.12
CA THR C 439 31.92 12.06 21.01
C THR C 439 33.36 12.07 21.49
N VAL C 440 34.12 13.12 21.19
CA VAL C 440 35.50 13.15 21.66
C VAL C 440 35.57 13.51 23.13
N GLN C 441 34.71 14.41 23.60
CA GLN C 441 34.72 14.78 25.01
C GLN C 441 34.28 13.62 25.90
N ALA C 442 33.22 12.89 25.49
CA ALA C 442 32.74 11.77 26.30
C ALA C 442 33.79 10.65 26.35
N ALA C 443 34.41 10.34 25.20
CA ALA C 443 35.47 9.33 25.19
C ALA C 443 36.56 9.69 26.17
N ARG C 444 36.83 10.98 26.34
CA ARG C 444 37.83 11.39 27.32
C ARG C 444 37.31 11.20 28.74
N VAL C 445 36.04 11.54 28.97
CA VAL C 445 35.43 11.31 30.29
C VAL C 445 35.60 9.85 30.72
N SER C 446 35.44 8.92 29.77
CA SER C 446 35.58 7.49 30.06
C SER C 446 37.01 7.12 30.41
N ARG C 447 37.97 7.46 29.55
CA ARG C 447 39.35 7.03 29.71
C ARG C 447 40.22 8.02 30.46
N CYS C 448 39.62 8.96 31.19
CA CYS C 448 40.41 9.92 31.96
C CYS C 448 40.29 9.64 33.46
N SER C 449 41.35 10.02 34.17
CA SER C 449 41.41 10.00 35.63
C SER C 449 40.42 11.01 36.20
N GLY C 450 40.40 11.14 37.53
CA GLY C 450 39.60 12.17 38.17
C GLY C 450 40.22 13.56 38.18
N ASP C 451 41.55 13.65 38.01
CA ASP C 451 42.23 14.94 38.04
C ASP C 451 41.84 15.83 36.86
N LYS C 452 41.74 15.24 35.66
CA LYS C 452 41.38 15.94 34.43
C LYS C 452 39.86 16.03 34.21
N GLN C 453 39.07 15.34 35.05
CA GLN C 453 37.67 15.05 34.73
C GLN C 453 36.70 16.17 35.09
N GLY C 454 36.96 16.95 36.13
CA GLY C 454 36.02 18.00 36.49
C GLY C 454 35.80 18.97 35.35
N GLU C 455 36.87 19.29 34.62
CA GLU C 455 36.83 20.17 33.46
C GLU C 455 36.07 19.54 32.28
N LEU C 456 36.11 18.21 32.16
CA LEU C 456 35.56 17.53 30.99
C LEU C 456 34.08 17.20 31.12
N VAL C 457 33.62 16.81 32.32
CA VAL C 457 32.17 16.72 32.53
C VAL C 457 31.56 18.09 32.34
N GLU C 458 32.31 19.15 32.66
CA GLU C 458 31.84 20.52 32.47
C GLU C 458 31.54 20.77 30.99
N GLN C 459 32.49 20.41 30.12
CA GLN C 459 32.30 20.63 28.69
C GLN C 459 31.21 19.74 28.11
N CYS C 460 31.12 18.49 28.57
CA CYS C 460 30.18 17.55 27.96
C CYS C 460 28.73 18.00 28.10
N ASN C 461 28.40 18.73 29.16
CA ASN C 461 27.02 19.19 29.32
C ASN C 461 26.74 20.43 28.46
N LYS C 462 27.70 21.37 28.41
CA LYS C 462 27.66 22.52 27.51
C LYS C 462 27.38 22.04 26.10
N VAL C 463 28.36 21.32 25.54
CA VAL C 463 28.30 20.87 24.15
C VAL C 463 27.06 20.02 23.90
N TRP C 464 26.51 19.38 24.94
CA TRP C 464 25.31 18.59 24.70
C TRP C 464 24.08 19.46 24.54
N LEU C 465 24.01 20.58 25.27
CA LEU C 465 22.80 21.39 25.17
C LEU C 465 22.79 22.25 23.91
N GLN C 466 23.96 22.75 23.50
CA GLN C 466 24.08 23.34 22.17
C GLN C 466 23.53 22.39 21.12
N VAL C 467 23.72 21.08 21.33
CA VAL C 467 23.19 20.09 20.42
C VAL C 467 21.67 19.96 20.57
N GLU C 468 21.20 19.94 21.83
CA GLU C 468 19.75 19.94 22.11
C GLU C 468 19.11 21.14 21.42
N LYS C 469 19.80 22.28 21.45
CA LYS C 469 19.35 23.55 20.91
C LYS C 469 19.23 23.45 19.40
N LEU C 470 20.38 23.43 18.70
CA LEU C 470 20.38 23.47 17.24
C LEU C 470 19.59 22.32 16.63
N LEU C 471 19.29 21.26 17.40
CA LEU C 471 18.48 20.19 16.85
C LEU C 471 17.02 20.58 16.81
N GLN C 472 16.53 21.24 17.85
CA GLN C 472 15.10 21.45 17.88
C GLN C 472 14.67 22.65 17.06
N GLU C 473 15.62 23.47 16.62
CA GLU C 473 15.28 24.59 15.74
C GLU C 473 15.61 24.34 14.27
N THR C 474 16.14 23.17 13.91
CA THR C 474 16.31 22.83 12.52
C THR C 474 15.36 21.69 12.16
N ASP C 475 15.38 21.32 10.88
CA ASP C 475 14.59 20.18 10.42
C ASP C 475 15.31 18.86 10.66
N LEU C 476 16.50 18.88 11.29
CA LEU C 476 17.21 17.65 11.57
C LEU C 476 16.43 16.75 12.52
N GLN C 477 15.67 17.37 13.44
CA GLN C 477 14.90 16.65 14.46
C GLN C 477 13.90 15.68 13.87
N PHE C 478 13.60 15.77 12.57
CA PHE C 478 12.69 14.85 11.92
C PHE C 478 13.41 13.92 10.95
N ASN C 479 14.74 13.90 11.02
CA ASN C 479 15.60 12.99 10.27
C ASN C 479 15.98 11.84 11.20
N PRO C 480 15.53 10.61 10.93
CA PRO C 480 15.83 9.53 11.88
C PRO C 480 17.32 9.32 12.12
N ILE C 481 18.17 9.40 11.08
CA ILE C 481 19.61 9.17 11.23
C ILE C 481 20.27 10.16 12.20
N TRP C 482 19.72 11.36 12.31
CA TRP C 482 20.25 12.29 13.30
C TRP C 482 19.63 12.02 14.66
N GLU C 483 18.30 11.91 14.69
CA GLU C 483 17.57 11.64 15.92
C GLU C 483 18.02 10.30 16.53
N CYS C 484 18.36 9.33 15.68
CA CYS C 484 18.89 8.08 16.20
C CYS C 484 20.29 8.28 16.76
N THR C 485 21.16 8.94 16.01
CA THR C 485 22.53 9.20 16.48
C THR C 485 22.58 9.91 17.83
N VAL C 486 21.57 10.69 18.15
CA VAL C 486 21.58 11.34 19.46
C VAL C 486 21.30 10.32 20.55
N THR C 487 20.31 9.43 20.34
CA THR C 487 20.03 8.34 21.27
C THR C 487 21.25 7.44 21.44
N ILE C 488 21.78 6.90 20.34
CA ILE C 488 23.00 6.10 20.42
C ILE C 488 24.05 6.77 21.31
N LEU C 489 24.31 8.06 21.07
CA LEU C 489 25.39 8.72 21.82
C LEU C 489 25.00 9.05 23.24
N TRP C 490 23.75 9.42 23.49
CA TRP C 490 23.34 9.63 24.87
C TRP C 490 23.51 8.35 25.67
N LEU C 491 23.06 7.22 25.11
CA LEU C 491 23.25 5.95 25.81
C LEU C 491 24.73 5.63 26.01
N PHE C 492 25.57 5.82 24.99
CA PHE C 492 26.98 5.45 25.14
C PHE C 492 27.67 6.23 26.24
N SER C 493 27.21 7.44 26.56
CA SER C 493 27.90 8.25 27.55
C SER C 493 27.25 8.21 28.92
N HIS C 494 26.12 7.50 29.07
CA HIS C 494 25.37 7.47 30.33
C HIS C 494 25.21 6.05 30.88
N PHE C 495 25.96 5.09 30.35
CA PHE C 495 25.83 3.68 30.72
C PHE C 495 27.17 2.99 30.68
N GLU C 496 27.41 2.11 31.65
CA GLU C 496 28.41 1.06 31.56
C GLU C 496 27.71 -0.11 30.87
N PRO C 497 28.43 -0.94 30.12
CA PRO C 497 29.85 -0.90 29.75
C PRO C 497 30.06 -0.11 28.48
N PHE C 498 29.39 1.02 28.35
CA PHE C 498 29.68 1.88 27.21
C PHE C 498 30.61 3.03 27.55
N SER C 499 30.58 3.52 28.79
CA SER C 499 31.56 4.47 29.27
C SER C 499 32.10 4.03 30.62
N TRP C 500 33.41 4.21 30.83
CA TRP C 500 34.03 3.92 32.13
C TRP C 500 33.64 4.90 33.22
N ASN C 501 33.25 6.13 32.88
CA ASN C 501 32.72 7.10 33.86
C ASN C 501 31.42 7.69 33.33
N PRO C 502 30.34 6.90 33.30
CA PRO C 502 29.09 7.40 32.74
C PRO C 502 28.64 8.63 33.51
N LEU C 503 27.98 9.52 32.78
CA LEU C 503 27.46 10.76 33.32
C LEU C 503 26.12 10.51 34.04
N PRO C 504 25.87 11.25 35.12
CA PRO C 504 24.63 11.05 35.88
C PRO C 504 23.41 11.30 35.03
N CYS C 505 22.30 10.71 35.43
CA CYS C 505 21.03 11.09 34.82
C CYS C 505 19.91 10.52 35.66
N SER C 506 18.72 11.11 35.50
CA SER C 506 17.59 10.67 36.29
C SER C 506 17.06 9.37 35.70
N ASP C 507 16.17 8.72 36.46
CA ASP C 507 15.51 7.52 35.98
C ASP C 507 14.57 7.85 34.84
N LYS C 508 14.01 9.06 34.83
CA LYS C 508 13.11 9.44 33.75
C LYS C 508 13.85 9.47 32.42
N GLN C 509 15.11 9.92 32.42
CA GLN C 509 15.91 10.06 31.20
C GLN C 509 16.43 8.70 30.68
N ARG C 510 16.80 7.76 31.56
CA ARG C 510 17.16 6.43 31.10
C ARG C 510 15.98 5.73 30.43
N ALA C 511 14.78 5.84 31.01
CA ALA C 511 13.60 5.30 30.38
C ALA C 511 13.31 5.99 29.05
N GLU C 512 13.43 7.32 29.03
CA GLU C 512 13.25 8.10 27.81
C GLU C 512 14.11 7.56 26.67
N TYR C 513 15.43 7.61 26.83
CA TYR C 513 16.36 7.32 25.73
C TYR C 513 16.37 5.83 25.37
N VAL C 514 16.20 4.95 26.34
CA VAL C 514 16.05 3.54 26.00
C VAL C 514 14.76 3.34 25.21
N SER C 515 13.71 4.09 25.57
CA SER C 515 12.46 4.01 24.82
C SER C 515 12.60 4.55 23.40
N LYS C 516 13.44 5.58 23.19
CA LYS C 516 13.84 5.90 21.83
C LYS C 516 14.56 4.71 21.21
N LEU C 517 15.64 4.25 21.87
CA LEU C 517 16.45 3.16 21.35
C LEU C 517 15.63 1.92 21.03
N ARG C 518 14.58 1.65 21.82
CA ARG C 518 13.71 0.53 21.48
C ARG C 518 12.95 0.78 20.18
N GLU C 519 12.51 2.02 19.93
CA GLU C 519 11.81 2.32 18.68
C GLU C 519 12.72 2.21 17.47
N PHE C 520 13.91 2.82 17.53
CA PHE C 520 14.82 2.71 16.38
C PHE C 520 15.24 1.27 16.17
N TYR C 521 15.62 0.59 17.26
CA TYR C 521 16.09 -0.80 17.15
C TYR C 521 14.97 -1.71 16.71
N SER C 522 13.77 -1.54 17.27
CA SER C 522 12.68 -2.43 16.89
C SER C 522 12.39 -2.33 15.42
N SER C 523 12.84 -1.26 14.79
CA SER C 523 12.50 -0.91 13.43
C SER C 523 13.72 -1.02 12.49
N ASN C 524 14.92 -1.29 13.02
CA ASN C 524 16.13 -1.44 12.22
C ASN C 524 16.94 -2.70 12.49
N LYS C 525 16.56 -3.53 13.48
CA LYS C 525 17.36 -4.71 13.84
C LYS C 525 17.44 -5.69 12.68
N PHE C 526 18.62 -6.30 12.48
CA PHE C 526 18.79 -7.31 11.44
C PHE C 526 17.59 -8.27 11.41
N VAL C 527 16.81 -8.25 10.32
CA VAL C 527 15.52 -8.97 10.22
C VAL C 527 14.79 -9.11 11.55
N ASN C 535 8.08 3.66 7.56
CA ASN C 535 8.13 3.69 9.01
C ASN C 535 9.01 4.86 9.51
N ARG C 536 8.41 5.74 10.32
CA ARG C 536 9.02 6.96 10.86
C ARG C 536 10.49 6.78 11.23
N PHE C 537 10.85 5.56 11.63
CA PHE C 537 12.07 5.28 12.37
C PHE C 537 13.12 4.56 11.55
N LYS C 538 12.80 4.19 10.32
CA LYS C 538 13.72 3.40 9.52
C LYS C 538 14.89 4.28 9.08
N LEU C 539 16.05 3.63 8.90
CA LEU C 539 17.33 4.29 8.73
C LEU C 539 18.00 3.84 7.43
N LYS C 540 18.75 4.72 6.81
CA LYS C 540 19.50 4.28 5.64
C LYS C 540 20.62 3.35 6.08
N LYS C 541 20.97 2.39 5.23
CA LYS C 541 21.98 1.41 5.61
C LYS C 541 23.38 2.01 5.75
N ALA C 542 23.53 3.02 6.61
CA ALA C 542 24.84 3.53 6.98
C ALA C 542 25.57 2.50 7.83
N LEU C 543 26.85 2.22 7.50
CA LEU C 543 27.55 1.15 8.20
C LEU C 543 27.76 1.46 9.68
N LEU C 544 28.64 2.41 9.98
CA LEU C 544 28.91 2.80 11.36
C LEU C 544 27.64 3.02 12.14
N LEU C 545 26.61 3.62 11.51
CA LEU C 545 25.37 3.89 12.22
C LEU C 545 24.60 2.60 12.52
N GLN C 546 24.49 1.71 11.54
CA GLN C 546 23.70 0.51 11.80
C GLN C 546 24.39 -0.39 12.81
N ILE C 547 25.72 -0.46 12.73
CA ILE C 547 26.46 -1.28 13.67
C ILE C 547 26.18 -0.79 15.08
N LEU C 548 26.37 0.50 15.34
CA LEU C 548 26.11 1.01 16.67
C LEU C 548 24.67 0.80 17.11
N VAL C 549 23.71 0.72 16.18
CA VAL C 549 22.33 0.50 16.61
C VAL C 549 22.11 -0.93 17.05
N ASN C 550 22.79 -1.88 16.44
CA ASN C 550 22.49 -3.26 16.77
C ASN C 550 23.31 -3.78 17.93
N TYR C 551 24.54 -3.32 18.06
CA TYR C 551 25.30 -3.51 19.29
C TYR C 551 24.45 -2.99 20.45
N LEU C 552 24.35 -1.68 20.57
CA LEU C 552 23.54 -1.01 21.60
C LEU C 552 22.23 -1.73 21.88
N GLY C 553 21.44 -1.95 20.83
CA GLY C 553 20.13 -2.53 21.01
C GLY C 553 20.16 -4.02 21.33
N GLY C 554 21.00 -4.77 20.62
CA GLY C 554 21.17 -6.17 20.94
C GLY C 554 21.70 -6.35 22.34
N ARG C 555 22.53 -5.45 22.80
CA ARG C 555 23.15 -5.56 24.11
C ARG C 555 22.22 -5.18 25.25
N MET C 556 21.24 -4.32 25.00
CA MET C 556 20.34 -3.88 26.07
C MET C 556 18.94 -4.48 26.00
N LEU C 557 18.49 -4.86 24.82
CA LEU C 557 17.11 -5.17 24.56
C LEU C 557 16.89 -6.63 24.20
N GLU C 558 17.97 -7.38 23.98
CA GLU C 558 17.87 -8.81 23.72
C GLU C 558 18.03 -9.59 25.01
N HIS C 559 17.15 -10.55 25.22
CA HIS C 559 17.27 -11.40 26.39
C HIS C 559 17.50 -12.85 26.03
N ASP C 560 17.06 -13.32 24.86
CA ASP C 560 17.43 -14.67 24.46
C ASP C 560 18.90 -14.74 24.09
N LEU C 561 19.50 -15.92 24.23
CA LEU C 561 20.94 -16.09 24.11
C LEU C 561 21.37 -16.52 22.70
N GLY C 562 20.44 -16.94 21.87
CA GLY C 562 20.80 -17.36 20.53
C GLY C 562 20.77 -16.17 19.62
N GLU C 563 19.70 -15.40 19.80
CA GLU C 563 19.53 -14.08 19.22
C GLU C 563 20.84 -13.30 19.37
N ILE C 564 21.22 -13.06 20.63
CA ILE C 564 22.38 -12.27 20.99
C ILE C 564 23.65 -12.79 20.34
N TYR C 565 23.67 -14.06 19.92
CA TYR C 565 24.89 -14.57 19.29
C TYR C 565 24.94 -14.18 17.82
N ALA C 566 23.82 -14.34 17.12
CA ALA C 566 23.74 -13.97 15.72
C ALA C 566 24.12 -12.50 15.54
N ILE C 567 23.62 -11.66 16.45
CA ILE C 567 23.77 -10.23 16.35
C ILE C 567 25.25 -9.84 16.48
N SER C 568 25.93 -10.31 17.53
CA SER C 568 27.35 -9.94 17.62
C SER C 568 28.16 -10.54 16.47
N ALA C 569 27.76 -11.71 15.97
CA ALA C 569 28.43 -12.28 14.80
C ALA C 569 28.38 -11.30 13.63
N LYS C 570 27.21 -10.74 13.39
CA LYS C 570 26.98 -9.86 12.24
C LYS C 570 27.74 -8.56 12.43
N CYS C 571 27.41 -7.81 13.50
CA CYS C 571 28.08 -6.56 13.87
C CYS C 571 29.61 -6.62 13.74
N PHE C 572 30.23 -7.68 14.27
CA PHE C 572 31.68 -7.84 14.18
C PHE C 572 32.13 -7.98 12.74
N ASP C 573 31.41 -8.77 11.96
CA ASP C 573 31.81 -9.00 10.58
C ASP C 573 31.58 -7.77 9.70
N MET C 574 30.56 -6.95 10.00
CA MET C 574 30.31 -5.74 9.22
C MET C 574 31.52 -4.82 9.28
N CYS C 575 32.17 -4.71 10.43
CA CYS C 575 33.23 -3.72 10.69
C CYS C 575 34.37 -3.70 9.66
N ARG C 576 34.45 -4.72 8.79
CA ARG C 576 35.48 -4.76 7.76
C ARG C 576 35.10 -3.98 6.49
N GLN C 577 33.84 -3.50 6.38
CA GLN C 577 33.34 -2.96 5.12
C GLN C 577 33.92 -1.58 4.81
N GLN C 578 34.25 -0.80 5.85
CA GLN C 578 34.87 0.51 5.70
C GLN C 578 36.12 0.54 6.57
N GLY C 579 37.10 1.33 6.14
CA GLY C 579 38.33 1.46 6.91
C GLY C 579 38.08 2.29 8.15
N GLY C 580 39.14 2.46 8.94
CA GLY C 580 39.03 3.28 10.14
C GLY C 580 38.05 2.72 11.14
N MET C 581 37.74 1.43 11.02
CA MET C 581 36.75 0.75 11.84
C MET C 581 37.38 -0.25 12.78
N ARG C 582 38.71 -0.28 12.87
CA ARG C 582 39.39 -1.33 13.60
C ARG C 582 39.09 -1.21 15.08
N LYS C 583 39.22 -0.01 15.65
CA LYS C 583 38.95 0.10 17.09
C LYS C 583 37.49 -0.15 17.41
N VAL C 584 36.59 0.07 16.46
CA VAL C 584 35.20 -0.36 16.66
C VAL C 584 35.07 -1.86 16.48
N GLN C 585 35.75 -2.44 15.50
CA GLN C 585 35.70 -3.89 15.34
C GLN C 585 36.18 -4.61 16.61
N TYR C 586 37.22 -4.09 17.25
CA TYR C 586 37.76 -4.75 18.44
C TYR C 586 36.71 -4.79 19.55
N VAL C 587 36.17 -3.64 19.93
CA VAL C 587 35.16 -3.62 20.97
C VAL C 587 33.95 -4.45 20.57
N ILE C 588 33.69 -4.60 19.27
CA ILE C 588 32.64 -5.53 18.91
C ILE C 588 33.07 -6.96 19.15
N GLY C 589 34.34 -7.26 18.90
CA GLY C 589 34.80 -8.64 19.02
C GLY C 589 34.92 -9.14 20.45
N ILE C 590 35.34 -8.29 21.39
CA ILE C 590 35.24 -8.66 22.79
C ILE C 590 33.81 -8.97 23.15
N TRP C 591 32.86 -8.17 22.69
CA TRP C 591 31.46 -8.51 22.92
C TRP C 591 31.12 -9.84 22.24
N HIS C 592 31.49 -10.01 20.98
CA HIS C 592 31.27 -11.29 20.33
C HIS C 592 32.06 -12.41 21.00
N LEU C 593 33.23 -12.10 21.59
CA LEU C 593 34.03 -13.15 22.21
C LEU C 593 33.24 -13.80 23.33
N MET C 594 32.81 -13.00 24.32
CA MET C 594 31.88 -13.46 25.34
C MET C 594 30.75 -14.30 24.75
N ASN C 595 29.95 -13.71 23.86
CA ASN C 595 28.82 -14.47 23.32
C ASN C 595 29.26 -15.82 22.76
N CYS C 596 30.52 -15.94 22.31
CA CYS C 596 31.01 -17.22 21.84
C CYS C 596 31.18 -18.22 23.00
N THR C 597 31.95 -17.80 24.01
CA THR C 597 32.13 -18.55 25.25
C THR C 597 30.81 -18.98 25.88
N VAL C 598 29.89 -18.03 26.07
CA VAL C 598 28.59 -18.33 26.67
C VAL C 598 27.81 -19.35 25.85
N ALA C 599 27.79 -19.20 24.54
CA ALA C 599 27.05 -20.16 23.74
C ALA C 599 27.75 -21.49 23.61
N MET C 600 28.95 -21.61 24.17
CA MET C 600 29.75 -22.83 24.12
C MET C 600 30.09 -23.24 22.69
N ARG C 601 30.10 -22.28 21.75
CA ARG C 601 30.57 -22.53 20.40
C ARG C 601 32.09 -22.44 20.38
N GLY C 602 32.72 -23.61 20.53
CA GLY C 602 34.15 -23.64 20.82
C GLY C 602 34.97 -23.16 19.64
N LYS C 603 34.77 -23.81 18.49
CA LYS C 603 35.42 -23.44 17.25
C LYS C 603 35.48 -21.92 17.07
N ASP C 604 34.33 -21.25 17.22
CA ASP C 604 34.23 -19.80 17.11
C ASP C 604 35.07 -19.06 18.15
N VAL C 605 35.25 -19.58 19.36
CA VAL C 605 36.05 -18.82 20.32
C VAL C 605 37.51 -18.71 19.85
N ALA C 606 37.96 -19.65 19.02
CA ALA C 606 39.31 -19.59 18.51
C ALA C 606 39.42 -18.55 17.40
N LEU C 607 38.46 -18.59 16.45
CA LEU C 607 38.45 -17.64 15.36
C LEU C 607 38.48 -16.21 15.89
N THR C 608 37.47 -15.88 16.68
CA THR C 608 37.36 -14.54 17.27
C THR C 608 38.57 -14.15 18.14
N ASN C 609 39.19 -15.10 18.84
CA ASN C 609 40.43 -14.78 19.56
C ASN C 609 41.57 -14.50 18.60
N ALA C 610 41.62 -15.23 17.48
CA ALA C 610 42.64 -15.04 16.47
C ALA C 610 42.42 -13.75 15.70
N LYS C 611 41.19 -13.54 15.22
CA LYS C 611 40.80 -12.26 14.65
C LYS C 611 41.17 -11.10 15.58
N LEU C 612 41.03 -11.28 16.89
CA LEU C 612 41.26 -10.19 17.85
C LEU C 612 42.74 -9.93 18.11
N GLU C 613 43.59 -10.96 17.98
CA GLU C 613 45.04 -10.74 17.97
C GLU C 613 45.47 -9.99 16.71
N ALA C 614 44.83 -10.32 15.57
CA ALA C 614 45.16 -9.69 14.28
C ALA C 614 44.72 -8.23 14.24
N LEU C 615 43.67 -7.87 14.99
CA LEU C 615 43.29 -6.46 15.11
C LEU C 615 44.25 -5.68 16.01
N VAL C 616 44.69 -6.26 17.13
CA VAL C 616 45.68 -5.57 17.97
C VAL C 616 47.00 -5.43 17.21
N LYS C 617 47.27 -6.37 16.30
CA LYS C 617 48.39 -6.25 15.37
C LYS C 617 48.31 -4.94 14.57
N GLN C 618 47.14 -4.70 13.98
CA GLN C 618 46.88 -3.59 13.09
C GLN C 618 46.61 -2.28 13.82
N ILE C 619 45.80 -2.32 14.89
CA ILE C 619 45.55 -1.12 15.71
C ILE C 619 46.84 -0.61 16.33
N THR C 620 47.77 -1.49 16.62
CA THR C 620 49.05 -1.05 17.15
C THR C 620 50.18 -1.20 16.12
N SER C 621 50.09 -0.44 15.02
CA SER C 621 51.13 -0.44 13.99
C SER C 621 52.22 0.55 14.37
N TYR D 6 40.93 -11.53 28.71
CA TYR D 6 40.57 -11.23 27.34
C TYR D 6 41.85 -10.74 26.66
N PRO D 7 41.88 -10.73 25.32
CA PRO D 7 43.12 -10.35 24.59
C PRO D 7 43.50 -8.87 24.72
N GLY D 8 44.82 -8.63 24.64
CA GLY D 8 45.39 -7.29 24.68
C GLY D 8 45.13 -6.49 25.93
N LYS D 9 44.83 -7.19 27.04
CA LYS D 9 44.33 -6.60 28.28
C LYS D 9 45.06 -5.32 28.73
N ASP D 10 46.37 -5.37 28.91
CA ASP D 10 47.14 -4.24 29.45
C ASP D 10 47.87 -3.48 28.36
N LYS D 11 47.13 -2.93 27.40
CA LYS D 11 47.70 -2.04 26.39
C LYS D 11 46.71 -0.98 25.94
N ASN D 12 47.27 0.05 25.28
CA ASN D 12 46.55 1.17 24.67
C ASN D 12 45.46 0.72 23.69
N ILE D 13 44.44 0.03 24.17
CA ILE D 13 43.34 -0.39 23.29
C ILE D 13 42.04 0.00 23.99
N PRO D 14 41.00 0.43 23.28
CA PRO D 14 39.76 0.85 23.96
C PRO D 14 39.03 -0.33 24.56
N GLY D 15 38.52 -0.15 25.77
CA GLY D 15 37.76 -1.22 26.38
C GLY D 15 36.26 -1.07 26.25
N ARG D 16 35.80 0.12 25.88
CA ARG D 16 34.37 0.43 25.85
C ARG D 16 34.03 1.12 24.54
N ILE D 17 32.77 1.01 24.11
CA ILE D 17 32.47 1.45 22.75
C ILE D 17 32.67 2.95 22.61
N ILE D 18 32.41 3.72 23.68
CA ILE D 18 32.55 5.18 23.59
C ILE D 18 33.97 5.55 23.22
N GLU D 19 34.94 4.77 23.68
CA GLU D 19 36.33 5.07 23.36
C GLU D 19 36.67 4.62 21.95
N ALA D 20 35.94 3.62 21.42
CA ALA D 20 36.23 3.19 20.07
C ALA D 20 35.99 4.29 19.05
N LEU D 21 35.14 5.26 19.38
CA LEU D 21 34.72 6.34 18.48
C LEU D 21 35.48 7.65 18.66
N GLU D 22 36.48 7.71 19.55
CA GLU D 22 37.15 8.99 19.80
C GLU D 22 37.82 9.52 18.54
N ASP D 23 38.54 8.66 17.83
CA ASP D 23 39.17 9.06 16.56
C ASP D 23 38.41 8.51 15.36
N LEU D 24 37.09 8.44 15.47
CA LEU D 24 36.22 8.05 14.37
C LEU D 24 35.14 9.12 14.25
N PRO D 25 35.24 10.00 13.26
CA PRO D 25 34.19 11.01 13.07
C PRO D 25 32.96 10.43 12.39
N LEU D 26 31.81 10.86 12.89
CA LEU D 26 30.52 10.37 12.44
C LEU D 26 30.28 10.67 10.96
N SER D 27 31.10 10.04 10.11
CA SER D 27 31.07 10.32 8.68
C SER D 27 29.83 9.77 7.96
N TYR D 28 28.88 9.15 8.64
CA TYR D 28 27.63 8.80 7.98
C TYR D 28 26.65 9.95 8.05
N LEU D 29 27.04 11.03 8.72
CA LEU D 29 26.26 12.27 8.73
C LEU D 29 26.74 13.11 7.56
N VAL D 30 26.13 12.86 6.39
CA VAL D 30 26.42 13.57 5.14
C VAL D 30 25.74 14.94 5.12
N PRO D 31 26.49 16.04 5.05
CA PRO D 31 25.84 17.35 5.01
C PRO D 31 25.18 17.63 3.66
N LYS D 32 24.01 18.26 3.70
CA LYS D 32 23.31 18.70 2.50
C LYS D 32 23.36 20.22 2.36
N ASP D 33 24.14 20.89 3.22
CA ASP D 33 24.36 22.33 3.18
C ASP D 33 24.69 22.80 1.76
N GLY D 34 23.93 23.79 1.29
CA GLY D 34 24.10 24.34 -0.03
C GLY D 34 23.28 23.68 -1.13
N LEU D 35 22.73 22.49 -0.89
CA LEU D 35 21.93 21.81 -1.90
C LEU D 35 20.57 22.46 -2.08
N ALA D 36 20.02 23.06 -1.03
CA ALA D 36 18.78 23.81 -1.19
C ALA D 36 19.00 25.08 -2.01
N ALA D 37 20.02 25.87 -1.64
CA ALA D 37 20.29 27.14 -2.32
C ALA D 37 20.58 26.94 -3.80
N LEU D 38 20.87 25.72 -4.20
CA LEU D 38 21.14 25.45 -5.59
C LEU D 38 19.88 25.42 -6.43
N VAL D 39 18.73 25.14 -5.83
CA VAL D 39 17.48 25.25 -6.58
C VAL D 39 17.05 26.72 -6.73
N ASN D 40 17.03 27.45 -5.62
CA ASN D 40 16.45 28.79 -5.47
C ASN D 40 17.25 29.86 -6.16
N ALA D 41 18.40 29.51 -6.75
CA ALA D 41 19.33 30.45 -7.35
C ALA D 41 19.93 29.89 -8.65
N PRO D 42 20.30 30.77 -9.60
CA PRO D 42 19.95 32.20 -9.51
C PRO D 42 18.46 32.35 -9.82
N MET D 43 17.75 33.26 -9.19
CA MET D 43 16.34 33.40 -9.49
C MET D 43 16.08 34.86 -9.81
N ARG D 44 15.44 35.11 -10.94
CA ARG D 44 15.10 36.46 -11.34
C ARG D 44 13.58 36.56 -11.45
N VAL D 45 13.02 37.61 -10.87
CA VAL D 45 11.63 37.98 -11.06
C VAL D 45 11.63 39.42 -11.62
N SER D 46 11.02 39.60 -12.78
CA SER D 46 10.98 40.90 -13.44
C SER D 46 9.53 41.26 -13.70
N LEU D 47 9.30 42.53 -14.01
CA LEU D 47 7.95 43.03 -14.30
C LEU D 47 7.98 43.51 -15.74
N PRO D 48 7.58 42.67 -16.69
CA PRO D 48 7.70 43.04 -18.10
C PRO D 48 6.92 44.31 -18.44
N PHE D 49 7.47 45.07 -19.37
CA PHE D 49 6.84 46.22 -19.98
C PHE D 49 6.97 46.00 -21.48
N ASP D 50 5.98 45.34 -22.07
CA ASP D 50 6.02 44.94 -23.48
C ASP D 50 5.09 45.86 -24.26
N LYS D 51 5.64 47.01 -24.64
CA LYS D 51 4.93 48.07 -25.33
C LYS D 51 5.95 48.80 -26.19
N THR D 52 5.70 48.93 -27.50
CA THR D 52 6.64 49.59 -28.41
C THR D 52 6.40 51.10 -28.46
N ILE D 53 7.46 51.84 -28.83
CA ILE D 53 7.35 53.27 -29.08
C ILE D 53 8.03 53.61 -30.39
N PHE D 54 7.57 54.71 -31.01
CA PHE D 54 8.07 55.23 -32.30
C PHE D 54 7.67 54.32 -33.46
N THR D 55 6.42 53.84 -33.44
CA THR D 55 5.92 53.00 -34.52
C THR D 55 5.71 53.81 -35.78
N SER D 56 4.73 54.70 -35.77
CA SER D 56 4.67 55.71 -36.82
C SER D 56 5.91 56.57 -36.59
N ALA D 57 7.00 56.26 -37.29
CA ALA D 57 8.19 57.09 -37.23
C ALA D 57 7.90 58.51 -37.72
N ASP D 58 6.70 58.73 -38.27
CA ASP D 58 6.14 60.03 -38.60
C ASP D 58 6.35 61.03 -37.47
N ASP D 59 7.50 61.71 -37.47
CA ASP D 59 7.94 62.45 -36.30
C ASP D 59 8.88 63.55 -36.74
N GLY D 60 8.58 64.79 -36.36
CA GLY D 60 9.45 65.89 -36.69
C GLY D 60 10.51 66.24 -35.67
N ARG D 61 10.60 65.45 -34.59
CA ARG D 61 11.71 65.58 -33.65
C ARG D 61 12.98 65.04 -34.29
N ASP D 62 14.11 65.66 -33.96
CA ASP D 62 15.41 65.23 -34.46
C ASP D 62 16.43 65.59 -33.38
N VAL D 63 17.60 64.95 -33.43
CA VAL D 63 18.51 64.94 -32.30
C VAL D 63 19.90 65.38 -32.73
N ASN D 64 20.46 66.31 -31.95
CA ASN D 64 21.79 66.89 -32.16
C ASN D 64 22.76 65.87 -31.56
N ILE D 65 23.36 65.03 -32.42
CA ILE D 65 23.98 63.78 -31.95
C ILE D 65 25.42 63.95 -31.51
N ASN D 66 25.99 65.14 -31.54
CA ASN D 66 27.35 65.34 -31.07
C ASN D 66 27.32 65.70 -29.57
N VAL D 67 27.08 64.66 -28.77
CA VAL D 67 27.14 64.69 -27.30
C VAL D 67 26.85 63.29 -26.73
N ARG D 86 29.82 59.72 -15.31
CA ARG D 86 30.97 58.92 -14.91
C ARG D 86 30.56 57.48 -14.51
N LEU D 87 30.61 56.53 -15.43
CA LEU D 87 29.99 55.21 -15.26
C LEU D 87 31.05 54.11 -15.21
N VAL D 88 30.82 53.10 -14.35
CA VAL D 88 31.77 52.02 -14.06
C VAL D 88 31.11 50.68 -14.33
N PHE D 89 31.68 49.90 -15.24
CA PHE D 89 31.08 48.63 -15.62
C PHE D 89 31.56 47.49 -14.74
N LYS D 90 30.78 46.41 -14.70
CA LYS D 90 31.01 45.34 -13.74
C LYS D 90 32.13 44.43 -14.23
N ARG D 91 33.15 44.24 -13.39
CA ARG D 91 34.18 43.25 -13.63
C ARG D 91 33.58 41.86 -13.51
N PRO D 92 33.39 41.11 -14.60
CA PRO D 92 32.75 39.80 -14.48
C PRO D 92 33.71 38.79 -13.87
N SER D 93 33.13 37.77 -13.21
CA SER D 93 33.97 36.77 -12.55
C SER D 93 34.50 35.73 -13.52
N ASN D 94 33.78 35.43 -14.59
CA ASN D 94 34.22 34.45 -15.58
C ASN D 94 34.11 34.99 -16.99
N PHE D 95 35.03 34.55 -17.86
CA PHE D 95 34.84 34.70 -19.30
C PHE D 95 33.78 33.73 -19.77
N THR D 96 33.10 34.07 -20.86
CA THR D 96 32.04 33.20 -21.34
C THR D 96 32.52 32.23 -22.40
N SER D 97 33.82 32.14 -22.62
CA SER D 97 34.32 31.26 -23.66
C SER D 97 35.63 30.61 -23.25
N SER D 98 35.79 29.36 -23.71
CA SER D 98 36.91 28.48 -23.40
C SER D 98 37.96 28.52 -24.51
N ALA D 99 39.23 28.41 -24.10
CA ALA D 99 40.36 28.57 -25.02
C ALA D 99 40.58 27.33 -25.90
N TYR D 104 39.31 27.94 -30.43
CA TYR D 104 39.40 29.40 -30.51
C TYR D 104 39.45 29.79 -32.03
N VAL D 105 38.74 30.84 -32.38
CA VAL D 105 38.87 31.61 -33.63
C VAL D 105 38.51 33.05 -33.29
N PRO D 106 39.43 34.02 -33.31
CA PRO D 106 39.02 35.38 -32.94
C PRO D 106 38.01 35.89 -33.95
N THR D 107 36.87 36.39 -33.44
CA THR D 107 35.72 36.68 -34.30
C THR D 107 35.44 38.16 -34.52
N ASN D 108 36.03 39.06 -33.70
CA ASN D 108 35.74 40.50 -33.59
C ASN D 108 34.25 40.72 -33.33
N PHE D 109 33.87 41.90 -32.83
CA PHE D 109 32.50 42.04 -32.38
C PHE D 109 31.75 43.12 -33.14
N LEU D 110 32.30 43.59 -34.27
CA LEU D 110 31.60 44.51 -35.17
C LEU D 110 30.94 43.77 -36.34
N GLU D 111 31.39 42.55 -36.65
CA GLU D 111 30.67 41.66 -37.55
C GLU D 111 29.21 41.51 -37.14
N GLY D 112 28.30 41.94 -38.02
CA GLY D 112 26.88 41.94 -37.75
C GLY D 112 26.29 43.31 -37.46
N LEU D 113 27.13 44.31 -37.19
CA LEU D 113 26.64 45.68 -37.00
C LEU D 113 26.10 46.31 -38.29
N SER D 114 25.04 47.11 -38.11
CA SER D 114 24.48 47.90 -39.20
C SER D 114 25.46 48.98 -39.63
N PRO D 115 25.29 49.55 -40.83
CA PRO D 115 26.29 50.49 -41.34
C PRO D 115 26.30 51.81 -40.61
N LEU D 116 25.10 52.35 -40.34
CA LEU D 116 24.97 53.55 -39.53
C LEU D 116 25.63 53.37 -38.17
N ALA D 117 25.29 52.27 -37.48
CA ALA D 117 25.90 51.95 -36.20
C ALA D 117 27.42 51.95 -36.29
N GLN D 118 27.98 51.24 -37.29
CA GLN D 118 29.43 51.28 -37.46
C GLN D 118 29.87 52.70 -37.78
N SER D 119 29.05 53.41 -38.54
CA SER D 119 29.35 54.80 -38.84
C SER D 119 29.36 55.64 -37.56
N VAL D 120 28.27 55.58 -36.79
CA VAL D 120 28.19 56.38 -35.57
C VAL D 120 29.28 56.01 -34.57
N LEU D 121 29.71 54.74 -34.56
CA LEU D 121 30.70 54.30 -33.57
C LEU D 121 32.08 54.85 -33.88
N SER D 122 32.41 54.99 -35.16
CA SER D 122 33.66 55.66 -35.55
C SER D 122 33.63 57.13 -35.16
N THR D 123 32.47 57.77 -35.33
CA THR D 123 32.28 59.15 -34.85
C THR D 123 32.61 59.24 -33.38
N HIS D 124 31.88 58.51 -32.54
CA HIS D 124 32.03 58.57 -31.09
C HIS D 124 32.98 57.51 -30.54
N LYS D 125 34.01 57.15 -31.31
CA LYS D 125 35.12 56.36 -30.78
C LYS D 125 35.91 57.13 -29.74
N GLY D 126 35.79 58.46 -29.72
CA GLY D 126 36.56 59.25 -28.77
C GLY D 126 36.06 59.11 -27.34
N LEU D 127 34.75 58.94 -27.17
CA LEU D 127 34.09 58.76 -25.89
C LEU D 127 34.23 57.34 -25.28
N ASN D 128 34.89 56.40 -25.98
CA ASN D 128 35.05 55.00 -25.54
C ASN D 128 36.33 54.79 -24.72
N ASP D 129 36.28 55.20 -23.46
CA ASP D 129 37.35 55.01 -22.51
C ASP D 129 36.82 54.37 -21.23
N SER D 130 36.09 53.27 -21.40
CA SER D 130 35.34 52.65 -20.31
C SER D 130 36.30 52.13 -19.23
N ILE D 131 35.81 52.15 -17.99
CA ILE D 131 36.57 51.69 -16.83
C ILE D 131 35.87 50.47 -16.22
N ASN D 132 36.60 49.35 -16.08
CA ASN D 132 36.07 48.13 -15.46
C ASN D 132 36.69 47.92 -14.09
N ILE D 133 35.85 47.56 -13.12
CA ILE D 133 36.23 47.51 -11.71
C ILE D 133 35.45 46.37 -11.06
N GLU D 134 36.10 45.68 -10.12
CA GLU D 134 35.42 44.70 -9.26
C GLU D 134 34.43 45.38 -8.32
N LYS D 135 34.10 44.71 -7.21
CA LYS D 135 33.30 45.33 -6.15
C LYS D 135 34.16 46.21 -5.22
N LYS D 136 35.38 46.55 -5.67
CA LYS D 136 36.19 47.65 -5.16
C LYS D 136 35.67 49.01 -5.66
N SER D 137 34.35 49.09 -5.83
CA SER D 137 33.63 50.35 -6.05
C SER D 137 32.32 50.30 -5.23
N PHE E 3 -20.75 -8.55 21.99
CA PHE E 3 -21.00 -9.32 20.77
C PHE E 3 -21.96 -8.55 19.84
N ASP E 6 -22.58 -4.07 13.91
CA ASP E 6 -23.44 -3.44 12.91
C ASP E 6 -22.67 -2.37 12.11
N PHE F 3 16.07 7.39 -19.33
CA PHE F 3 15.88 8.80 -19.67
C PHE F 3 17.04 9.39 -20.47
N ASP F 6 20.00 12.48 -24.54
CA ASP F 6 21.27 13.15 -24.83
C ASP F 6 21.51 13.28 -26.34
#